data_2QSA
# 
_entry.id   2QSA 
# 
_audit_conform.dict_name       mmcif_pdbx.dic 
_audit_conform.dict_version    5.397 
_audit_conform.dict_location   http://mmcif.pdb.org/dictionaries/ascii/mmcif_pdbx.dic 
# 
loop_
_database_2.database_id 
_database_2.database_code 
_database_2.pdbx_database_accession 
_database_2.pdbx_DOI 
PDB   2QSA         pdb_00002qsa 10.2210/pdb2qsa/pdb 
RCSB  RCSB043991   ?            ?                   
WWPDB D_1000043991 ?            ?                   
# 
loop_
_pdbx_audit_revision_history.ordinal 
_pdbx_audit_revision_history.data_content_type 
_pdbx_audit_revision_history.major_revision 
_pdbx_audit_revision_history.minor_revision 
_pdbx_audit_revision_history.revision_date 
1 'Structure model' 1 0 2007-08-14 
2 'Structure model' 1 1 2011-07-13 
3 'Structure model' 1 2 2023-08-30 
4 'Structure model' 1 3 2024-10-09 
# 
_pdbx_audit_revision_details.ordinal             1 
_pdbx_audit_revision_details.revision_ordinal    1 
_pdbx_audit_revision_details.data_content_type   'Structure model' 
_pdbx_audit_revision_details.provider            repository 
_pdbx_audit_revision_details.type                'Initial release' 
_pdbx_audit_revision_details.description         ? 
_pdbx_audit_revision_details.details             ? 
# 
loop_
_pdbx_audit_revision_group.ordinal 
_pdbx_audit_revision_group.revision_ordinal 
_pdbx_audit_revision_group.data_content_type 
_pdbx_audit_revision_group.group 
1 2 'Structure model' Advisory                    
2 2 'Structure model' 'Version format compliance' 
3 3 'Structure model' 'Data collection'           
4 3 'Structure model' 'Database references'       
5 3 'Structure model' 'Derived calculations'      
6 3 'Structure model' 'Refinement description'    
7 4 'Structure model' 'Structure summary'         
# 
loop_
_pdbx_audit_revision_category.ordinal 
_pdbx_audit_revision_category.revision_ordinal 
_pdbx_audit_revision_category.data_content_type 
_pdbx_audit_revision_category.category 
1 3 'Structure model' chem_comp_atom                
2 3 'Structure model' chem_comp_bond                
3 3 'Structure model' database_2                    
4 3 'Structure model' pdbx_initial_refinement_model 
5 3 'Structure model' struct_ref_seq_dif            
6 3 'Structure model' struct_site                   
7 4 'Structure model' pdbx_entry_details            
8 4 'Structure model' pdbx_modification_feature     
# 
loop_
_pdbx_audit_revision_item.ordinal 
_pdbx_audit_revision_item.revision_ordinal 
_pdbx_audit_revision_item.data_content_type 
_pdbx_audit_revision_item.item 
1 3 'Structure model' '_database_2.pdbx_DOI'                
2 3 'Structure model' '_database_2.pdbx_database_accession' 
3 3 'Structure model' '_struct_ref_seq_dif.details'         
4 3 'Structure model' '_struct_site.pdbx_auth_asym_id'      
5 3 'Structure model' '_struct_site.pdbx_auth_comp_id'      
6 3 'Structure model' '_struct_site.pdbx_auth_seq_id'       
# 
_pdbx_database_status.status_code                     REL 
_pdbx_database_status.entry_id                        2QSA 
_pdbx_database_status.recvd_initial_deposition_date   2007-07-30 
_pdbx_database_status.deposit_site                    RCSB 
_pdbx_database_status.process_site                    RCSB 
_pdbx_database_status.status_code_sf                  REL 
_pdbx_database_status.status_code_mr                  ? 
_pdbx_database_status.SG_entry                        Y 
_pdbx_database_status.pdb_format_compatible           Y 
_pdbx_database_status.status_code_cs                  ? 
_pdbx_database_status.status_code_nmr_data            ? 
_pdbx_database_status.methods_development_category    ? 
# 
loop_
_pdbx_database_related.db_name 
_pdbx_database_related.db_id 
_pdbx_database_related.details 
_pdbx_database_related.content_type 
TargetDB APC90001.8 .                                                                            unspecified 
PDB      2O37       'J-domain of Sis1 protein, Hsp40 co-chaperone from Saccharomyces cerevisiae' unspecified 
PDB      2OCH       'J-domain of dnj-12 from Caenorhabditis elegans'                             unspecified 
# 
loop_
_audit_author.name 
_audit_author.pdbx_ordinal 
'Osipiuk, J.'                                   1 
'Mulligan, R.'                                  2 
'Gu, M.'                                        3 
'Voisine, C.'                                   4 
'Morimoto, R.I.'                                5 
'Joachimiak, A.'                                6 
'Midwest Center for Structural Genomics (MCSG)' 7 
# 
_citation.id                        primary 
_citation.title                     'X-ray crystal structure of J-domain of DnaJ homolog dnj-2 precursor from C.elegans.' 
_citation.journal_abbrev            'To be Published' 
_citation.journal_volume            ? 
_citation.page_first                ? 
_citation.page_last                 ? 
_citation.year                      ? 
_citation.journal_id_ASTM           ? 
_citation.country                   ? 
_citation.journal_id_ISSN           ? 
_citation.journal_id_CSD            0353 
_citation.book_publisher            ? 
_citation.pdbx_database_id_PubMed   ? 
_citation.pdbx_database_id_DOI      ? 
# 
loop_
_citation_author.citation_id 
_citation_author.name 
_citation_author.ordinal 
_citation_author.identifier_ORCID 
primary 'Osipiuk, J.'    1 ? 
primary 'Mulligan, R.'   2 ? 
primary 'Gu, M.'         3 ? 
primary 'Voisine, C.'    4 ? 
primary 'Morimoto, R.I.' 5 ? 
primary 'Joachimiak, A.' 6 ? 
# 
loop_
_entity.id 
_entity.type 
_entity.src_method 
_entity.pdbx_description 
_entity.formula_weight 
_entity.pdbx_number_of_molecules 
_entity.pdbx_ec 
_entity.pdbx_mutation 
_entity.pdbx_fragment 
_entity.details 
1 polymer     man 'DnaJ homolog dnj-2' 13115.672 1   ? ? 'N-terminal J domain: Residues 24-129' ? 
2 non-polymer syn 'CHLORIDE ION'       35.453    1   ? ? ?                                      ? 
3 water       nat water                18.015    109 ? ? ?                                      ? 
# 
_entity_name_com.entity_id   1 
_entity_name_com.name        'DnaJ domain protein 2' 
# 
_entity_poly.entity_id                      1 
_entity_poly.type                           'polypeptide(L)' 
_entity_poly.nstd_linkage                   no 
_entity_poly.nstd_monomer                   no 
_entity_poly.pdbx_seq_one_letter_code       
;SNAVGFAPELYCGLENCYDVLEVNREEFDKQKLAKAYRALARKHHPDRVKNKEEKLLAEERFRVIATAYETLKDDEAKTN
YDYYLDHPDQRFYNYYQYYRLRAAPKVDL
;
_entity_poly.pdbx_seq_one_letter_code_can   
;SNAVGFAPELYCGLENCYDVLEVNREEFDKQKLAKAYRALARKHHPDRVKNKEEKLLAEERFRVIATAYETLKDDEAKTN
YDYYLDHPDQRFYNYYQYYRLRAAPKVDL
;
_entity_poly.pdbx_strand_id                 A 
_entity_poly.pdbx_target_identifier         APC90001.8 
# 
loop_
_pdbx_entity_nonpoly.entity_id 
_pdbx_entity_nonpoly.name 
_pdbx_entity_nonpoly.comp_id 
2 'CHLORIDE ION' CL  
3 water          HOH 
# 
loop_
_entity_poly_seq.entity_id 
_entity_poly_seq.num 
_entity_poly_seq.mon_id 
_entity_poly_seq.hetero 
1 1   SER n 
1 2   ASN n 
1 3   ALA n 
1 4   VAL n 
1 5   GLY n 
1 6   PHE n 
1 7   ALA n 
1 8   PRO n 
1 9   GLU n 
1 10  LEU n 
1 11  TYR n 
1 12  CYS n 
1 13  GLY n 
1 14  LEU n 
1 15  GLU n 
1 16  ASN n 
1 17  CYS n 
1 18  TYR n 
1 19  ASP n 
1 20  VAL n 
1 21  LEU n 
1 22  GLU n 
1 23  VAL n 
1 24  ASN n 
1 25  ARG n 
1 26  GLU n 
1 27  GLU n 
1 28  PHE n 
1 29  ASP n 
1 30  LYS n 
1 31  GLN n 
1 32  LYS n 
1 33  LEU n 
1 34  ALA n 
1 35  LYS n 
1 36  ALA n 
1 37  TYR n 
1 38  ARG n 
1 39  ALA n 
1 40  LEU n 
1 41  ALA n 
1 42  ARG n 
1 43  LYS n 
1 44  HIS n 
1 45  HIS n 
1 46  PRO n 
1 47  ASP n 
1 48  ARG n 
1 49  VAL n 
1 50  LYS n 
1 51  ASN n 
1 52  LYS n 
1 53  GLU n 
1 54  GLU n 
1 55  LYS n 
1 56  LEU n 
1 57  LEU n 
1 58  ALA n 
1 59  GLU n 
1 60  GLU n 
1 61  ARG n 
1 62  PHE n 
1 63  ARG n 
1 64  VAL n 
1 65  ILE n 
1 66  ALA n 
1 67  THR n 
1 68  ALA n 
1 69  TYR n 
1 70  GLU n 
1 71  THR n 
1 72  LEU n 
1 73  LYS n 
1 74  ASP n 
1 75  ASP n 
1 76  GLU n 
1 77  ALA n 
1 78  LYS n 
1 79  THR n 
1 80  ASN n 
1 81  TYR n 
1 82  ASP n 
1 83  TYR n 
1 84  TYR n 
1 85  LEU n 
1 86  ASP n 
1 87  HIS n 
1 88  PRO n 
1 89  ASP n 
1 90  GLN n 
1 91  ARG n 
1 92  PHE n 
1 93  TYR n 
1 94  ASN n 
1 95  TYR n 
1 96  TYR n 
1 97  GLN n 
1 98  TYR n 
1 99  TYR n 
1 100 ARG n 
1 101 LEU n 
1 102 ARG n 
1 103 ALA n 
1 104 ALA n 
1 105 PRO n 
1 106 LYS n 
1 107 VAL n 
1 108 ASP n 
1 109 LEU n 
# 
_entity_src_gen.entity_id                          1 
_entity_src_gen.pdbx_src_id                        1 
_entity_src_gen.pdbx_alt_source_flag               sample 
_entity_src_gen.pdbx_seq_type                      ? 
_entity_src_gen.pdbx_beg_seq_num                   ? 
_entity_src_gen.pdbx_end_seq_num                   ? 
_entity_src_gen.gene_src_common_name               ? 
_entity_src_gen.gene_src_genus                     Caenorhabditis 
_entity_src_gen.pdbx_gene_src_gene                 'dnj-2, B0035.2' 
_entity_src_gen.gene_src_species                   ? 
_entity_src_gen.gene_src_strain                    'Bristol N2' 
_entity_src_gen.gene_src_tissue                    ? 
_entity_src_gen.gene_src_tissue_fraction           ? 
_entity_src_gen.gene_src_details                   ? 
_entity_src_gen.pdbx_gene_src_fragment             ? 
_entity_src_gen.pdbx_gene_src_scientific_name      'Caenorhabditis elegans' 
_entity_src_gen.pdbx_gene_src_ncbi_taxonomy_id     6239 
_entity_src_gen.pdbx_gene_src_variant              ? 
_entity_src_gen.pdbx_gene_src_cell_line            ? 
_entity_src_gen.pdbx_gene_src_atcc                 ? 
_entity_src_gen.pdbx_gene_src_organ                ? 
_entity_src_gen.pdbx_gene_src_organelle            ? 
_entity_src_gen.pdbx_gene_src_cell                 ? 
_entity_src_gen.pdbx_gene_src_cellular_location    ? 
_entity_src_gen.host_org_common_name               ? 
_entity_src_gen.pdbx_host_org_scientific_name      'Escherichia coli BL21(DE3)' 
_entity_src_gen.pdbx_host_org_ncbi_taxonomy_id     469008 
_entity_src_gen.host_org_genus                     Escherichia 
_entity_src_gen.pdbx_host_org_gene                 ? 
_entity_src_gen.pdbx_host_org_organ                ? 
_entity_src_gen.host_org_species                   'Escherichia coli' 
_entity_src_gen.pdbx_host_org_tissue               ? 
_entity_src_gen.pdbx_host_org_tissue_fraction      ? 
_entity_src_gen.pdbx_host_org_strain               'BL21(DE3)' 
_entity_src_gen.pdbx_host_org_variant              ? 
_entity_src_gen.pdbx_host_org_cell_line            ? 
_entity_src_gen.pdbx_host_org_atcc                 ? 
_entity_src_gen.pdbx_host_org_culture_collection   ? 
_entity_src_gen.pdbx_host_org_cell                 ? 
_entity_src_gen.pdbx_host_org_organelle            ? 
_entity_src_gen.pdbx_host_org_cellular_location    ? 
_entity_src_gen.pdbx_host_org_vector_type          Plasmid 
_entity_src_gen.pdbx_host_org_vector               ? 
_entity_src_gen.host_org_details                   ? 
_entity_src_gen.expression_system_id               ? 
_entity_src_gen.plasmid_name                       pMCSG7 
_entity_src_gen.plasmid_details                    ? 
_entity_src_gen.pdbx_description                   ? 
# 
loop_
_chem_comp.id 
_chem_comp.type 
_chem_comp.mon_nstd_flag 
_chem_comp.name 
_chem_comp.pdbx_synonyms 
_chem_comp.formula 
_chem_comp.formula_weight 
ALA 'L-peptide linking' y ALANINE         ? 'C3 H7 N O2'     89.093  
ARG 'L-peptide linking' y ARGININE        ? 'C6 H15 N4 O2 1' 175.209 
ASN 'L-peptide linking' y ASPARAGINE      ? 'C4 H8 N2 O3'    132.118 
ASP 'L-peptide linking' y 'ASPARTIC ACID' ? 'C4 H7 N O4'     133.103 
CL  non-polymer         . 'CHLORIDE ION'  ? 'Cl -1'          35.453  
CYS 'L-peptide linking' y CYSTEINE        ? 'C3 H7 N O2 S'   121.158 
GLN 'L-peptide linking' y GLUTAMINE       ? 'C5 H10 N2 O3'   146.144 
GLU 'L-peptide linking' y 'GLUTAMIC ACID' ? 'C5 H9 N O4'     147.129 
GLY 'peptide linking'   y GLYCINE         ? 'C2 H5 N O2'     75.067  
HIS 'L-peptide linking' y HISTIDINE       ? 'C6 H10 N3 O2 1' 156.162 
HOH non-polymer         . WATER           ? 'H2 O'           18.015  
ILE 'L-peptide linking' y ISOLEUCINE      ? 'C6 H13 N O2'    131.173 
LEU 'L-peptide linking' y LEUCINE         ? 'C6 H13 N O2'    131.173 
LYS 'L-peptide linking' y LYSINE          ? 'C6 H15 N2 O2 1' 147.195 
PHE 'L-peptide linking' y PHENYLALANINE   ? 'C9 H11 N O2'    165.189 
PRO 'L-peptide linking' y PROLINE         ? 'C5 H9 N O2'     115.130 
SER 'L-peptide linking' y SERINE          ? 'C3 H7 N O3'     105.093 
THR 'L-peptide linking' y THREONINE       ? 'C4 H9 N O3'     119.119 
TYR 'L-peptide linking' y TYROSINE        ? 'C9 H11 N O3'    181.189 
VAL 'L-peptide linking' y VALINE          ? 'C5 H11 N O2'    117.146 
# 
loop_
_pdbx_poly_seq_scheme.asym_id 
_pdbx_poly_seq_scheme.entity_id 
_pdbx_poly_seq_scheme.seq_id 
_pdbx_poly_seq_scheme.mon_id 
_pdbx_poly_seq_scheme.ndb_seq_num 
_pdbx_poly_seq_scheme.pdb_seq_num 
_pdbx_poly_seq_scheme.auth_seq_num 
_pdbx_poly_seq_scheme.pdb_mon_id 
_pdbx_poly_seq_scheme.auth_mon_id 
_pdbx_poly_seq_scheme.pdb_strand_id 
_pdbx_poly_seq_scheme.pdb_ins_code 
_pdbx_poly_seq_scheme.hetero 
A 1 1   SER 1   21  ?   ?   ?   A . n 
A 1 2   ASN 2   22  22  ASN ASN A . n 
A 1 3   ALA 3   23  23  ALA ALA A . n 
A 1 4   VAL 4   24  24  VAL VAL A . n 
A 1 5   GLY 5   25  25  GLY GLY A . n 
A 1 6   PHE 6   26  26  PHE PHE A . n 
A 1 7   ALA 7   27  27  ALA ALA A . n 
A 1 8   PRO 8   28  28  PRO PRO A . n 
A 1 9   GLU 9   29  29  GLU GLU A . n 
A 1 10  LEU 10  30  30  LEU LEU A . n 
A 1 11  TYR 11  31  31  TYR TYR A . n 
A 1 12  CYS 12  32  32  CYS CYS A . n 
A 1 13  GLY 13  33  33  GLY GLY A . n 
A 1 14  LEU 14  34  34  LEU LEU A . n 
A 1 15  GLU 15  35  35  GLU GLU A . n 
A 1 16  ASN 16  36  36  ASN ASN A . n 
A 1 17  CYS 17  37  37  CYS CYS A . n 
A 1 18  TYR 18  38  38  TYR TYR A . n 
A 1 19  ASP 19  39  39  ASP ASP A . n 
A 1 20  VAL 20  40  40  VAL VAL A . n 
A 1 21  LEU 21  41  41  LEU LEU A . n 
A 1 22  GLU 22  42  42  GLU GLU A . n 
A 1 23  VAL 23  43  43  VAL VAL A . n 
A 1 24  ASN 24  44  44  ASN ASN A . n 
A 1 25  ARG 25  45  45  ARG ARG A . n 
A 1 26  GLU 26  46  46  GLU GLU A . n 
A 1 27  GLU 27  47  47  GLU GLU A . n 
A 1 28  PHE 28  48  48  PHE PHE A . n 
A 1 29  ASP 29  49  49  ASP ASP A . n 
A 1 30  LYS 30  50  50  LYS LYS A . n 
A 1 31  GLN 31  51  51  GLN GLN A . n 
A 1 32  LYS 32  52  52  LYS LYS A . n 
A 1 33  LEU 33  53  53  LEU LEU A . n 
A 1 34  ALA 34  54  54  ALA ALA A . n 
A 1 35  LYS 35  55  55  LYS LYS A . n 
A 1 36  ALA 36  56  56  ALA ALA A . n 
A 1 37  TYR 37  57  57  TYR TYR A . n 
A 1 38  ARG 38  58  58  ARG ARG A . n 
A 1 39  ALA 39  59  59  ALA ALA A . n 
A 1 40  LEU 40  60  60  LEU LEU A . n 
A 1 41  ALA 41  61  61  ALA ALA A . n 
A 1 42  ARG 42  62  62  ARG ARG A . n 
A 1 43  LYS 43  63  63  LYS LYS A . n 
A 1 44  HIS 44  64  64  HIS HIS A . n 
A 1 45  HIS 45  65  65  HIS HIS A . n 
A 1 46  PRO 46  66  66  PRO PRO A . n 
A 1 47  ASP 47  67  67  ASP ASP A . n 
A 1 48  ARG 48  68  68  ARG ARG A . n 
A 1 49  VAL 49  69  69  VAL VAL A . n 
A 1 50  LYS 50  70  70  LYS LYS A . n 
A 1 51  ASN 51  71  71  ASN ASN A . n 
A 1 52  LYS 52  72  72  LYS LYS A . n 
A 1 53  GLU 53  73  73  GLU GLU A . n 
A 1 54  GLU 54  74  74  GLU GLU A . n 
A 1 55  LYS 55  75  75  LYS LYS A . n 
A 1 56  LEU 56  76  76  LEU LEU A . n 
A 1 57  LEU 57  77  77  LEU LEU A . n 
A 1 58  ALA 58  78  78  ALA ALA A . n 
A 1 59  GLU 59  79  79  GLU GLU A . n 
A 1 60  GLU 60  80  80  GLU GLU A . n 
A 1 61  ARG 61  81  81  ARG ARG A . n 
A 1 62  PHE 62  82  82  PHE PHE A . n 
A 1 63  ARG 63  83  83  ARG ARG A . n 
A 1 64  VAL 64  84  84  VAL VAL A . n 
A 1 65  ILE 65  85  85  ILE ILE A . n 
A 1 66  ALA 66  86  86  ALA ALA A . n 
A 1 67  THR 67  87  87  THR THR A . n 
A 1 68  ALA 68  88  88  ALA ALA A . n 
A 1 69  TYR 69  89  89  TYR TYR A . n 
A 1 70  GLU 70  90  90  GLU GLU A . n 
A 1 71  THR 71  91  91  THR THR A . n 
A 1 72  LEU 72  92  92  LEU LEU A . n 
A 1 73  LYS 73  93  93  LYS LYS A . n 
A 1 74  ASP 74  94  94  ASP ASP A . n 
A 1 75  ASP 75  95  95  ASP ASP A . n 
A 1 76  GLU 76  96  96  GLU GLU A . n 
A 1 77  ALA 77  97  97  ALA ALA A . n 
A 1 78  LYS 78  98  98  LYS LYS A . n 
A 1 79  THR 79  99  99  THR THR A . n 
A 1 80  ASN 80  100 100 ASN ASN A . n 
A 1 81  TYR 81  101 101 TYR TYR A . n 
A 1 82  ASP 82  102 102 ASP ASP A . n 
A 1 83  TYR 83  103 103 TYR TYR A . n 
A 1 84  TYR 84  104 104 TYR TYR A . n 
A 1 85  LEU 85  105 105 LEU LEU A . n 
A 1 86  ASP 86  106 106 ASP ASP A . n 
A 1 87  HIS 87  107 107 HIS HIS A . n 
A 1 88  PRO 88  108 108 PRO PRO A . n 
A 1 89  ASP 89  109 109 ASP ASP A . n 
A 1 90  GLN 90  110 110 GLN GLN A . n 
A 1 91  ARG 91  111 111 ARG ARG A . n 
A 1 92  PHE 92  112 112 PHE PHE A . n 
A 1 93  TYR 93  113 113 TYR TYR A . n 
A 1 94  ASN 94  114 114 ASN ASN A . n 
A 1 95  TYR 95  115 115 TYR TYR A . n 
A 1 96  TYR 96  116 116 TYR TYR A . n 
A 1 97  GLN 97  117 117 GLN GLN A . n 
A 1 98  TYR 98  118 118 TYR TYR A . n 
A 1 99  TYR 99  119 119 TYR TYR A . n 
A 1 100 ARG 100 120 120 ARG ARG A . n 
A 1 101 LEU 101 121 121 LEU LEU A . n 
A 1 102 ARG 102 122 122 ARG ARG A . n 
A 1 103 ALA 103 123 ?   ?   ?   A . n 
A 1 104 ALA 104 124 ?   ?   ?   A . n 
A 1 105 PRO 105 125 ?   ?   ?   A . n 
A 1 106 LYS 106 126 ?   ?   ?   A . n 
A 1 107 VAL 107 127 ?   ?   ?   A . n 
A 1 108 ASP 108 128 ?   ?   ?   A . n 
A 1 109 LEU 109 129 ?   ?   ?   A . n 
# 
loop_
_pdbx_nonpoly_scheme.asym_id 
_pdbx_nonpoly_scheme.entity_id 
_pdbx_nonpoly_scheme.mon_id 
_pdbx_nonpoly_scheme.ndb_seq_num 
_pdbx_nonpoly_scheme.pdb_seq_num 
_pdbx_nonpoly_scheme.auth_seq_num 
_pdbx_nonpoly_scheme.pdb_mon_id 
_pdbx_nonpoly_scheme.auth_mon_id 
_pdbx_nonpoly_scheme.pdb_strand_id 
_pdbx_nonpoly_scheme.pdb_ins_code 
B 2 CL  1   301 301 CL  CL  A . 
C 3 HOH 1   302 1   HOH HOH A . 
C 3 HOH 2   303 2   HOH HOH A . 
C 3 HOH 3   304 3   HOH HOH A . 
C 3 HOH 4   305 4   HOH HOH A . 
C 3 HOH 5   306 5   HOH HOH A . 
C 3 HOH 6   307 6   HOH HOH A . 
C 3 HOH 7   308 7   HOH HOH A . 
C 3 HOH 8   309 8   HOH HOH A . 
C 3 HOH 9   310 9   HOH HOH A . 
C 3 HOH 10  311 10  HOH HOH A . 
C 3 HOH 11  312 11  HOH HOH A . 
C 3 HOH 12  313 12  HOH HOH A . 
C 3 HOH 13  314 13  HOH HOH A . 
C 3 HOH 14  315 14  HOH HOH A . 
C 3 HOH 15  316 15  HOH HOH A . 
C 3 HOH 16  317 16  HOH HOH A . 
C 3 HOH 17  318 17  HOH HOH A . 
C 3 HOH 18  319 18  HOH HOH A . 
C 3 HOH 19  320 19  HOH HOH A . 
C 3 HOH 20  321 20  HOH HOH A . 
C 3 HOH 21  322 21  HOH HOH A . 
C 3 HOH 22  323 22  HOH HOH A . 
C 3 HOH 23  324 23  HOH HOH A . 
C 3 HOH 24  325 24  HOH HOH A . 
C 3 HOH 25  326 25  HOH HOH A . 
C 3 HOH 26  327 26  HOH HOH A . 
C 3 HOH 27  328 27  HOH HOH A . 
C 3 HOH 28  329 28  HOH HOH A . 
C 3 HOH 29  330 29  HOH HOH A . 
C 3 HOH 30  331 30  HOH HOH A . 
C 3 HOH 31  332 31  HOH HOH A . 
C 3 HOH 32  333 32  HOH HOH A . 
C 3 HOH 33  334 33  HOH HOH A . 
C 3 HOH 34  335 34  HOH HOH A . 
C 3 HOH 35  336 35  HOH HOH A . 
C 3 HOH 36  337 36  HOH HOH A . 
C 3 HOH 37  338 37  HOH HOH A . 
C 3 HOH 38  339 38  HOH HOH A . 
C 3 HOH 39  340 39  HOH HOH A . 
C 3 HOH 40  341 40  HOH HOH A . 
C 3 HOH 41  342 41  HOH HOH A . 
C 3 HOH 42  343 42  HOH HOH A . 
C 3 HOH 43  344 43  HOH HOH A . 
C 3 HOH 44  345 44  HOH HOH A . 
C 3 HOH 45  346 45  HOH HOH A . 
C 3 HOH 46  347 46  HOH HOH A . 
C 3 HOH 47  348 47  HOH HOH A . 
C 3 HOH 48  349 48  HOH HOH A . 
C 3 HOH 49  350 49  HOH HOH A . 
C 3 HOH 50  351 50  HOH HOH A . 
C 3 HOH 51  352 51  HOH HOH A . 
C 3 HOH 52  353 52  HOH HOH A . 
C 3 HOH 53  354 53  HOH HOH A . 
C 3 HOH 54  355 54  HOH HOH A . 
C 3 HOH 55  356 55  HOH HOH A . 
C 3 HOH 56  357 56  HOH HOH A . 
C 3 HOH 57  358 57  HOH HOH A . 
C 3 HOH 58  359 58  HOH HOH A . 
C 3 HOH 59  360 59  HOH HOH A . 
C 3 HOH 60  361 60  HOH HOH A . 
C 3 HOH 61  362 61  HOH HOH A . 
C 3 HOH 62  363 62  HOH HOH A . 
C 3 HOH 63  364 63  HOH HOH A . 
C 3 HOH 64  365 64  HOH HOH A . 
C 3 HOH 65  366 65  HOH HOH A . 
C 3 HOH 66  367 66  HOH HOH A . 
C 3 HOH 67  368 67  HOH HOH A . 
C 3 HOH 68  369 68  HOH HOH A . 
C 3 HOH 69  370 69  HOH HOH A . 
C 3 HOH 70  371 70  HOH HOH A . 
C 3 HOH 71  372 71  HOH HOH A . 
C 3 HOH 72  373 72  HOH HOH A . 
C 3 HOH 73  374 73  HOH HOH A . 
C 3 HOH 74  375 74  HOH HOH A . 
C 3 HOH 75  376 75  HOH HOH A . 
C 3 HOH 76  377 76  HOH HOH A . 
C 3 HOH 77  378 77  HOH HOH A . 
C 3 HOH 78  379 78  HOH HOH A . 
C 3 HOH 79  380 79  HOH HOH A . 
C 3 HOH 80  381 80  HOH HOH A . 
C 3 HOH 81  382 81  HOH HOH A . 
C 3 HOH 82  383 82  HOH HOH A . 
C 3 HOH 83  384 83  HOH HOH A . 
C 3 HOH 84  385 84  HOH HOH A . 
C 3 HOH 85  386 85  HOH HOH A . 
C 3 HOH 86  387 86  HOH HOH A . 
C 3 HOH 87  388 87  HOH HOH A . 
C 3 HOH 88  389 88  HOH HOH A . 
C 3 HOH 89  390 89  HOH HOH A . 
C 3 HOH 90  391 90  HOH HOH A . 
C 3 HOH 91  392 91  HOH HOH A . 
C 3 HOH 92  393 92  HOH HOH A . 
C 3 HOH 93  394 93  HOH HOH A . 
C 3 HOH 94  395 94  HOH HOH A . 
C 3 HOH 95  396 95  HOH HOH A . 
C 3 HOH 96  397 96  HOH HOH A . 
C 3 HOH 97  398 97  HOH HOH A . 
C 3 HOH 98  399 98  HOH HOH A . 
C 3 HOH 99  400 99  HOH HOH A . 
C 3 HOH 100 401 100 HOH HOH A . 
C 3 HOH 101 402 101 HOH HOH A . 
C 3 HOH 102 403 102 HOH HOH A . 
C 3 HOH 103 404 103 HOH HOH A . 
C 3 HOH 104 405 104 HOH HOH A . 
C 3 HOH 105 406 105 HOH HOH A . 
C 3 HOH 106 407 106 HOH HOH A . 
C 3 HOH 107 408 107 HOH HOH A . 
C 3 HOH 108 409 108 HOH HOH A . 
C 3 HOH 109 410 109 HOH HOH A . 
# 
loop_
_software.name 
_software.classification 
_software.version 
_software.citation_id 
_software.pdbx_ordinal 
REFMAC      refinement        5.2.0019 ? 1 
SBC-Collect 'data collection' .        ? 2 
HKL-2000    'data reduction'  .        ? 3 
HKL-3000    'data scaling'    .        ? 4 
PHASER      phasing           .        ? 5 
# 
_cell.entry_id           2QSA 
_cell.length_a           81.148 
_cell.length_b           81.148 
_cell.length_c           60.016 
_cell.angle_alpha        90.00 
_cell.angle_beta         90.00 
_cell.angle_gamma        120.00 
_cell.Z_PDB              9 
_cell.pdbx_unique_axis   ? 
_cell.length_a_esd       ? 
_cell.length_b_esd       ? 
_cell.length_c_esd       ? 
_cell.angle_alpha_esd    ? 
_cell.angle_beta_esd     ? 
_cell.angle_gamma_esd    ? 
# 
_symmetry.entry_id                         2QSA 
_symmetry.space_group_name_H-M             'H 3' 
_symmetry.pdbx_full_space_group_name_H-M   ? 
_symmetry.cell_setting                     ? 
_symmetry.Int_Tables_number                146 
_symmetry.space_group_name_Hall            ? 
# 
_exptl.entry_id          2QSA 
_exptl.method            'X-RAY DIFFRACTION' 
_exptl.crystals_number   1 
# 
_exptl_crystal.id                    1 
_exptl_crystal.density_meas          ? 
_exptl_crystal.density_Matthews      2.90 
_exptl_crystal.density_percent_sol   57.58 
_exptl_crystal.description           ? 
_exptl_crystal.F_000                 ? 
_exptl_crystal.preparation           ? 
# 
_exptl_crystal_grow.crystal_id      1 
_exptl_crystal_grow.method          'VAPOR DIFFUSION, SITTING DROP' 
_exptl_crystal_grow.temp            287 
_exptl_crystal_grow.temp_details    ? 
_exptl_crystal_grow.pH              7.0 
_exptl_crystal_grow.pdbx_details    
'2.5 M NaCl, 0.1 M Tris buffer pH 7.0, 0.2 M MgCl2, VAPOR DIFFUSION, SITTING DROP, temperature 287K' 
_exptl_crystal_grow.pdbx_pH_range   . 
# 
_diffrn.id                     1 
_diffrn.ambient_temp           100 
_diffrn.ambient_temp_details   ? 
_diffrn.crystal_id             1 
# 
_diffrn_detector.diffrn_id              1 
_diffrn_detector.detector               CCD 
_diffrn_detector.type                   'ADSC QUANTUM 315' 
_diffrn_detector.pdbx_collection_date   2007-02-05 
_diffrn_detector.details                ? 
# 
_diffrn_radiation.diffrn_id                        1 
_diffrn_radiation.wavelength_id                    1 
_diffrn_radiation.pdbx_monochromatic_or_laue_m_l   M 
_diffrn_radiation.monochromator                    'double crystal' 
_diffrn_radiation.pdbx_diffrn_protocol             'SINGLE WAVELENGTH' 
_diffrn_radiation.pdbx_scattering_type             x-ray 
# 
_diffrn_radiation_wavelength.id           1 
_diffrn_radiation_wavelength.wavelength   0.97920 
_diffrn_radiation_wavelength.wt           1.0 
# 
_diffrn_source.diffrn_id                   1 
_diffrn_source.source                      SYNCHROTRON 
_diffrn_source.type                        'APS BEAMLINE 19-ID' 
_diffrn_source.pdbx_synchrotron_site       APS 
_diffrn_source.pdbx_synchrotron_beamline   19-ID 
_diffrn_source.pdbx_wavelength             ? 
_diffrn_source.pdbx_wavelength_list        0.97920 
# 
_reflns.entry_id                     2QSA 
_reflns.observed_criterion_sigma_F   0 
_reflns.observed_criterion_sigma_I   0 
_reflns.d_resolution_high            1.68 
_reflns.d_resolution_low             27.70 
_reflns.number_all                   16389 
_reflns.number_obs                   16389 
_reflns.percent_possible_obs         97.5 
_reflns.pdbx_Rmerge_I_obs            0.045 
_reflns.pdbx_Rsym_value              ? 
_reflns.pdbx_netI_over_sigmaI        33.7 
_reflns.B_iso_Wilson_estimate        32.9 
_reflns.pdbx_redundancy              5.3 
_reflns.R_free_details               ? 
_reflns.limit_h_max                  ? 
_reflns.limit_h_min                  ? 
_reflns.limit_k_max                  ? 
_reflns.limit_k_min                  ? 
_reflns.limit_l_max                  ? 
_reflns.limit_l_min                  ? 
_reflns.observed_criterion_F_max     ? 
_reflns.observed_criterion_F_min     ? 
_reflns.pdbx_chi_squared             ? 
_reflns.pdbx_scaling_rejects         ? 
_reflns.pdbx_ordinal                 1 
_reflns.pdbx_diffrn_id               1 
# 
_reflns_shell.d_res_high             1.68 
_reflns_shell.d_res_low              1.72 
_reflns_shell.percent_possible_all   74.8 
_reflns_shell.Rmerge_I_obs           0.479 
_reflns_shell.pdbx_Rsym_value        ? 
_reflns_shell.meanI_over_sigI_obs    1.94 
_reflns_shell.pdbx_redundancy        2.9 
_reflns_shell.percent_possible_obs   ? 
_reflns_shell.number_unique_all      848 
_reflns_shell.number_measured_all    ? 
_reflns_shell.number_measured_obs    ? 
_reflns_shell.number_unique_obs      ? 
_reflns_shell.pdbx_chi_squared       ? 
_reflns_shell.pdbx_ordinal           1 
_reflns_shell.pdbx_diffrn_id         1 
# 
_refine.entry_id                                 2QSA 
_refine.ls_number_reflns_obs                     15558 
_refine.ls_number_reflns_all                     15558 
_refine.pdbx_ls_sigma_I                          0 
_refine.pdbx_ls_sigma_F                          0 
_refine.pdbx_data_cutoff_high_absF               ? 
_refine.pdbx_data_cutoff_low_absF                ? 
_refine.pdbx_data_cutoff_high_rms_absF           ? 
_refine.ls_d_res_low                             27.70 
_refine.ls_d_res_high                            1.68 
_refine.ls_percent_reflns_obs                    97.55 
_refine.ls_R_factor_obs                          0.1639 
_refine.ls_R_factor_all                          0.1639 
_refine.ls_R_factor_R_work                       0.1631 
_refine.ls_R_factor_R_free                       0.1803 
_refine.ls_R_factor_R_free_error                 ? 
_refine.ls_R_factor_R_free_error_details         ? 
_refine.ls_percent_reflns_R_free                 5.1 
_refine.ls_number_reflns_R_free                  829 
_refine.ls_number_parameters                     ? 
_refine.ls_number_restraints                     ? 
_refine.occupancy_min                            ? 
_refine.occupancy_max                            ? 
_refine.correlation_coeff_Fo_to_Fc               0.970 
_refine.correlation_coeff_Fo_to_Fc_free          0.964 
_refine.B_iso_mean                               23.524 
_refine.aniso_B[1][1]                            0.38 
_refine.aniso_B[2][2]                            0.38 
_refine.aniso_B[3][3]                            -0.57 
_refine.aniso_B[1][2]                            0.19 
_refine.aniso_B[1][3]                            0.00 
_refine.aniso_B[2][3]                            0.00 
_refine.solvent_model_details                    MASK 
_refine.solvent_model_param_ksol                 ? 
_refine.solvent_model_param_bsol                 ? 
_refine.pdbx_solvent_vdw_probe_radii             1.20 
_refine.pdbx_solvent_ion_probe_radii             0.80 
_refine.pdbx_solvent_shrinkage_radii             0.80 
_refine.pdbx_ls_cross_valid_method               THROUGHOUT 
_refine.details                                  'HYDROGENS HAVE BEEN ADDED IN THE RIDING POSITIONS' 
_refine.pdbx_starting_model                      'PDB entry 2O37' 
_refine.pdbx_method_to_determine_struct          'MOLECULAR REPLACEMENT' 
_refine.pdbx_isotropic_thermal_model             ? 
_refine.pdbx_stereochemistry_target_values       'MAXIMUM LIKELIHOOD' 
_refine.pdbx_stereochem_target_val_spec_case     ? 
_refine.pdbx_R_Free_selection_details            RANDOM 
_refine.pdbx_overall_ESU_R                       0.089 
_refine.pdbx_overall_ESU_R_Free                  0.083 
_refine.overall_SU_ML                            0.056 
_refine.overall_SU_B                             3.196 
_refine.ls_redundancy_reflns_obs                 ? 
_refine.B_iso_min                                ? 
_refine.B_iso_max                                ? 
_refine.overall_SU_R_Cruickshank_DPI             ? 
_refine.overall_SU_R_free                        ? 
_refine.ls_wR_factor_R_free                      ? 
_refine.ls_wR_factor_R_work                      ? 
_refine.overall_FOM_free_R_set                   ? 
_refine.overall_FOM_work_R_set                   ? 
_refine.pdbx_refine_id                           'X-RAY DIFFRACTION' 
_refine.pdbx_TLS_residual_ADP_flag               'LIKELY RESIDUAL' 
_refine.pdbx_diffrn_id                           1 
_refine.pdbx_overall_phase_error                 ? 
_refine.pdbx_overall_SU_R_free_Cruickshank_DPI   ? 
_refine.pdbx_overall_SU_R_Blow_DPI               ? 
_refine.pdbx_overall_SU_R_free_Blow_DPI          ? 
# 
_refine_hist.pdbx_refine_id                   'X-RAY DIFFRACTION' 
_refine_hist.cycle_id                         LAST 
_refine_hist.pdbx_number_atoms_protein        871 
_refine_hist.pdbx_number_atoms_nucleic_acid   0 
_refine_hist.pdbx_number_atoms_ligand         1 
_refine_hist.number_atoms_solvent             109 
_refine_hist.number_atoms_total               981 
_refine_hist.d_res_high                       1.68 
_refine_hist.d_res_low                        27.70 
# 
loop_
_refine_ls_restr.type 
_refine_ls_restr.dev_ideal 
_refine_ls_restr.dev_ideal_target 
_refine_ls_restr.weight 
_refine_ls_restr.number 
_refine_ls_restr.pdbx_refine_id 
_refine_ls_restr.pdbx_restraint_function 
r_bond_refined_d             0.017  0.022  ? 1037 'X-RAY DIFFRACTION' ? 
r_bond_other_d               ?      ?      ? ?    'X-RAY DIFFRACTION' ? 
r_angle_refined_deg          1.462  1.968  ? 1429 'X-RAY DIFFRACTION' ? 
r_angle_other_deg            ?      ?      ? ?    'X-RAY DIFFRACTION' ? 
r_dihedral_angle_1_deg       5.043  5.000  ? 133  'X-RAY DIFFRACTION' ? 
r_dihedral_angle_2_deg       33.920 24.225 ? 71   'X-RAY DIFFRACTION' ? 
r_dihedral_angle_3_deg       14.010 15.000 ? 199  'X-RAY DIFFRACTION' ? 
r_dihedral_angle_4_deg       17.767 15.000 ? 11   'X-RAY DIFFRACTION' ? 
r_chiral_restr               0.122  0.200  ? 143  'X-RAY DIFFRACTION' ? 
r_gen_planes_refined         0.008  0.020  ? 857  'X-RAY DIFFRACTION' ? 
r_gen_planes_other           ?      ?      ? ?    'X-RAY DIFFRACTION' ? 
r_nbd_refined                0.247  0.200  ? 490  'X-RAY DIFFRACTION' ? 
r_nbd_other                  ?      ?      ? ?    'X-RAY DIFFRACTION' ? 
r_nbtor_refined              0.311  0.200  ? 711  'X-RAY DIFFRACTION' ? 
r_nbtor_other                ?      ?      ? ?    'X-RAY DIFFRACTION' ? 
r_xyhbond_nbd_refined        0.166  0.200  ? 76   'X-RAY DIFFRACTION' ? 
r_xyhbond_nbd_other          ?      ?      ? ?    'X-RAY DIFFRACTION' ? 
r_metal_ion_refined          ?      ?      ? ?    'X-RAY DIFFRACTION' ? 
r_metal_ion_other            ?      ?      ? ?    'X-RAY DIFFRACTION' ? 
r_symmetry_vdw_refined       0.147  0.200  ? 31   'X-RAY DIFFRACTION' ? 
r_symmetry_vdw_other         ?      ?      ? ?    'X-RAY DIFFRACTION' ? 
r_symmetry_hbond_refined     0.266  0.200  ? 11   'X-RAY DIFFRACTION' ? 
r_symmetry_hbond_other       ?      ?      ? ?    'X-RAY DIFFRACTION' ? 
r_symmetry_metal_ion_refined ?      ?      ? ?    'X-RAY DIFFRACTION' ? 
r_symmetry_metal_ion_other   ?      ?      ? ?    'X-RAY DIFFRACTION' ? 
r_mcbond_it                  1.067  1.500  ? 589  'X-RAY DIFFRACTION' ? 
r_mcbond_other               ?      ?      ? ?    'X-RAY DIFFRACTION' ? 
r_mcangle_it                 1.496  2.000  ? 937  'X-RAY DIFFRACTION' ? 
r_scbond_it                  2.451  3.000  ? 510  'X-RAY DIFFRACTION' ? 
r_scangle_it                 3.521  4.500  ? 472  'X-RAY DIFFRACTION' ? 
r_rigid_bond_restr           ?      ?      ? ?    'X-RAY DIFFRACTION' ? 
r_sphericity_free            ?      ?      ? ?    'X-RAY DIFFRACTION' ? 
r_sphericity_bonded          ?      ?      ? ?    'X-RAY DIFFRACTION' ? 
# 
_refine_ls_shell.pdbx_total_number_of_bins_used   20 
_refine_ls_shell.d_res_high                       1.680 
_refine_ls_shell.d_res_low                        1.724 
_refine_ls_shell.number_reflns_R_work             883 
_refine_ls_shell.R_factor_R_work                  0.276 
_refine_ls_shell.percent_reflns_obs               75.81 
_refine_ls_shell.R_factor_R_free                  0.248 
_refine_ls_shell.R_factor_R_free_error            ? 
_refine_ls_shell.percent_reflns_R_free            ? 
_refine_ls_shell.number_reflns_R_free             48 
_refine_ls_shell.number_reflns_all                ? 
_refine_ls_shell.R_factor_all                     ? 
_refine_ls_shell.number_reflns_obs                931 
_refine_ls_shell.redundancy_reflns_obs            ? 
_refine_ls_shell.pdbx_refine_id                   'X-RAY DIFFRACTION' 
# 
_struct.entry_id                  2QSA 
_struct.title                     'Crystal structure of J-domain of DnaJ homolog dnj-2 precursor from C.elegans.' 
_struct.pdbx_model_details        ? 
_struct.pdbx_CASP_flag            ? 
_struct.pdbx_model_type_details   ? 
# 
_struct_keywords.entry_id        2QSA 
_struct_keywords.pdbx_keywords   CHAPERONE 
_struct_keywords.text            
;J-domain, hsp40, APC90001.8, Structural Genomics, PSI-2, Protein Structure Initiative, Midwest Center for Structural Genomics, MCSG, Chaperone
;
# 
loop_
_struct_asym.id 
_struct_asym.pdbx_blank_PDB_chainid_flag 
_struct_asym.pdbx_modified 
_struct_asym.entity_id 
_struct_asym.details 
A N N 1 ? 
B N N 2 ? 
C N N 3 ? 
# 
_struct_ref.id                         1 
_struct_ref.db_name                    UNP 
_struct_ref.db_code                    DNJ2_CAEEL 
_struct_ref.pdbx_db_accession          Q17433 
_struct_ref.entity_id                  1 
_struct_ref.pdbx_seq_one_letter_code   
;VGFAPELYCGLENCYDVLEVNREEFDKQKLAKAYRALARKHHPDRVKNKEEKLLAEERFRVIATAYETLKDDEAKTNYDY
YLDHPDQRFYNYYQYYRLRAAPKVDL
;
_struct_ref.pdbx_align_begin           24 
_struct_ref.pdbx_db_isoform            ? 
# 
_struct_ref_seq.align_id                      1 
_struct_ref_seq.ref_id                        1 
_struct_ref_seq.pdbx_PDB_id_code              2QSA 
_struct_ref_seq.pdbx_strand_id                A 
_struct_ref_seq.seq_align_beg                 4 
_struct_ref_seq.pdbx_seq_align_beg_ins_code   ? 
_struct_ref_seq.seq_align_end                 109 
_struct_ref_seq.pdbx_seq_align_end_ins_code   ? 
_struct_ref_seq.pdbx_db_accession             Q17433 
_struct_ref_seq.db_align_beg                  24 
_struct_ref_seq.pdbx_db_align_beg_ins_code    ? 
_struct_ref_seq.db_align_end                  129 
_struct_ref_seq.pdbx_db_align_end_ins_code    ? 
_struct_ref_seq.pdbx_auth_seq_align_beg       24 
_struct_ref_seq.pdbx_auth_seq_align_end       129 
# 
loop_
_struct_ref_seq_dif.align_id 
_struct_ref_seq_dif.pdbx_pdb_id_code 
_struct_ref_seq_dif.mon_id 
_struct_ref_seq_dif.pdbx_pdb_strand_id 
_struct_ref_seq_dif.seq_num 
_struct_ref_seq_dif.pdbx_pdb_ins_code 
_struct_ref_seq_dif.pdbx_seq_db_name 
_struct_ref_seq_dif.pdbx_seq_db_accession_code 
_struct_ref_seq_dif.db_mon_id 
_struct_ref_seq_dif.pdbx_seq_db_seq_num 
_struct_ref_seq_dif.details 
_struct_ref_seq_dif.pdbx_auth_seq_num 
_struct_ref_seq_dif.pdbx_ordinal 
1 2QSA SER A 1 ? UNP Q17433 ? ? 'expression tag' 21 1 
1 2QSA ASN A 2 ? UNP Q17433 ? ? 'expression tag' 22 2 
1 2QSA ALA A 3 ? UNP Q17433 ? ? 'expression tag' 23 3 
# 
_pdbx_struct_assembly.id                   1 
_pdbx_struct_assembly.details              software_defined_assembly 
_pdbx_struct_assembly.method_details       PISA 
_pdbx_struct_assembly.oligomeric_details   monomeric 
_pdbx_struct_assembly.oligomeric_count     1 
# 
_pdbx_struct_assembly_gen.assembly_id       1 
_pdbx_struct_assembly_gen.oper_expression   1 
_pdbx_struct_assembly_gen.asym_id_list      A,B,C 
# 
_pdbx_struct_oper_list.id                   1 
_pdbx_struct_oper_list.type                 'identity operation' 
_pdbx_struct_oper_list.name                 1_555 
_pdbx_struct_oper_list.symmetry_operation   x,y,z 
_pdbx_struct_oper_list.matrix[1][1]         1.0000000000 
_pdbx_struct_oper_list.matrix[1][2]         0.0000000000 
_pdbx_struct_oper_list.matrix[1][3]         0.0000000000 
_pdbx_struct_oper_list.vector[1]            0.0000000000 
_pdbx_struct_oper_list.matrix[2][1]         0.0000000000 
_pdbx_struct_oper_list.matrix[2][2]         1.0000000000 
_pdbx_struct_oper_list.matrix[2][3]         0.0000000000 
_pdbx_struct_oper_list.vector[2]            0.0000000000 
_pdbx_struct_oper_list.matrix[3][1]         0.0000000000 
_pdbx_struct_oper_list.matrix[3][2]         0.0000000000 
_pdbx_struct_oper_list.matrix[3][3]         1.0000000000 
_pdbx_struct_oper_list.vector[3]            0.0000000000 
# 
_struct_biol.id   1 
# 
loop_
_struct_conf.conf_type_id 
_struct_conf.id 
_struct_conf.pdbx_PDB_helix_id 
_struct_conf.beg_label_comp_id 
_struct_conf.beg_label_asym_id 
_struct_conf.beg_label_seq_id 
_struct_conf.pdbx_beg_PDB_ins_code 
_struct_conf.end_label_comp_id 
_struct_conf.end_label_asym_id 
_struct_conf.end_label_seq_id 
_struct_conf.pdbx_end_PDB_ins_code 
_struct_conf.beg_auth_comp_id 
_struct_conf.beg_auth_asym_id 
_struct_conf.beg_auth_seq_id 
_struct_conf.end_auth_comp_id 
_struct_conf.end_auth_asym_id 
_struct_conf.end_auth_seq_id 
_struct_conf.pdbx_PDB_helix_class 
_struct_conf.details 
_struct_conf.pdbx_PDB_helix_length 
HELX_P HELX_P1 1 ASN A 2  ? PHE A 6   ? ASN A 22  PHE A 26  5 ? 5  
HELX_P HELX_P2 2 ASN A 16 ? LEU A 21  ? ASN A 36  LEU A 41  1 ? 6  
HELX_P HELX_P3 3 ASN A 24 ? PHE A 28  ? ASN A 44  PHE A 48  5 ? 5  
HELX_P HELX_P4 4 ASP A 29 ? HIS A 44  ? ASP A 49  HIS A 64  1 ? 16 
HELX_P HELX_P5 5 HIS A 45 ? VAL A 49  ? HIS A 65  VAL A 69  5 ? 5  
HELX_P HELX_P6 6 ASN A 51 ? ASP A 74  ? ASN A 71  ASP A 94  1 ? 24 
HELX_P HELX_P7 7 ASP A 74 ? HIS A 87  ? ASP A 94  HIS A 107 1 ? 14 
HELX_P HELX_P8 8 GLN A 90 ? ARG A 102 ? GLN A 110 ARG A 122 1 ? 13 
# 
_struct_conf_type.id          HELX_P 
_struct_conf_type.criteria    ? 
_struct_conf_type.reference   ? 
# 
_struct_conn.id                            disulf1 
_struct_conn.conn_type_id                  disulf 
_struct_conn.pdbx_leaving_atom_flag        ? 
_struct_conn.pdbx_PDB_id                   ? 
_struct_conn.ptnr1_label_asym_id           A 
_struct_conn.ptnr1_label_comp_id           CYS 
_struct_conn.ptnr1_label_seq_id            12 
_struct_conn.ptnr1_label_atom_id           SG 
_struct_conn.pdbx_ptnr1_label_alt_id       ? 
_struct_conn.pdbx_ptnr1_PDB_ins_code       ? 
_struct_conn.pdbx_ptnr1_standard_comp_id   ? 
_struct_conn.ptnr1_symmetry                1_555 
_struct_conn.ptnr2_label_asym_id           A 
_struct_conn.ptnr2_label_comp_id           CYS 
_struct_conn.ptnr2_label_seq_id            17 
_struct_conn.ptnr2_label_atom_id           SG 
_struct_conn.pdbx_ptnr2_label_alt_id       ? 
_struct_conn.pdbx_ptnr2_PDB_ins_code       ? 
_struct_conn.ptnr1_auth_asym_id            A 
_struct_conn.ptnr1_auth_comp_id            CYS 
_struct_conn.ptnr1_auth_seq_id             32 
_struct_conn.ptnr2_auth_asym_id            A 
_struct_conn.ptnr2_auth_comp_id            CYS 
_struct_conn.ptnr2_auth_seq_id             37 
_struct_conn.ptnr2_symmetry                1_555 
_struct_conn.pdbx_ptnr3_label_atom_id      ? 
_struct_conn.pdbx_ptnr3_label_seq_id       ? 
_struct_conn.pdbx_ptnr3_label_comp_id      ? 
_struct_conn.pdbx_ptnr3_label_asym_id      ? 
_struct_conn.pdbx_ptnr3_label_alt_id       ? 
_struct_conn.pdbx_ptnr3_PDB_ins_code       ? 
_struct_conn.details                       ? 
_struct_conn.pdbx_dist_value               2.151 
_struct_conn.pdbx_value_order              ? 
_struct_conn.pdbx_role                     ? 
# 
_struct_conn_type.id          disulf 
_struct_conn_type.criteria    ? 
_struct_conn_type.reference   ? 
# 
_pdbx_modification_feature.ordinal                            1 
_pdbx_modification_feature.label_comp_id                      CYS 
_pdbx_modification_feature.label_asym_id                      A 
_pdbx_modification_feature.label_seq_id                       12 
_pdbx_modification_feature.label_alt_id                       ? 
_pdbx_modification_feature.modified_residue_label_comp_id     CYS 
_pdbx_modification_feature.modified_residue_label_asym_id     A 
_pdbx_modification_feature.modified_residue_label_seq_id      17 
_pdbx_modification_feature.modified_residue_label_alt_id      ? 
_pdbx_modification_feature.auth_comp_id                       CYS 
_pdbx_modification_feature.auth_asym_id                       A 
_pdbx_modification_feature.auth_seq_id                        32 
_pdbx_modification_feature.PDB_ins_code                       ? 
_pdbx_modification_feature.symmetry                           1_555 
_pdbx_modification_feature.modified_residue_auth_comp_id      CYS 
_pdbx_modification_feature.modified_residue_auth_asym_id      A 
_pdbx_modification_feature.modified_residue_auth_seq_id       37 
_pdbx_modification_feature.modified_residue_PDB_ins_code      ? 
_pdbx_modification_feature.modified_residue_symmetry          1_555 
_pdbx_modification_feature.comp_id_linking_atom               SG 
_pdbx_modification_feature.modified_residue_id_linking_atom   SG 
_pdbx_modification_feature.modified_residue_id                . 
_pdbx_modification_feature.ref_pcm_id                         . 
_pdbx_modification_feature.ref_comp_id                        . 
_pdbx_modification_feature.type                               None 
_pdbx_modification_feature.category                           'Disulfide bridge' 
# 
_struct_site.id                   AC1 
_struct_site.pdbx_evidence_code   Software 
_struct_site.pdbx_auth_asym_id    A 
_struct_site.pdbx_auth_comp_id    CL 
_struct_site.pdbx_auth_seq_id     301 
_struct_site.pdbx_auth_ins_code   ? 
_struct_site.pdbx_num_residues    4 
_struct_site.details              'BINDING SITE FOR RESIDUE CL A 301' 
# 
loop_
_struct_site_gen.id 
_struct_site_gen.site_id 
_struct_site_gen.pdbx_num_res 
_struct_site_gen.label_comp_id 
_struct_site_gen.label_asym_id 
_struct_site_gen.label_seq_id 
_struct_site_gen.pdbx_auth_ins_code 
_struct_site_gen.auth_comp_id 
_struct_site_gen.auth_asym_id 
_struct_site_gen.auth_seq_id 
_struct_site_gen.label_atom_id 
_struct_site_gen.label_alt_id 
_struct_site_gen.symmetry 
_struct_site_gen.details 
1 AC1 4 LEU A 14 ? LEU A 34  . ? 1_555 ? 
2 AC1 4 ARG A 38 ? ARG A 58  . ? 6_555 ? 
3 AC1 4 ARG A 42 ? ARG A 62  . ? 6_555 ? 
4 AC1 4 HOH C .  ? HOH A 343 . ? 1_555 ? 
# 
_pdbx_entry_details.entry_id                   2QSA 
_pdbx_entry_details.compound_details           ? 
_pdbx_entry_details.source_details             ? 
_pdbx_entry_details.nonpolymer_details         ? 
_pdbx_entry_details.sequence_details           ? 
_pdbx_entry_details.has_ligand_of_interest     ? 
_pdbx_entry_details.has_protein_modification   Y 
# 
loop_
_pdbx_validate_close_contact.id 
_pdbx_validate_close_contact.PDB_model_num 
_pdbx_validate_close_contact.auth_atom_id_1 
_pdbx_validate_close_contact.auth_asym_id_1 
_pdbx_validate_close_contact.auth_comp_id_1 
_pdbx_validate_close_contact.auth_seq_id_1 
_pdbx_validate_close_contact.PDB_ins_code_1 
_pdbx_validate_close_contact.label_alt_id_1 
_pdbx_validate_close_contact.auth_atom_id_2 
_pdbx_validate_close_contact.auth_asym_id_2 
_pdbx_validate_close_contact.auth_comp_id_2 
_pdbx_validate_close_contact.auth_seq_id_2 
_pdbx_validate_close_contact.PDB_ins_code_2 
_pdbx_validate_close_contact.label_alt_id_2 
_pdbx_validate_close_contact.dist 
1 1 OD2 A ASP 109 ? B O A HOH 410 ? ? 2.18 
2 1 OE2 A GLU 42  ? ? O A HOH 400 ? ? 2.19 
# 
_pdbx_validate_symm_contact.id                1 
_pdbx_validate_symm_contact.PDB_model_num     1 
_pdbx_validate_symm_contact.auth_atom_id_1    O 
_pdbx_validate_symm_contact.auth_asym_id_1    A 
_pdbx_validate_symm_contact.auth_comp_id_1    HOH 
_pdbx_validate_symm_contact.auth_seq_id_1     306 
_pdbx_validate_symm_contact.PDB_ins_code_1    ? 
_pdbx_validate_symm_contact.label_alt_id_1    ? 
_pdbx_validate_symm_contact.site_symmetry_1   1_555 
_pdbx_validate_symm_contact.auth_atom_id_2    O 
_pdbx_validate_symm_contact.auth_asym_id_2    A 
_pdbx_validate_symm_contact.auth_comp_id_2    HOH 
_pdbx_validate_symm_contact.auth_seq_id_2     389 
_pdbx_validate_symm_contact.PDB_ins_code_2    ? 
_pdbx_validate_symm_contact.label_alt_id_2    ? 
_pdbx_validate_symm_contact.site_symmetry_2   6_555 
_pdbx_validate_symm_contact.dist              2.02 
# 
_pdbx_validate_rmsd_angle.id                         1 
_pdbx_validate_rmsd_angle.PDB_model_num              1 
_pdbx_validate_rmsd_angle.auth_atom_id_1             NE 
_pdbx_validate_rmsd_angle.auth_asym_id_1             A 
_pdbx_validate_rmsd_angle.auth_comp_id_1             ARG 
_pdbx_validate_rmsd_angle.auth_seq_id_1              68 
_pdbx_validate_rmsd_angle.PDB_ins_code_1             ? 
_pdbx_validate_rmsd_angle.label_alt_id_1             A 
_pdbx_validate_rmsd_angle.auth_atom_id_2             CZ 
_pdbx_validate_rmsd_angle.auth_asym_id_2             A 
_pdbx_validate_rmsd_angle.auth_comp_id_2             ARG 
_pdbx_validate_rmsd_angle.auth_seq_id_2              68 
_pdbx_validate_rmsd_angle.PDB_ins_code_2             ? 
_pdbx_validate_rmsd_angle.label_alt_id_2             A 
_pdbx_validate_rmsd_angle.auth_atom_id_3             NH2 
_pdbx_validate_rmsd_angle.auth_asym_id_3             A 
_pdbx_validate_rmsd_angle.auth_comp_id_3             ARG 
_pdbx_validate_rmsd_angle.auth_seq_id_3              68 
_pdbx_validate_rmsd_angle.PDB_ins_code_3             ? 
_pdbx_validate_rmsd_angle.label_alt_id_3             A 
_pdbx_validate_rmsd_angle.angle_value                116.05 
_pdbx_validate_rmsd_angle.angle_target_value         120.30 
_pdbx_validate_rmsd_angle.angle_deviation            -4.25 
_pdbx_validate_rmsd_angle.angle_standard_deviation   0.50 
_pdbx_validate_rmsd_angle.linker_flag                N 
# 
_pdbx_validate_torsion.id              1 
_pdbx_validate_torsion.PDB_model_num   1 
_pdbx_validate_torsion.auth_comp_id    TYR 
_pdbx_validate_torsion.auth_asym_id    A 
_pdbx_validate_torsion.auth_seq_id     31 
_pdbx_validate_torsion.PDB_ins_code    ? 
_pdbx_validate_torsion.label_alt_id    ? 
_pdbx_validate_torsion.phi             52.34 
_pdbx_validate_torsion.psi             -130.19 
# 
_pdbx_SG_project.id                    1 
_pdbx_SG_project.project_name          'PSI, Protein Structure Initiative' 
_pdbx_SG_project.full_name_of_center   'Midwest Center for Structural Genomics' 
_pdbx_SG_project.initial_of_center     MCSG 
# 
loop_
_pdbx_struct_special_symmetry.id 
_pdbx_struct_special_symmetry.PDB_model_num 
_pdbx_struct_special_symmetry.auth_asym_id 
_pdbx_struct_special_symmetry.auth_comp_id 
_pdbx_struct_special_symmetry.auth_seq_id 
_pdbx_struct_special_symmetry.PDB_ins_code 
_pdbx_struct_special_symmetry.label_asym_id 
_pdbx_struct_special_symmetry.label_comp_id 
_pdbx_struct_special_symmetry.label_seq_id 
1 1 A HOH 365 ? C HOH . 
2 1 A HOH 366 ? C HOH . 
3 1 A HOH 392 ? C HOH . 
# 
loop_
_pdbx_refine_tls.id 
_pdbx_refine_tls.details 
_pdbx_refine_tls.method 
_pdbx_refine_tls.origin_x 
_pdbx_refine_tls.origin_y 
_pdbx_refine_tls.origin_z 
_pdbx_refine_tls.T[1][1] 
_pdbx_refine_tls.T[2][2] 
_pdbx_refine_tls.T[3][3] 
_pdbx_refine_tls.T[1][2] 
_pdbx_refine_tls.T[1][3] 
_pdbx_refine_tls.T[2][3] 
_pdbx_refine_tls.L[1][1] 
_pdbx_refine_tls.L[2][2] 
_pdbx_refine_tls.L[3][3] 
_pdbx_refine_tls.L[1][2] 
_pdbx_refine_tls.L[1][3] 
_pdbx_refine_tls.L[2][3] 
_pdbx_refine_tls.S[1][1] 
_pdbx_refine_tls.S[1][2] 
_pdbx_refine_tls.S[1][3] 
_pdbx_refine_tls.S[2][1] 
_pdbx_refine_tls.S[2][2] 
_pdbx_refine_tls.S[2][3] 
_pdbx_refine_tls.S[3][1] 
_pdbx_refine_tls.S[3][2] 
_pdbx_refine_tls.S[3][3] 
_pdbx_refine_tls.pdbx_refine_id 
1  ? refined 8.5590  -6.3269  -3.3707  0.0052  0.0283  0.0005  0.0108  0.0093  -0.0193 5.8968  2.1176  3.0882  -0.4049 3.8009  -1.4160 0.1040  0.3798  -0.3151 -0.0911 -0.0332 -0.1649 0.0826  0.1126  -0.0708 'X-RAY DIFFRACTION' 
2  ? refined 1.5671  -4.4565  5.1146   0.0096  0.0447  -0.0066 0.0263  -0.0058 0.0228  2.4767  0.9460  0.6509  -0.0722 -1.1193 0.4027  -0.1040 -0.2000 -0.0157 0.0571  0.1406  -0.0280 0.1222  0.1559  -0.0366 'X-RAY DIFFRACTION' 
3  ? refined -6.2149 -11.0667 9.5487   0.0606  -0.0007 0.0501  0.0670  0.0849  0.1300  11.5446 13.6069 0.4910  -6.8214 -0.5166 -1.8116 -0.8308 -0.3651 -0.6857 0.7343  0.3639  0.2544  0.1247  -0.1731 0.4669  'X-RAY DIFFRACTION' 
4  ? refined -8.9592 1.4764   8.0958   -0.0190 0.0577  0.0061  0.0127  0.0009  0.0071  3.9849  1.6242  0.1002  1.2718  0.2297  -0.2521 -0.0768 -0.3276 -0.0919 0.0793  0.0380  -0.0775 -0.0029 -0.0459 0.0388  'X-RAY DIFFRACTION' 
5  ? refined -3.5662 13.0624  7.7461   -0.0354 0.0086  0.0871  0.0032  -0.0372 -0.0644 7.6919  7.2564  0.4059  4.3125  -1.7607 -0.8679 0.1070  -0.6851 0.7787  -0.1482 -0.2474 0.3119  0.1620  0.0236  0.1405  'X-RAY DIFFRACTION' 
6  ? refined 4.1960  21.2742  5.9196   -0.0631 -0.1771 0.3748  -0.0464 -0.0550 0.0011  10.9766 34.8820 20.5332 18.9078 -0.4507 -7.6639 0.9878  -0.6995 1.4348  1.1144  -0.9299 -0.7325 -0.7464 0.1755  -0.0580 'X-RAY DIFFRACTION' 
7  ? refined 3.7427  13.2663  1.6288   -0.0195 -0.0291 0.1235  0.0138  -0.0036 0.0227  0.4604  2.6540  2.3164  -0.1555 0.6238  1.7456  -0.1003 0.1722  0.1471  -0.2481 -0.1069 -0.2011 -0.1411 -0.0542 0.2072  'X-RAY DIFFRACTION' 
8  ? refined -1.8101 4.2876   0.3822   0.0029  0.0175  0.0223  0.0119  0.0076  -0.0017 3.7823  0.3085  0.7445  -0.0444 1.5453  0.1684  -0.0702 -0.0034 0.0730  -0.1258 -0.0390 -0.0202 -0.0532 0.0151  0.1092  'X-RAY DIFFRACTION' 
9  ? refined -2.6638 -9.1912  -4.1538  0.0094  -0.0100 0.0229  -0.0252 -0.0111 -0.0041 2.0857  1.0615  2.7541  -1.4867 -1.3252 1.0006  -0.0771 0.0654  -0.0831 0.0712  0.0278  0.0841  0.1522  -0.1231 0.0493  'X-RAY DIFFRACTION' 
10 ? refined 0.6828  -8.1914  -13.6935 0.0225  0.0410  -0.0286 0.0239  0.0160  -0.0193 1.0698  3.0624  5.5668  -1.5635 -1.3758 0.2927  0.1215  0.1291  -0.1824 -0.0059 0.1201  -0.0327 -0.2865 -0.3642 -0.2416 'X-RAY DIFFRACTION' 
# 
loop_
_pdbx_refine_tls_group.id 
_pdbx_refine_tls_group.refine_tls_id 
_pdbx_refine_tls_group.beg_auth_asym_id 
_pdbx_refine_tls_group.beg_auth_seq_id 
_pdbx_refine_tls_group.beg_label_asym_id 
_pdbx_refine_tls_group.beg_label_seq_id 
_pdbx_refine_tls_group.end_auth_asym_id 
_pdbx_refine_tls_group.end_auth_seq_id 
_pdbx_refine_tls_group.end_label_asym_id 
_pdbx_refine_tls_group.end_label_seq_id 
_pdbx_refine_tls_group.selection 
_pdbx_refine_tls_group.pdbx_refine_id 
_pdbx_refine_tls_group.selection_details 
1  1  A 22  A 2  A 32  A 12  ? 'X-RAY DIFFRACTION' ? 
2  2  A 33  A 13 A 45  A 25  ? 'X-RAY DIFFRACTION' ? 
3  3  A 46  A 26 A 49  A 29  ? 'X-RAY DIFFRACTION' ? 
4  4  A 50  A 30 A 61  A 41  ? 'X-RAY DIFFRACTION' ? 
5  5  A 62  A 42 A 67  A 47  ? 'X-RAY DIFFRACTION' ? 
6  6  A 68  A 48 A 74  A 54  ? 'X-RAY DIFFRACTION' ? 
7  7  A 75  A 55 A 82  A 62  ? 'X-RAY DIFFRACTION' ? 
8  8  A 83  A 63 A 89  A 69  ? 'X-RAY DIFFRACTION' ? 
9  9  A 90  A 70 A 109 A 89  ? 'X-RAY DIFFRACTION' ? 
10 10 A 110 A 90 A 122 A 102 ? 'X-RAY DIFFRACTION' ? 
# 
_pdbx_database_remark.id     300 
_pdbx_database_remark.text   
;
BIOMOLECULE: 1
SEE REMARK 350 FOR THE PROGRAM GENERATED ASSEMBLY
INFORMATION FOR THE STRUCTURE IN THIS ENTRY.
AUTHORS STATE THAT THE BIOLOGICAL UNIT OF THIS
POLYPEPTIDE IS UNKNOWN.
;
# 
loop_
_pdbx_unobs_or_zero_occ_residues.id 
_pdbx_unobs_or_zero_occ_residues.PDB_model_num 
_pdbx_unobs_or_zero_occ_residues.polymer_flag 
_pdbx_unobs_or_zero_occ_residues.occupancy_flag 
_pdbx_unobs_or_zero_occ_residues.auth_asym_id 
_pdbx_unobs_or_zero_occ_residues.auth_comp_id 
_pdbx_unobs_or_zero_occ_residues.auth_seq_id 
_pdbx_unobs_or_zero_occ_residues.PDB_ins_code 
_pdbx_unobs_or_zero_occ_residues.label_asym_id 
_pdbx_unobs_or_zero_occ_residues.label_comp_id 
_pdbx_unobs_or_zero_occ_residues.label_seq_id 
1 1 Y 1 A SER 21  ? A SER 1   
2 1 Y 1 A ALA 123 ? A ALA 103 
3 1 Y 1 A ALA 124 ? A ALA 104 
4 1 Y 1 A PRO 125 ? A PRO 105 
5 1 Y 1 A LYS 126 ? A LYS 106 
6 1 Y 1 A VAL 127 ? A VAL 107 
7 1 Y 1 A ASP 128 ? A ASP 108 
8 1 Y 1 A LEU 129 ? A LEU 109 
# 
loop_
_chem_comp_atom.comp_id 
_chem_comp_atom.atom_id 
_chem_comp_atom.type_symbol 
_chem_comp_atom.pdbx_aromatic_flag 
_chem_comp_atom.pdbx_stereo_config 
_chem_comp_atom.pdbx_ordinal 
ALA N    N  N N 1   
ALA CA   C  N S 2   
ALA C    C  N N 3   
ALA O    O  N N 4   
ALA CB   C  N N 5   
ALA OXT  O  N N 6   
ALA H    H  N N 7   
ALA H2   H  N N 8   
ALA HA   H  N N 9   
ALA HB1  H  N N 10  
ALA HB2  H  N N 11  
ALA HB3  H  N N 12  
ALA HXT  H  N N 13  
ARG N    N  N N 14  
ARG CA   C  N S 15  
ARG C    C  N N 16  
ARG O    O  N N 17  
ARG CB   C  N N 18  
ARG CG   C  N N 19  
ARG CD   C  N N 20  
ARG NE   N  N N 21  
ARG CZ   C  N N 22  
ARG NH1  N  N N 23  
ARG NH2  N  N N 24  
ARG OXT  O  N N 25  
ARG H    H  N N 26  
ARG H2   H  N N 27  
ARG HA   H  N N 28  
ARG HB2  H  N N 29  
ARG HB3  H  N N 30  
ARG HG2  H  N N 31  
ARG HG3  H  N N 32  
ARG HD2  H  N N 33  
ARG HD3  H  N N 34  
ARG HE   H  N N 35  
ARG HH11 H  N N 36  
ARG HH12 H  N N 37  
ARG HH21 H  N N 38  
ARG HH22 H  N N 39  
ARG HXT  H  N N 40  
ASN N    N  N N 41  
ASN CA   C  N S 42  
ASN C    C  N N 43  
ASN O    O  N N 44  
ASN CB   C  N N 45  
ASN CG   C  N N 46  
ASN OD1  O  N N 47  
ASN ND2  N  N N 48  
ASN OXT  O  N N 49  
ASN H    H  N N 50  
ASN H2   H  N N 51  
ASN HA   H  N N 52  
ASN HB2  H  N N 53  
ASN HB3  H  N N 54  
ASN HD21 H  N N 55  
ASN HD22 H  N N 56  
ASN HXT  H  N N 57  
ASP N    N  N N 58  
ASP CA   C  N S 59  
ASP C    C  N N 60  
ASP O    O  N N 61  
ASP CB   C  N N 62  
ASP CG   C  N N 63  
ASP OD1  O  N N 64  
ASP OD2  O  N N 65  
ASP OXT  O  N N 66  
ASP H    H  N N 67  
ASP H2   H  N N 68  
ASP HA   H  N N 69  
ASP HB2  H  N N 70  
ASP HB3  H  N N 71  
ASP HD2  H  N N 72  
ASP HXT  H  N N 73  
CL  CL   CL N N 74  
CYS N    N  N N 75  
CYS CA   C  N R 76  
CYS C    C  N N 77  
CYS O    O  N N 78  
CYS CB   C  N N 79  
CYS SG   S  N N 80  
CYS OXT  O  N N 81  
CYS H    H  N N 82  
CYS H2   H  N N 83  
CYS HA   H  N N 84  
CYS HB2  H  N N 85  
CYS HB3  H  N N 86  
CYS HG   H  N N 87  
CYS HXT  H  N N 88  
GLN N    N  N N 89  
GLN CA   C  N S 90  
GLN C    C  N N 91  
GLN O    O  N N 92  
GLN CB   C  N N 93  
GLN CG   C  N N 94  
GLN CD   C  N N 95  
GLN OE1  O  N N 96  
GLN NE2  N  N N 97  
GLN OXT  O  N N 98  
GLN H    H  N N 99  
GLN H2   H  N N 100 
GLN HA   H  N N 101 
GLN HB2  H  N N 102 
GLN HB3  H  N N 103 
GLN HG2  H  N N 104 
GLN HG3  H  N N 105 
GLN HE21 H  N N 106 
GLN HE22 H  N N 107 
GLN HXT  H  N N 108 
GLU N    N  N N 109 
GLU CA   C  N S 110 
GLU C    C  N N 111 
GLU O    O  N N 112 
GLU CB   C  N N 113 
GLU CG   C  N N 114 
GLU CD   C  N N 115 
GLU OE1  O  N N 116 
GLU OE2  O  N N 117 
GLU OXT  O  N N 118 
GLU H    H  N N 119 
GLU H2   H  N N 120 
GLU HA   H  N N 121 
GLU HB2  H  N N 122 
GLU HB3  H  N N 123 
GLU HG2  H  N N 124 
GLU HG3  H  N N 125 
GLU HE2  H  N N 126 
GLU HXT  H  N N 127 
GLY N    N  N N 128 
GLY CA   C  N N 129 
GLY C    C  N N 130 
GLY O    O  N N 131 
GLY OXT  O  N N 132 
GLY H    H  N N 133 
GLY H2   H  N N 134 
GLY HA2  H  N N 135 
GLY HA3  H  N N 136 
GLY HXT  H  N N 137 
HIS N    N  N N 138 
HIS CA   C  N S 139 
HIS C    C  N N 140 
HIS O    O  N N 141 
HIS CB   C  N N 142 
HIS CG   C  Y N 143 
HIS ND1  N  Y N 144 
HIS CD2  C  Y N 145 
HIS CE1  C  Y N 146 
HIS NE2  N  Y N 147 
HIS OXT  O  N N 148 
HIS H    H  N N 149 
HIS H2   H  N N 150 
HIS HA   H  N N 151 
HIS HB2  H  N N 152 
HIS HB3  H  N N 153 
HIS HD1  H  N N 154 
HIS HD2  H  N N 155 
HIS HE1  H  N N 156 
HIS HE2  H  N N 157 
HIS HXT  H  N N 158 
HOH O    O  N N 159 
HOH H1   H  N N 160 
HOH H2   H  N N 161 
ILE N    N  N N 162 
ILE CA   C  N S 163 
ILE C    C  N N 164 
ILE O    O  N N 165 
ILE CB   C  N S 166 
ILE CG1  C  N N 167 
ILE CG2  C  N N 168 
ILE CD1  C  N N 169 
ILE OXT  O  N N 170 
ILE H    H  N N 171 
ILE H2   H  N N 172 
ILE HA   H  N N 173 
ILE HB   H  N N 174 
ILE HG12 H  N N 175 
ILE HG13 H  N N 176 
ILE HG21 H  N N 177 
ILE HG22 H  N N 178 
ILE HG23 H  N N 179 
ILE HD11 H  N N 180 
ILE HD12 H  N N 181 
ILE HD13 H  N N 182 
ILE HXT  H  N N 183 
LEU N    N  N N 184 
LEU CA   C  N S 185 
LEU C    C  N N 186 
LEU O    O  N N 187 
LEU CB   C  N N 188 
LEU CG   C  N N 189 
LEU CD1  C  N N 190 
LEU CD2  C  N N 191 
LEU OXT  O  N N 192 
LEU H    H  N N 193 
LEU H2   H  N N 194 
LEU HA   H  N N 195 
LEU HB2  H  N N 196 
LEU HB3  H  N N 197 
LEU HG   H  N N 198 
LEU HD11 H  N N 199 
LEU HD12 H  N N 200 
LEU HD13 H  N N 201 
LEU HD21 H  N N 202 
LEU HD22 H  N N 203 
LEU HD23 H  N N 204 
LEU HXT  H  N N 205 
LYS N    N  N N 206 
LYS CA   C  N S 207 
LYS C    C  N N 208 
LYS O    O  N N 209 
LYS CB   C  N N 210 
LYS CG   C  N N 211 
LYS CD   C  N N 212 
LYS CE   C  N N 213 
LYS NZ   N  N N 214 
LYS OXT  O  N N 215 
LYS H    H  N N 216 
LYS H2   H  N N 217 
LYS HA   H  N N 218 
LYS HB2  H  N N 219 
LYS HB3  H  N N 220 
LYS HG2  H  N N 221 
LYS HG3  H  N N 222 
LYS HD2  H  N N 223 
LYS HD3  H  N N 224 
LYS HE2  H  N N 225 
LYS HE3  H  N N 226 
LYS HZ1  H  N N 227 
LYS HZ2  H  N N 228 
LYS HZ3  H  N N 229 
LYS HXT  H  N N 230 
PHE N    N  N N 231 
PHE CA   C  N S 232 
PHE C    C  N N 233 
PHE O    O  N N 234 
PHE CB   C  N N 235 
PHE CG   C  Y N 236 
PHE CD1  C  Y N 237 
PHE CD2  C  Y N 238 
PHE CE1  C  Y N 239 
PHE CE2  C  Y N 240 
PHE CZ   C  Y N 241 
PHE OXT  O  N N 242 
PHE H    H  N N 243 
PHE H2   H  N N 244 
PHE HA   H  N N 245 
PHE HB2  H  N N 246 
PHE HB3  H  N N 247 
PHE HD1  H  N N 248 
PHE HD2  H  N N 249 
PHE HE1  H  N N 250 
PHE HE2  H  N N 251 
PHE HZ   H  N N 252 
PHE HXT  H  N N 253 
PRO N    N  N N 254 
PRO CA   C  N S 255 
PRO C    C  N N 256 
PRO O    O  N N 257 
PRO CB   C  N N 258 
PRO CG   C  N N 259 
PRO CD   C  N N 260 
PRO OXT  O  N N 261 
PRO H    H  N N 262 
PRO HA   H  N N 263 
PRO HB2  H  N N 264 
PRO HB3  H  N N 265 
PRO HG2  H  N N 266 
PRO HG3  H  N N 267 
PRO HD2  H  N N 268 
PRO HD3  H  N N 269 
PRO HXT  H  N N 270 
SER N    N  N N 271 
SER CA   C  N S 272 
SER C    C  N N 273 
SER O    O  N N 274 
SER CB   C  N N 275 
SER OG   O  N N 276 
SER OXT  O  N N 277 
SER H    H  N N 278 
SER H2   H  N N 279 
SER HA   H  N N 280 
SER HB2  H  N N 281 
SER HB3  H  N N 282 
SER HG   H  N N 283 
SER HXT  H  N N 284 
THR N    N  N N 285 
THR CA   C  N S 286 
THR C    C  N N 287 
THR O    O  N N 288 
THR CB   C  N R 289 
THR OG1  O  N N 290 
THR CG2  C  N N 291 
THR OXT  O  N N 292 
THR H    H  N N 293 
THR H2   H  N N 294 
THR HA   H  N N 295 
THR HB   H  N N 296 
THR HG1  H  N N 297 
THR HG21 H  N N 298 
THR HG22 H  N N 299 
THR HG23 H  N N 300 
THR HXT  H  N N 301 
TYR N    N  N N 302 
TYR CA   C  N S 303 
TYR C    C  N N 304 
TYR O    O  N N 305 
TYR CB   C  N N 306 
TYR CG   C  Y N 307 
TYR CD1  C  Y N 308 
TYR CD2  C  Y N 309 
TYR CE1  C  Y N 310 
TYR CE2  C  Y N 311 
TYR CZ   C  Y N 312 
TYR OH   O  N N 313 
TYR OXT  O  N N 314 
TYR H    H  N N 315 
TYR H2   H  N N 316 
TYR HA   H  N N 317 
TYR HB2  H  N N 318 
TYR HB3  H  N N 319 
TYR HD1  H  N N 320 
TYR HD2  H  N N 321 
TYR HE1  H  N N 322 
TYR HE2  H  N N 323 
TYR HH   H  N N 324 
TYR HXT  H  N N 325 
VAL N    N  N N 326 
VAL CA   C  N S 327 
VAL C    C  N N 328 
VAL O    O  N N 329 
VAL CB   C  N N 330 
VAL CG1  C  N N 331 
VAL CG2  C  N N 332 
VAL OXT  O  N N 333 
VAL H    H  N N 334 
VAL H2   H  N N 335 
VAL HA   H  N N 336 
VAL HB   H  N N 337 
VAL HG11 H  N N 338 
VAL HG12 H  N N 339 
VAL HG13 H  N N 340 
VAL HG21 H  N N 341 
VAL HG22 H  N N 342 
VAL HG23 H  N N 343 
VAL HXT  H  N N 344 
# 
loop_
_chem_comp_bond.comp_id 
_chem_comp_bond.atom_id_1 
_chem_comp_bond.atom_id_2 
_chem_comp_bond.value_order 
_chem_comp_bond.pdbx_aromatic_flag 
_chem_comp_bond.pdbx_stereo_config 
_chem_comp_bond.pdbx_ordinal 
ALA N   CA   sing N N 1   
ALA N   H    sing N N 2   
ALA N   H2   sing N N 3   
ALA CA  C    sing N N 4   
ALA CA  CB   sing N N 5   
ALA CA  HA   sing N N 6   
ALA C   O    doub N N 7   
ALA C   OXT  sing N N 8   
ALA CB  HB1  sing N N 9   
ALA CB  HB2  sing N N 10  
ALA CB  HB3  sing N N 11  
ALA OXT HXT  sing N N 12  
ARG N   CA   sing N N 13  
ARG N   H    sing N N 14  
ARG N   H2   sing N N 15  
ARG CA  C    sing N N 16  
ARG CA  CB   sing N N 17  
ARG CA  HA   sing N N 18  
ARG C   O    doub N N 19  
ARG C   OXT  sing N N 20  
ARG CB  CG   sing N N 21  
ARG CB  HB2  sing N N 22  
ARG CB  HB3  sing N N 23  
ARG CG  CD   sing N N 24  
ARG CG  HG2  sing N N 25  
ARG CG  HG3  sing N N 26  
ARG CD  NE   sing N N 27  
ARG CD  HD2  sing N N 28  
ARG CD  HD3  sing N N 29  
ARG NE  CZ   sing N N 30  
ARG NE  HE   sing N N 31  
ARG CZ  NH1  sing N N 32  
ARG CZ  NH2  doub N N 33  
ARG NH1 HH11 sing N N 34  
ARG NH1 HH12 sing N N 35  
ARG NH2 HH21 sing N N 36  
ARG NH2 HH22 sing N N 37  
ARG OXT HXT  sing N N 38  
ASN N   CA   sing N N 39  
ASN N   H    sing N N 40  
ASN N   H2   sing N N 41  
ASN CA  C    sing N N 42  
ASN CA  CB   sing N N 43  
ASN CA  HA   sing N N 44  
ASN C   O    doub N N 45  
ASN C   OXT  sing N N 46  
ASN CB  CG   sing N N 47  
ASN CB  HB2  sing N N 48  
ASN CB  HB3  sing N N 49  
ASN CG  OD1  doub N N 50  
ASN CG  ND2  sing N N 51  
ASN ND2 HD21 sing N N 52  
ASN ND2 HD22 sing N N 53  
ASN OXT HXT  sing N N 54  
ASP N   CA   sing N N 55  
ASP N   H    sing N N 56  
ASP N   H2   sing N N 57  
ASP CA  C    sing N N 58  
ASP CA  CB   sing N N 59  
ASP CA  HA   sing N N 60  
ASP C   O    doub N N 61  
ASP C   OXT  sing N N 62  
ASP CB  CG   sing N N 63  
ASP CB  HB2  sing N N 64  
ASP CB  HB3  sing N N 65  
ASP CG  OD1  doub N N 66  
ASP CG  OD2  sing N N 67  
ASP OD2 HD2  sing N N 68  
ASP OXT HXT  sing N N 69  
CYS N   CA   sing N N 70  
CYS N   H    sing N N 71  
CYS N   H2   sing N N 72  
CYS CA  C    sing N N 73  
CYS CA  CB   sing N N 74  
CYS CA  HA   sing N N 75  
CYS C   O    doub N N 76  
CYS C   OXT  sing N N 77  
CYS CB  SG   sing N N 78  
CYS CB  HB2  sing N N 79  
CYS CB  HB3  sing N N 80  
CYS SG  HG   sing N N 81  
CYS OXT HXT  sing N N 82  
GLN N   CA   sing N N 83  
GLN N   H    sing N N 84  
GLN N   H2   sing N N 85  
GLN CA  C    sing N N 86  
GLN CA  CB   sing N N 87  
GLN CA  HA   sing N N 88  
GLN C   O    doub N N 89  
GLN C   OXT  sing N N 90  
GLN CB  CG   sing N N 91  
GLN CB  HB2  sing N N 92  
GLN CB  HB3  sing N N 93  
GLN CG  CD   sing N N 94  
GLN CG  HG2  sing N N 95  
GLN CG  HG3  sing N N 96  
GLN CD  OE1  doub N N 97  
GLN CD  NE2  sing N N 98  
GLN NE2 HE21 sing N N 99  
GLN NE2 HE22 sing N N 100 
GLN OXT HXT  sing N N 101 
GLU N   CA   sing N N 102 
GLU N   H    sing N N 103 
GLU N   H2   sing N N 104 
GLU CA  C    sing N N 105 
GLU CA  CB   sing N N 106 
GLU CA  HA   sing N N 107 
GLU C   O    doub N N 108 
GLU C   OXT  sing N N 109 
GLU CB  CG   sing N N 110 
GLU CB  HB2  sing N N 111 
GLU CB  HB3  sing N N 112 
GLU CG  CD   sing N N 113 
GLU CG  HG2  sing N N 114 
GLU CG  HG3  sing N N 115 
GLU CD  OE1  doub N N 116 
GLU CD  OE2  sing N N 117 
GLU OE2 HE2  sing N N 118 
GLU OXT HXT  sing N N 119 
GLY N   CA   sing N N 120 
GLY N   H    sing N N 121 
GLY N   H2   sing N N 122 
GLY CA  C    sing N N 123 
GLY CA  HA2  sing N N 124 
GLY CA  HA3  sing N N 125 
GLY C   O    doub N N 126 
GLY C   OXT  sing N N 127 
GLY OXT HXT  sing N N 128 
HIS N   CA   sing N N 129 
HIS N   H    sing N N 130 
HIS N   H2   sing N N 131 
HIS CA  C    sing N N 132 
HIS CA  CB   sing N N 133 
HIS CA  HA   sing N N 134 
HIS C   O    doub N N 135 
HIS C   OXT  sing N N 136 
HIS CB  CG   sing N N 137 
HIS CB  HB2  sing N N 138 
HIS CB  HB3  sing N N 139 
HIS CG  ND1  sing Y N 140 
HIS CG  CD2  doub Y N 141 
HIS ND1 CE1  doub Y N 142 
HIS ND1 HD1  sing N N 143 
HIS CD2 NE2  sing Y N 144 
HIS CD2 HD2  sing N N 145 
HIS CE1 NE2  sing Y N 146 
HIS CE1 HE1  sing N N 147 
HIS NE2 HE2  sing N N 148 
HIS OXT HXT  sing N N 149 
HOH O   H1   sing N N 150 
HOH O   H2   sing N N 151 
ILE N   CA   sing N N 152 
ILE N   H    sing N N 153 
ILE N   H2   sing N N 154 
ILE CA  C    sing N N 155 
ILE CA  CB   sing N N 156 
ILE CA  HA   sing N N 157 
ILE C   O    doub N N 158 
ILE C   OXT  sing N N 159 
ILE CB  CG1  sing N N 160 
ILE CB  CG2  sing N N 161 
ILE CB  HB   sing N N 162 
ILE CG1 CD1  sing N N 163 
ILE CG1 HG12 sing N N 164 
ILE CG1 HG13 sing N N 165 
ILE CG2 HG21 sing N N 166 
ILE CG2 HG22 sing N N 167 
ILE CG2 HG23 sing N N 168 
ILE CD1 HD11 sing N N 169 
ILE CD1 HD12 sing N N 170 
ILE CD1 HD13 sing N N 171 
ILE OXT HXT  sing N N 172 
LEU N   CA   sing N N 173 
LEU N   H    sing N N 174 
LEU N   H2   sing N N 175 
LEU CA  C    sing N N 176 
LEU CA  CB   sing N N 177 
LEU CA  HA   sing N N 178 
LEU C   O    doub N N 179 
LEU C   OXT  sing N N 180 
LEU CB  CG   sing N N 181 
LEU CB  HB2  sing N N 182 
LEU CB  HB3  sing N N 183 
LEU CG  CD1  sing N N 184 
LEU CG  CD2  sing N N 185 
LEU CG  HG   sing N N 186 
LEU CD1 HD11 sing N N 187 
LEU CD1 HD12 sing N N 188 
LEU CD1 HD13 sing N N 189 
LEU CD2 HD21 sing N N 190 
LEU CD2 HD22 sing N N 191 
LEU CD2 HD23 sing N N 192 
LEU OXT HXT  sing N N 193 
LYS N   CA   sing N N 194 
LYS N   H    sing N N 195 
LYS N   H2   sing N N 196 
LYS CA  C    sing N N 197 
LYS CA  CB   sing N N 198 
LYS CA  HA   sing N N 199 
LYS C   O    doub N N 200 
LYS C   OXT  sing N N 201 
LYS CB  CG   sing N N 202 
LYS CB  HB2  sing N N 203 
LYS CB  HB3  sing N N 204 
LYS CG  CD   sing N N 205 
LYS CG  HG2  sing N N 206 
LYS CG  HG3  sing N N 207 
LYS CD  CE   sing N N 208 
LYS CD  HD2  sing N N 209 
LYS CD  HD3  sing N N 210 
LYS CE  NZ   sing N N 211 
LYS CE  HE2  sing N N 212 
LYS CE  HE3  sing N N 213 
LYS NZ  HZ1  sing N N 214 
LYS NZ  HZ2  sing N N 215 
LYS NZ  HZ3  sing N N 216 
LYS OXT HXT  sing N N 217 
PHE N   CA   sing N N 218 
PHE N   H    sing N N 219 
PHE N   H2   sing N N 220 
PHE CA  C    sing N N 221 
PHE CA  CB   sing N N 222 
PHE CA  HA   sing N N 223 
PHE C   O    doub N N 224 
PHE C   OXT  sing N N 225 
PHE CB  CG   sing N N 226 
PHE CB  HB2  sing N N 227 
PHE CB  HB3  sing N N 228 
PHE CG  CD1  doub Y N 229 
PHE CG  CD2  sing Y N 230 
PHE CD1 CE1  sing Y N 231 
PHE CD1 HD1  sing N N 232 
PHE CD2 CE2  doub Y N 233 
PHE CD2 HD2  sing N N 234 
PHE CE1 CZ   doub Y N 235 
PHE CE1 HE1  sing N N 236 
PHE CE2 CZ   sing Y N 237 
PHE CE2 HE2  sing N N 238 
PHE CZ  HZ   sing N N 239 
PHE OXT HXT  sing N N 240 
PRO N   CA   sing N N 241 
PRO N   CD   sing N N 242 
PRO N   H    sing N N 243 
PRO CA  C    sing N N 244 
PRO CA  CB   sing N N 245 
PRO CA  HA   sing N N 246 
PRO C   O    doub N N 247 
PRO C   OXT  sing N N 248 
PRO CB  CG   sing N N 249 
PRO CB  HB2  sing N N 250 
PRO CB  HB3  sing N N 251 
PRO CG  CD   sing N N 252 
PRO CG  HG2  sing N N 253 
PRO CG  HG3  sing N N 254 
PRO CD  HD2  sing N N 255 
PRO CD  HD3  sing N N 256 
PRO OXT HXT  sing N N 257 
SER N   CA   sing N N 258 
SER N   H    sing N N 259 
SER N   H2   sing N N 260 
SER CA  C    sing N N 261 
SER CA  CB   sing N N 262 
SER CA  HA   sing N N 263 
SER C   O    doub N N 264 
SER C   OXT  sing N N 265 
SER CB  OG   sing N N 266 
SER CB  HB2  sing N N 267 
SER CB  HB3  sing N N 268 
SER OG  HG   sing N N 269 
SER OXT HXT  sing N N 270 
THR N   CA   sing N N 271 
THR N   H    sing N N 272 
THR N   H2   sing N N 273 
THR CA  C    sing N N 274 
THR CA  CB   sing N N 275 
THR CA  HA   sing N N 276 
THR C   O    doub N N 277 
THR C   OXT  sing N N 278 
THR CB  OG1  sing N N 279 
THR CB  CG2  sing N N 280 
THR CB  HB   sing N N 281 
THR OG1 HG1  sing N N 282 
THR CG2 HG21 sing N N 283 
THR CG2 HG22 sing N N 284 
THR CG2 HG23 sing N N 285 
THR OXT HXT  sing N N 286 
TYR N   CA   sing N N 287 
TYR N   H    sing N N 288 
TYR N   H2   sing N N 289 
TYR CA  C    sing N N 290 
TYR CA  CB   sing N N 291 
TYR CA  HA   sing N N 292 
TYR C   O    doub N N 293 
TYR C   OXT  sing N N 294 
TYR CB  CG   sing N N 295 
TYR CB  HB2  sing N N 296 
TYR CB  HB3  sing N N 297 
TYR CG  CD1  doub Y N 298 
TYR CG  CD2  sing Y N 299 
TYR CD1 CE1  sing Y N 300 
TYR CD1 HD1  sing N N 301 
TYR CD2 CE2  doub Y N 302 
TYR CD2 HD2  sing N N 303 
TYR CE1 CZ   doub Y N 304 
TYR CE1 HE1  sing N N 305 
TYR CE2 CZ   sing Y N 306 
TYR CE2 HE2  sing N N 307 
TYR CZ  OH   sing N N 308 
TYR OH  HH   sing N N 309 
TYR OXT HXT  sing N N 310 
VAL N   CA   sing N N 311 
VAL N   H    sing N N 312 
VAL N   H2   sing N N 313 
VAL CA  C    sing N N 314 
VAL CA  CB   sing N N 315 
VAL CA  HA   sing N N 316 
VAL C   O    doub N N 317 
VAL C   OXT  sing N N 318 
VAL CB  CG1  sing N N 319 
VAL CB  CG2  sing N N 320 
VAL CB  HB   sing N N 321 
VAL CG1 HG11 sing N N 322 
VAL CG1 HG12 sing N N 323 
VAL CG1 HG13 sing N N 324 
VAL CG2 HG21 sing N N 325 
VAL CG2 HG22 sing N N 326 
VAL CG2 HG23 sing N N 327 
VAL OXT HXT  sing N N 328 
# 
_pdbx_initial_refinement_model.id               1 
_pdbx_initial_refinement_model.entity_id_list   ? 
_pdbx_initial_refinement_model.type             'experimental model' 
_pdbx_initial_refinement_model.source_name      PDB 
_pdbx_initial_refinement_model.accession_code   2O37 
_pdbx_initial_refinement_model.details          'PDB entry 2O37' 
# 
_atom_sites.entry_id                    2QSA 
_atom_sites.fract_transf_matrix[1][1]   -0.00217603 
_atom_sites.fract_transf_matrix[1][2]   -0.00180755 
_atom_sites.fract_transf_matrix[1][3]   0.01394551 
_atom_sites.fract_transf_matrix[2][1]   -0.00141460 
_atom_sites.fract_transf_matrix[2][2]   -0.01311412 
_atom_sites.fract_transf_matrix[2][3]   0.00533962 
_atom_sites.fract_transf_matrix[3][1]   0.01646010 
_atom_sites.fract_transf_matrix[3][2]   -0.00077042 
_atom_sites.fract_transf_matrix[3][3]   0.00246855 
_atom_sites.fract_transf_vector[1]      0.269508 
_atom_sites.fract_transf_vector[2]      -0.002539 
_atom_sites.fract_transf_vector[3]      0.330558 
# 
loop_
_atom_type.symbol 
C  
CL 
N  
O  
S  
# 
loop_
_atom_site.group_PDB 
_atom_site.id 
_atom_site.type_symbol 
_atom_site.label_atom_id 
_atom_site.label_alt_id 
_atom_site.label_comp_id 
_atom_site.label_asym_id 
_atom_site.label_entity_id 
_atom_site.label_seq_id 
_atom_site.pdbx_PDB_ins_code 
_atom_site.Cartn_x 
_atom_site.Cartn_y 
_atom_site.Cartn_z 
_atom_site.occupancy 
_atom_site.B_iso_or_equiv 
_atom_site.pdbx_formal_charge 
_atom_site.auth_seq_id 
_atom_site.auth_comp_id 
_atom_site.auth_asym_id 
_atom_site.auth_atom_id 
_atom_site.pdbx_PDB_model_num 
ATOM   1    N  N   A ASN A 1 2   ? 9.486   -11.338 2.637   0.50 24.09 ? 22  ASN A N   1 
ATOM   2    N  N   B ASN A 1 2   ? 12.084  -10.986 3.215   0.50 26.97 ? 22  ASN A N   1 
ATOM   3    C  CA  A ASN A 1 2   ? 10.877  -10.895 2.398   0.50 22.89 ? 22  ASN A CA  1 
ATOM   4    C  CA  B ASN A 1 2   ? 11.093  -11.085 2.091   0.50 25.94 ? 22  ASN A CA  1 
ATOM   5    C  C   A ASN A 1 2   ? 10.934  -9.906  1.238   0.50 22.76 ? 22  ASN A C   1 
ATOM   6    C  C   B ASN A 1 2   ? 10.991  -9.892  1.123   0.50 24.58 ? 22  ASN A C   1 
ATOM   7    O  O   A ASN A 1 2   ? 10.748  -10.264 0.072   0.50 21.92 ? 22  ASN A O   1 
ATOM   8    O  O   B ASN A 1 2   ? 10.731  -10.109 -0.064  0.50 23.68 ? 22  ASN A O   1 
ATOM   9    C  CB  A ASN A 1 2   ? 11.807  -12.105 2.150   0.50 23.12 ? 22  ASN A CB  1 
ATOM   10   C  CB  B ASN A 1 2   ? 9.709   -11.619 2.528   0.50 27.06 ? 22  ASN A CB  1 
ATOM   11   C  CG  A ASN A 1 2   ? 13.271  -11.729 2.129   0.50 24.52 ? 22  ASN A CG  1 
ATOM   12   C  CG  B ASN A 1 2   ? 9.228   -11.081 3.888   0.50 28.26 ? 22  ASN A CG  1 
ATOM   13   O  OD1 A ASN A 1 2   ? 13.641  -10.542 2.001   0.50 24.79 ? 22  ASN A OD1 1 
ATOM   14   O  OD1 B ASN A 1 2   ? 9.934   -10.355 4.593   0.50 31.28 ? 22  ASN A OD1 1 
ATOM   15   N  ND2 A ASN A 1 2   ? 14.133  -12.744 2.267   0.50 25.89 ? 22  ASN A ND2 1 
ATOM   16   N  ND2 B ASN A 1 2   ? 8.005   -11.467 4.258   0.50 28.55 ? 22  ASN A ND2 1 
ATOM   17   N  N   . ALA A 1 3   ? 11.254  -8.664  1.584   1.00 22.97 ? 23  ALA A N   1 
ATOM   18   C  CA  . ALA A 1 3   ? 11.190  -7.536  0.657   1.00 22.60 ? 23  ALA A CA  1 
ATOM   19   C  C   . ALA A 1 3   ? 12.262  -7.589  -0.421  1.00 22.59 ? 23  ALA A C   1 
ATOM   20   O  O   . ALA A 1 3   ? 12.128  -6.916  -1.454  1.00 22.30 ? 23  ALA A O   1 
ATOM   21   C  CB  . ALA A 1 3   ? 11.180  -6.204  1.407   1.00 22.23 ? 23  ALA A CB  1 
ATOM   22   N  N   . VAL A 1 4   ? 13.328  -8.397  -0.231  1.00 24.43 ? 24  VAL A N   1 
ATOM   23   C  CA  . VAL A 1 4   ? 14.225  -8.710  -1.400  1.00 25.74 ? 24  VAL A CA  1 
ATOM   24   C  C   . VAL A 1 4   ? 13.523  -9.271  -2.616  1.00 26.30 ? 24  VAL A C   1 
ATOM   25   O  O   . VAL A 1 4   ? 13.998  -9.099  -3.743  1.00 29.16 ? 24  VAL A O   1 
ATOM   26   C  CB  . VAL A 1 4   ? 15.459  -9.701  -1.129  1.00 27.41 ? 24  VAL A CB  1 
ATOM   27   C  CG1 . VAL A 1 4   ? 16.689  -8.933  -0.719  1.00 26.33 ? 24  VAL A CG1 1 
ATOM   28   C  CG2 . VAL A 1 4   ? 15.122  -10.796 -0.169  1.00 27.35 ? 24  VAL A CG2 1 
ATOM   29   N  N   . GLY A 1 5   ? 12.434  -9.993  -2.412  1.00 24.57 ? 25  GLY A N   1 
ATOM   30   C  CA  . GLY A 1 5   ? 11.660  -10.534 -3.510  1.00 24.45 ? 25  GLY A CA  1 
ATOM   31   C  C   . GLY A 1 5   ? 10.738  -9.530  -4.147  1.00 23.97 ? 25  GLY A C   1 
ATOM   32   O  O   . GLY A 1 5   ? 10.113  -9.856  -5.162  1.00 25.45 ? 25  GLY A O   1 
ATOM   33   N  N   . PHE A 1 6   ? 10.601  -8.331  -3.546  1.00 20.66 ? 26  PHE A N   1 
ATOM   34   C  CA  . PHE A 1 6   ? 9.636   -7.354  -4.074  1.00 19.59 ? 26  PHE A CA  1 
ATOM   35   C  C   . PHE A 1 6   ? 10.217  -6.564  -5.247  1.00 19.72 ? 26  PHE A C   1 
ATOM   36   O  O   . PHE A 1 6   ? 11.430  -6.378  -5.368  1.00 19.31 ? 26  PHE A O   1 
ATOM   37   C  CB  . PHE A 1 6   ? 9.180   -6.324  -3.022  1.00 18.68 ? 26  PHE A CB  1 
ATOM   38   C  CG  . PHE A 1 6   ? 8.413   -6.904  -1.853  1.00 18.91 ? 26  PHE A CG  1 
ATOM   39   C  CD1 . PHE A 1 6   ? 8.024   -8.249  -1.852  1.00 20.22 ? 26  PHE A CD1 1 
ATOM   40   C  CD2 . PHE A 1 6   ? 8.049   -6.094  -0.771  1.00 19.06 ? 26  PHE A CD2 1 
ATOM   41   C  CE1 . PHE A 1 6   ? 7.291   -8.806  -0.796  1.00 19.82 ? 26  PHE A CE1 1 
ATOM   42   C  CE2 . PHE A 1 6   ? 7.351   -6.631  0.308   1.00 17.89 ? 26  PHE A CE2 1 
ATOM   43   C  CZ  . PHE A 1 6   ? 6.939   -7.998  0.294   1.00 18.58 ? 26  PHE A CZ  1 
ATOM   44   N  N   . ALA A 1 7   ? 9.306   -6.039  -6.066  1.00 20.72 ? 27  ALA A N   1 
ATOM   45   C  CA  . ALA A 1 7   ? 9.646   -5.087  -7.098  1.00 20.70 ? 27  ALA A CA  1 
ATOM   46   C  C   . ALA A 1 7   ? 9.239   -3.689  -6.647  1.00 21.30 ? 27  ALA A C   1 
ATOM   47   O  O   . ALA A 1 7   ? 8.089   -3.457  -6.288  1.00 19.48 ? 27  ALA A O   1 
ATOM   48   C  CB  . ALA A 1 7   ? 8.945   -5.475  -8.447  1.00 21.41 ? 27  ALA A CB  1 
ATOM   49   N  N   . PRO A 1 8   ? 10.186  -2.729  -6.660  1.00 22.01 ? 28  PRO A N   1 
ATOM   50   C  CA  . PRO A 1 8   ? 9.875   -1.325  -6.315  1.00 21.79 ? 28  PRO A CA  1 
ATOM   51   C  C   . PRO A 1 8   ? 8.667   -0.734  -7.069  1.00 21.75 ? 28  PRO A C   1 
ATOM   52   O  O   . PRO A 1 8   ? 7.914   0.077   -6.516  1.00 22.21 ? 28  PRO A O   1 
ATOM   53   C  CB  . PRO A 1 8   ? 11.186  -0.578  -6.678  1.00 23.25 ? 28  PRO A CB  1 
ATOM   54   C  CG  . PRO A 1 8   ? 12.242  -1.622  -6.447  1.00 23.09 ? 28  PRO A CG  1 
ATOM   55   C  CD  . PRO A 1 8   ? 11.631  -2.925  -6.944  1.00 22.74 ? 28  PRO A CD  1 
ATOM   56   N  N   . GLU A 1 9   ? 8.471   -1.124  -8.329  1.00 21.69 ? 29  GLU A N   1 
ATOM   57   C  CA  A GLU A 1 9   ? 7.397   -0.517  -9.110  0.50 21.60 ? 29  GLU A CA  1 
ATOM   58   C  CA  B GLU A 1 9   ? 7.404   -0.549  -9.148  0.50 21.61 ? 29  GLU A CA  1 
ATOM   59   C  C   . GLU A 1 9   ? 6.017   -1.130  -8.843  1.00 20.34 ? 29  GLU A C   1 
ATOM   60   O  O   . GLU A 1 9   ? 5.012   -0.594  -9.296  1.00 21.02 ? 29  GLU A O   1 
ATOM   61   C  CB  A GLU A 1 9   ? 7.712   -0.513  -10.605 0.50 22.20 ? 29  GLU A CB  1 
ATOM   62   C  CB  B GLU A 1 9   ? 7.717   -0.675  -10.643 0.50 22.14 ? 29  GLU A CB  1 
ATOM   63   C  CG  A GLU A 1 9   ? 7.956   -1.885  -11.190 0.50 23.47 ? 29  GLU A CG  1 
ATOM   64   C  CG  B GLU A 1 9   ? 7.634   -2.090  -11.192 0.50 23.22 ? 29  GLU A CG  1 
ATOM   65   C  CD  A GLU A 1 9   ? 9.419   -2.284  -11.178 0.50 23.35 ? 29  GLU A CD  1 
ATOM   66   C  CD  B GLU A 1 9   ? 8.256   -2.208  -12.583 0.50 22.12 ? 29  GLU A CD  1 
ATOM   67   O  OE1 A GLU A 1 9   ? 10.121  -2.030  -10.175 0.50 22.18 ? 29  GLU A OE1 1 
ATOM   68   O  OE1 B GLU A 1 9   ? 7.553   -1.961  -13.580 0.50 23.04 ? 29  GLU A OE1 1 
ATOM   69   O  OE2 A GLU A 1 9   ? 9.869   -2.864  -12.182 0.50 25.18 ? 29  GLU A OE2 1 
ATOM   70   O  OE2 B GLU A 1 9   ? 9.437   -2.563  -12.664 0.50 25.15 ? 29  GLU A OE2 1 
ATOM   71   N  N   . LEU A 1 10  ? 5.950   -2.247  -8.118  1.00 19.11 ? 30  LEU A N   1 
ATOM   72   C  CA  A LEU A 1 10  ? 4.626   -2.882  -7.892  0.60 17.60 ? 30  LEU A CA  1 
ATOM   73   C  CA  B LEU A 1 10  ? 4.638   -2.897  -7.880  0.40 17.89 ? 30  LEU A CA  1 
ATOM   74   C  C   . LEU A 1 10  ? 4.080   -2.586  -6.492  1.00 17.20 ? 30  LEU A C   1 
ATOM   75   O  O   . LEU A 1 10  ? 4.826   -2.563  -5.519  1.00 16.50 ? 30  LEU A O   1 
ATOM   76   C  CB  A LEU A 1 10  ? 4.690   -4.409  -8.084  0.60 18.17 ? 30  LEU A CB  1 
ATOM   77   C  CB  B LEU A 1 10  ? 4.737   -4.427  -8.035  0.40 18.29 ? 30  LEU A CB  1 
ATOM   78   C  CG  A LEU A 1 10  ? 5.257   -4.954  -9.405  0.60 16.43 ? 30  LEU A CG  1 
ATOM   79   C  CG  B LEU A 1 10  ? 4.374   -5.102  -9.370  0.40 17.60 ? 30  LEU A CG  1 
ATOM   80   C  CD1 A LEU A 1 10  ? 5.300   -6.476  -9.364  0.60 17.27 ? 30  LEU A CD1 1 
ATOM   81   C  CD1 B LEU A 1 10  ? 4.989   -4.401  -10.560 0.40 18.55 ? 30  LEU A CD1 1 
ATOM   82   C  CD2 A LEU A 1 10  ? 4.446   -4.481  -10.569 0.60 17.56 ? 30  LEU A CD2 1 
ATOM   83   C  CD2 B LEU A 1 10  ? 4.771   -6.570  -9.357  0.40 17.92 ? 30  LEU A CD2 1 
ATOM   84   N  N   . TYR A 1 11  ? 2.760   -2.384  -6.412  1.00 16.99 ? 31  TYR A N   1 
ATOM   85   C  CA  . TYR A 1 11  ? 2.085   -2.302  -5.108  1.00 14.73 ? 31  TYR A CA  1 
ATOM   86   C  C   . TYR A 1 11  ? 2.770   -1.273  -4.191  1.00 16.13 ? 31  TYR A C   1 
ATOM   87   O  O   . TYR A 1 11  ? 2.981   -0.124  -4.623  1.00 15.81 ? 31  TYR A O   1 
ATOM   88   C  CB  . TYR A 1 11  ? 2.044   -3.713  -4.488  1.00 15.77 ? 31  TYR A CB  1 
ATOM   89   C  CG  . TYR A 1 11  ? 1.273   -4.687  -5.369  1.00 14.02 ? 31  TYR A CG  1 
ATOM   90   C  CD1 . TYR A 1 11  ? -0.109  -4.514  -5.565  1.00 15.54 ? 31  TYR A CD1 1 
ATOM   91   C  CD2 . TYR A 1 11  ? 1.910   -5.769  -6.012  1.00 13.27 ? 31  TYR A CD2 1 
ATOM   92   C  CE1 . TYR A 1 11  ? -0.854  -5.402  -6.356  1.00 13.19 ? 31  TYR A CE1 1 
ATOM   93   C  CE2 . TYR A 1 11  ? 1.168   -6.657  -6.820  1.00 15.38 ? 31  TYR A CE2 1 
ATOM   94   C  CZ  . TYR A 1 11  ? -0.193  -6.478  -6.964  1.00 13.35 ? 31  TYR A CZ  1 
ATOM   95   O  OH  . TYR A 1 11  ? -0.908  -7.352  -7.745  1.00 13.72 ? 31  TYR A OH  1 
ATOM   96   N  N   . CYS A 1 12  ? 3.082   -1.661  -2.943  1.00 15.25 ? 32  CYS A N   1 
ATOM   97   C  CA  . CYS A 1 12  ? 3.712   -0.714  -1.993  1.00 14.43 ? 32  CYS A CA  1 
ATOM   98   C  C   . CYS A 1 12  ? 5.252   -0.722  -2.090  1.00 14.56 ? 32  CYS A C   1 
ATOM   99   O  O   . CYS A 1 12  ? 5.932   -0.296  -1.135  1.00 14.99 ? 32  CYS A O   1 
ATOM   100  C  CB  . CYS A 1 12  ? 3.275   -1.013  -0.543  1.00 15.42 ? 32  CYS A CB  1 
ATOM   101  S  SG  . CYS A 1 12  ? 1.463   -0.836  -0.388  1.00 16.31 ? 32  CYS A SG  1 
ATOM   102  N  N   . GLY A 1 13  ? 5.773   -1.173  -3.227  1.00 14.41 ? 33  GLY A N   1 
ATOM   103  C  CA  . GLY A 1 13  ? 7.207   -1.106  -3.501  1.00 14.93 ? 33  GLY A CA  1 
ATOM   104  C  C   . GLY A 1 13  ? 7.990   -2.029  -2.596  1.00 15.00 ? 33  GLY A C   1 
ATOM   105  O  O   . GLY A 1 13  ? 7.654   -3.231  -2.510  1.00 15.93 ? 33  GLY A O   1 
ATOM   106  N  N   . LEU A 1 14  ? 8.999   -1.483  -1.886  1.00 13.95 ? 34  LEU A N   1 
ATOM   107  C  CA  . LEU A 1 14  ? 9.802   -2.331  -0.994  1.00 13.78 ? 34  LEU A CA  1 
ATOM   108  C  C   . LEU A 1 14  ? 9.253   -2.446  0.451   1.00 14.08 ? 34  LEU A C   1 
ATOM   109  O  O   . LEU A 1 14  ? 9.900   -3.035  1.335   1.00 14.97 ? 34  LEU A O   1 
ATOM   110  C  CB  . LEU A 1 14  ? 11.281  -1.924  -1.067  1.00 13.63 ? 34  LEU A CB  1 
ATOM   111  C  CG  . LEU A 1 14  ? 11.822  -2.101  -2.500  1.00 16.27 ? 34  LEU A CG  1 
ATOM   112  C  CD1 . LEU A 1 14  ? 13.344  -1.758  -2.453  1.00 16.85 ? 34  LEU A CD1 1 
ATOM   113  C  CD2 . LEU A 1 14  ? 11.600  -3.522  -3.042  1.00 15.91 ? 34  LEU A CD2 1 
ATOM   114  N  N   . GLU A 1 15  ? 8.008   -1.984  0.650   1.00 13.39 ? 35  GLU A N   1 
ATOM   115  C  CA  . GLU A 1 15  ? 7.258   -2.290  1.863   1.00 12.68 ? 35  GLU A CA  1 
ATOM   116  C  C   . GLU A 1 15  ? 6.140   -3.221  1.528   1.00 14.38 ? 35  GLU A C   1 
ATOM   117  O  O   . GLU A 1 15  ? 5.594   -3.192  0.406   1.00 14.07 ? 35  GLU A O   1 
ATOM   118  C  CB  . GLU A 1 15  ? 6.612   -1.017  2.463   1.00 14.33 ? 35  GLU A CB  1 
ATOM   119  C  CG  . GLU A 1 15  ? 7.649   -0.103  3.084   1.00 13.52 ? 35  GLU A CG  1 
ATOM   120  C  CD  . GLU A 1 15  ? 6.972   1.150   3.631   1.00 13.99 ? 35  GLU A CD  1 
ATOM   121  O  OE1 . GLU A 1 15  ? 6.696   2.038   2.801   1.00 16.02 ? 35  GLU A OE1 1 
ATOM   122  O  OE2 . GLU A 1 15  ? 6.683   1.184   4.856   1.00 14.71 ? 35  GLU A OE2 1 
ATOM   123  N  N   . ASN A 1 16  ? 5.813   -4.047  2.512   1.00 13.25 ? 36  ASN A N   1 
ATOM   124  C  CA  . ASN A 1 16  ? 4.630   -4.933  2.415   1.00 14.42 ? 36  ASN A CA  1 
ATOM   125  C  C   . ASN A 1 16  ? 3.374   -4.100  2.746   1.00 13.60 ? 36  ASN A C   1 
ATOM   126  O  O   . ASN A 1 16  ? 3.338   -3.341  3.741   1.00 13.90 ? 36  ASN A O   1 
ATOM   127  C  CB  . ASN A 1 16  ? 4.849   -6.077  3.423   1.00 15.71 ? 36  ASN A CB  1 
ATOM   128  C  CG  . ASN A 1 16  ? 3.660   -7.026  3.510   1.00 18.41 ? 36  ASN A CG  1 
ATOM   129  O  OD1 . ASN A 1 16  ? 2.505   -6.611  3.538   1.00 19.34 ? 36  ASN A OD1 1 
ATOM   130  N  ND2 . ASN A 1 16  ? 3.956   -8.313  3.620   1.00 17.57 ? 36  ASN A ND2 1 
ATOM   131  N  N   . CYS A 1 17  ? 2.364   -4.110  1.861   1.00 15.05 ? 37  CYS A N   1 
ATOM   132  C  CA  . CYS A 1 17  ? 1.179   -3.231  2.075   1.00 14.18 ? 37  CYS A CA  1 
ATOM   133  C  C   . CYS A 1 17  ? 0.433   -3.521  3.405   1.00 14.78 ? 37  CYS A C   1 
ATOM   134  O  O   . CYS A 1 17  ? -0.161  -2.587  4.003   1.00 14.59 ? 37  CYS A O   1 
ATOM   135  C  CB  . CYS A 1 17  ? 0.161   -3.367  0.921   1.00 15.27 ? 37  CYS A CB  1 
ATOM   136  S  SG  . CYS A 1 17  ? 0.739   -2.838  -0.697  1.00 16.06 ? 37  CYS A SG  1 
ATOM   137  N  N   . TYR A 1 18  ? 0.411   -4.799  3.820   1.00 14.31 ? 38  TYR A N   1 
ATOM   138  C  CA  . TYR A 1 18  ? -0.173  -5.092  5.162   1.00 14.72 ? 38  TYR A CA  1 
ATOM   139  C  C   . TYR A 1 18  ? 0.614   -4.329  6.245   1.00 15.45 ? 38  TYR A C   1 
ATOM   140  O  O   . TYR A 1 18  ? 0.010   -3.738  7.147   1.00 16.42 ? 38  TYR A O   1 
ATOM   141  C  CB  . TYR A 1 18  ? -0.129  -6.565  5.468   1.00 15.61 ? 38  TYR A CB  1 
ATOM   142  C  CG  . TYR A 1 18  ? -1.028  -7.407  4.632   1.00 15.22 ? 38  TYR A CG  1 
ATOM   143  C  CD1 . TYR A 1 18  ? -2.402  -7.547  4.950   1.00 16.62 ? 38  TYR A CD1 1 
ATOM   144  C  CD2 . TYR A 1 18  ? -0.532  -8.087  3.520   1.00 14.22 ? 38  TYR A CD2 1 
ATOM   145  C  CE1 . TYR A 1 18  ? -3.240  -8.398  4.184   1.00 16.94 ? 38  TYR A CE1 1 
ATOM   146  C  CE2 . TYR A 1 18  ? -1.359  -8.958  2.750   1.00 17.08 ? 38  TYR A CE2 1 
ATOM   147  C  CZ  . TYR A 1 18  ? -2.718  -9.076  3.084   1.00 17.25 ? 38  TYR A CZ  1 
ATOM   148  O  OH  . TYR A 1 18  ? -3.528  -9.921  2.341   1.00 17.55 ? 38  TYR A OH  1 
ATOM   149  N  N   . ASP A 1 19  ? 1.942   -4.343  6.161   1.00 15.19 ? 39  ASP A N   1 
ATOM   150  C  CA  . ASP A 1 19  ? 2.766   -3.639  7.169   1.00 17.06 ? 39  ASP A CA  1 
ATOM   151  C  C   . ASP A 1 19  ? 2.554   -2.135  7.108   1.00 16.05 ? 39  ASP A C   1 
ATOM   152  O  O   . ASP A 1 19  ? 2.554   -1.478  8.136   1.00 15.65 ? 39  ASP A O   1 
ATOM   153  C  CB  . ASP A 1 19  ? 4.247   -3.919  6.952   1.00 16.45 ? 39  ASP A CB  1 
ATOM   154  C  CG  . ASP A 1 19  ? 4.612   -5.391  7.185   1.00 22.14 ? 39  ASP A CG  1 
ATOM   155  O  OD1 . ASP A 1 19  ? 3.837   -6.113  7.802   1.00 26.20 ? 39  ASP A OD1 1 
ATOM   156  O  OD2 . ASP A 1 19  ? 5.745   -5.773  6.795   1.00 29.85 ? 39  ASP A OD2 1 
ATOM   157  N  N   . VAL A 1 20  ? 2.384   -1.607  5.889   1.00 14.34 ? 40  VAL A N   1 
ATOM   158  C  CA  . VAL A 1 20  ? 2.148   -0.168  5.743   1.00 15.30 ? 40  VAL A CA  1 
ATOM   159  C  C   . VAL A 1 20  ? 0.953   0.325   6.578   1.00 15.77 ? 40  VAL A C   1 
ATOM   160  O  O   . VAL A 1 20  ? 1.006   1.383   7.207   1.00 14.93 ? 40  VAL A O   1 
ATOM   161  C  CB  . VAL A 1 20  ? 1.936   0.234   4.234   1.00 15.02 ? 40  VAL A CB  1 
ATOM   162  C  CG1 . VAL A 1 20  ? 1.473   1.700   4.117   1.00 14.76 ? 40  VAL A CG1 1 
ATOM   163  C  CG2 . VAL A 1 20  ? 3.240   0.025   3.445   1.00 14.16 ? 40  VAL A CG2 1 
ATOM   164  N  N   . LEU A 1 21  ? -0.116  -0.468  6.565   1.00 14.56 ? 41  LEU A N   1 
ATOM   165  C  CA  . LEU A 1 21  ? -1.304  -0.152  7.342   1.00 16.50 ? 41  LEU A CA  1 
ATOM   166  C  C   . LEU A 1 21  ? -1.342  -0.773  8.738   1.00 16.81 ? 41  LEU A C   1 
ATOM   167  O  O   . LEU A 1 21  ? -2.330  -0.600  9.458   1.00 16.37 ? 41  LEU A O   1 
ATOM   168  C  CB  . LEU A 1 21  ? -2.548  -0.543  6.530   1.00 15.79 ? 41  LEU A CB  1 
ATOM   169  C  CG  . LEU A 1 21  ? -2.697  0.233   5.200   1.00 17.80 ? 41  LEU A CG  1 
ATOM   170  C  CD1 . LEU A 1 21  ? -3.976  -0.263  4.458   1.00 19.60 ? 41  LEU A CD1 1 
ATOM   171  C  CD2 . LEU A 1 21  ? -2.810  1.743   5.432   1.00 16.11 ? 41  LEU A CD2 1 
ATOM   172  N  N   . GLU A 1 22  ? -0.268  -1.458  9.126   1.00 18.52 ? 42  GLU A N   1 
ATOM   173  C  CA  . GLU A 1 22  ? -0.154  -2.129  10.437  1.00 20.83 ? 42  GLU A CA  1 
ATOM   174  C  C   . GLU A 1 22  ? -1.343  -3.083  10.645  1.00 20.99 ? 42  GLU A C   1 
ATOM   175  O  O   . GLU A 1 22  ? -1.929  -3.155  11.729  1.00 21.10 ? 42  GLU A O   1 
ATOM   176  C  CB  . GLU A 1 22  ? 0.010   -1.079  11.570  1.00 20.85 ? 42  GLU A CB  1 
ATOM   177  C  CG  . GLU A 1 22  ? 1.189   -0.087  11.317  1.00 24.96 ? 42  GLU A CG  1 
ATOM   178  C  CD  . GLU A 1 22  ? 1.232   1.174   12.248  1.00 27.43 ? 42  GLU A CD  1 
ATOM   179  O  OE1 . GLU A 1 22  ? 0.191   1.631   12.782  1.00 33.66 ? 42  GLU A OE1 1 
ATOM   180  O  OE2 . GLU A 1 22  ? 2.338   1.749   12.390  1.00 35.40 ? 42  GLU A OE2 1 
ATOM   181  N  N   . VAL A 1 23  ? -1.730  -3.783  9.583   1.00 19.83 ? 43  VAL A N   1 
ATOM   182  C  CA  . VAL A 1 23  ? -2.741  -4.834  9.676   1.00 22.04 ? 43  VAL A CA  1 
ATOM   183  C  C   . VAL A 1 23  ? -2.078  -6.190  9.459   1.00 23.19 ? 43  VAL A C   1 
ATOM   184  O  O   . VAL A 1 23  ? -0.974  -6.275  8.915   1.00 24.94 ? 43  VAL A O   1 
ATOM   185  C  CB  . VAL A 1 23  ? -3.914  -4.664  8.686   1.00 22.24 ? 43  VAL A CB  1 
ATOM   186  C  CG1 . VAL A 1 23  ? -4.714  -3.421  9.017   1.00 23.67 ? 43  VAL A CG1 1 
ATOM   187  C  CG2 . VAL A 1 23  ? -3.421  -4.609  7.300   1.00 23.29 ? 43  VAL A CG2 1 
ATOM   188  N  N   . ASN A 1 24  ? -2.754  -7.242  9.883   1.00 22.84 ? 44  ASN A N   1 
ATOM   189  C  CA  . ASN A 1 24  ? -2.149  -8.559  9.883   1.00 24.99 ? 44  ASN A CA  1 
ATOM   190  C  C   . ASN A 1 24  ? -2.821  -9.382  8.784   1.00 23.02 ? 44  ASN A C   1 
ATOM   191  O  O   . ASN A 1 24  ? -4.038  -9.537  8.804   1.00 23.76 ? 44  ASN A O   1 
ATOM   192  C  CB  . ASN A 1 24  ? -2.381  -9.169  11.280  1.00 25.71 ? 44  ASN A CB  1 
ATOM   193  C  CG  . ASN A 1 24  ? -1.840  -10.568 11.419  1.00 30.66 ? 44  ASN A CG  1 
ATOM   194  O  OD1 . ASN A 1 24  ? -1.239  -11.121 10.494  1.00 36.20 ? 44  ASN A OD1 1 
ATOM   195  N  ND2 . ASN A 1 24  ? -2.024  -11.154 12.619  1.00 34.64 ? 44  ASN A ND2 1 
ATOM   196  N  N   . ARG A 1 25  ? -2.059  -9.908  7.827   1.00 22.69 ? 45  ARG A N   1 
ATOM   197  C  CA  . ARG A 1 25  ? -2.672  -10.736 6.775   1.00 21.65 ? 45  ARG A CA  1 
ATOM   198  C  C   . ARG A 1 25  ? -3.515  -11.895 7.350   1.00 23.79 ? 45  ARG A C   1 
ATOM   199  O  O   . ARG A 1 25  ? -4.618  -12.166 6.900   1.00 21.53 ? 45  ARG A O   1 
ATOM   200  C  CB  . ARG A 1 25  ? -1.610  -11.300 5.816   1.00 22.79 ? 45  ARG A CB  1 
ATOM   201  C  CG  . ARG A 1 25  ? -2.155  -12.182 4.736   1.00 19.34 ? 45  ARG A CG  1 
ATOM   202  C  CD  . ARG A 1 25  ? -1.048  -12.611 3.769   1.00 22.86 ? 45  ARG A CD  1 
ATOM   203  N  NE  . ARG A 1 25  ? -1.546  -13.648 2.850   1.00 23.16 ? 45  ARG A NE  1 
ATOM   204  C  CZ  . ARG A 1 25  ? -0.793  -14.305 1.976   1.00 21.75 ? 45  ARG A CZ  1 
ATOM   205  N  NH1 . ARG A 1 25  ? 0.495   -14.059 1.885   1.00 20.30 ? 45  ARG A NH1 1 
ATOM   206  N  NH2 . ARG A 1 25  ? -1.348  -15.225 1.201   1.00 21.74 ? 45  ARG A NH2 1 
ATOM   207  N  N   . GLU A 1 26  ? -2.994  -12.548 8.385   1.00 24.95 ? 46  GLU A N   1 
ATOM   208  C  CA  A GLU A 1 26  ? -3.683  -13.717 8.920   0.60 27.08 ? 46  GLU A CA  1 
ATOM   209  C  CA  B GLU A 1 26  ? -3.650  -13.716 8.976   0.40 27.34 ? 46  GLU A CA  1 
ATOM   210  C  C   . GLU A 1 26  ? -4.949  -13.369 9.708   1.00 27.67 ? 46  GLU A C   1 
ATOM   211  O  O   . GLU A 1 26  ? -5.793  -14.239 9.903   1.00 29.71 ? 46  GLU A O   1 
ATOM   212  C  CB  A GLU A 1 26  ? -2.724  -14.599 9.735   0.60 27.63 ? 46  GLU A CB  1 
ATOM   213  C  CB  B GLU A 1 26  ? -2.679  -14.470 9.905   0.40 27.25 ? 46  GLU A CB  1 
ATOM   214  C  CG  A GLU A 1 26  ? -1.318  -14.795 9.118   0.60 31.31 ? 46  GLU A CG  1 
ATOM   215  C  CG  B GLU A 1 26  ? -2.573  -13.904 11.326  0.40 29.28 ? 46  GLU A CG  1 
ATOM   216  C  CD  A GLU A 1 26  ? -1.317  -15.267 7.656   0.60 35.35 ? 46  GLU A CD  1 
ATOM   217  C  CD  B GLU A 1 26  ? -1.394  -14.444 12.147  0.40 29.85 ? 46  GLU A CD  1 
ATOM   218  O  OE1 A GLU A 1 26  ? -2.313  -15.888 7.216   0.60 37.98 ? 46  GLU A OE1 1 
ATOM   219  O  OE1 B GLU A 1 26  ? -0.579  -15.251 11.626  0.40 33.38 ? 46  GLU A OE1 1 
ATOM   220  O  OE2 A GLU A 1 26  ? -0.306  -15.031 6.950   0.60 36.16 ? 46  GLU A OE2 1 
ATOM   221  O  OE2 B GLU A 1 26  ? -1.291  -14.047 13.332  0.40 31.34 ? 46  GLU A OE2 1 
ATOM   222  N  N   . GLU A 1 27  ? -5.091  -12.112 10.145  1.00 26.62 ? 47  GLU A N   1 
ATOM   223  C  CA  A GLU A 1 27  ? -6.282  -11.698 10.903  0.60 27.39 ? 47  GLU A CA  1 
ATOM   224  C  CA  B GLU A 1 27  ? -6.251  -11.659 10.930  0.40 27.16 ? 47  GLU A CA  1 
ATOM   225  C  C   . GLU A 1 27  ? -6.994  -10.549 10.184  1.00 26.46 ? 47  GLU A C   1 
ATOM   226  O  O   . GLU A 1 27  ? -7.601  -9.653  10.796  1.00 29.20 ? 47  GLU A O   1 
ATOM   227  C  CB  A GLU A 1 27  ? -5.930  -11.338 12.355  0.60 27.49 ? 47  GLU A CB  1 
ATOM   228  C  CB  B GLU A 1 27  ? -5.837  -11.195 12.348  0.40 26.96 ? 47  GLU A CB  1 
ATOM   229  C  CG  A GLU A 1 27  ? -5.187  -12.446 13.133  0.60 28.49 ? 47  GLU A CG  1 
ATOM   230  C  CG  B GLU A 1 27  ? -5.244  -9.776  12.440  0.40 27.18 ? 47  GLU A CG  1 
ATOM   231  C  CD  A GLU A 1 27  ? -6.059  -13.655 13.516  0.60 31.57 ? 47  GLU A CD  1 
ATOM   232  C  CD  B GLU A 1 27  ? -5.060  -9.257  13.874  0.40 27.50 ? 47  GLU A CD  1 
ATOM   233  O  OE1 A GLU A 1 27  ? -7.299  -13.537 13.563  0.60 34.52 ? 47  GLU A OE1 1 
ATOM   234  O  OE1 B GLU A 1 27  ? -4.301  -9.890  14.656  0.40 25.52 ? 47  GLU A OE1 1 
ATOM   235  O  OE2 A GLU A 1 27  ? -5.496  -14.738 13.798  0.60 33.00 ? 47  GLU A OE2 1 
ATOM   236  O  OE2 B GLU A 1 27  ? -5.664  -8.197  14.196  0.40 26.63 ? 47  GLU A OE2 1 
ATOM   237  N  N   . PHE A 1 28  ? -6.941  -10.599 8.862   1.00 25.67 ? 48  PHE A N   1 
ATOM   238  C  CA  . PHE A 1 28  ? -7.498  -9.549  8.011   1.00 23.41 ? 48  PHE A CA  1 
ATOM   239  C  C   . PHE A 1 28  ? -9.020  -9.522  7.991   1.00 23.03 ? 48  PHE A C   1 
ATOM   240  O  O   . PHE A 1 28  ? -9.675  -10.572 7.959   1.00 22.86 ? 48  PHE A O   1 
ATOM   241  C  CB  . PHE A 1 28  ? -7.011  -9.807  6.584   1.00 23.24 ? 48  PHE A CB  1 
ATOM   242  C  CG  . PHE A 1 28  ? -7.591  -8.867  5.569   1.00 22.15 ? 48  PHE A CG  1 
ATOM   243  C  CD1 . PHE A 1 28  ? -6.965  -7.658  5.278   1.00 23.27 ? 48  PHE A CD1 1 
ATOM   244  C  CD2 . PHE A 1 28  ? -8.818  -9.158  4.958   1.00 21.46 ? 48  PHE A CD2 1 
ATOM   245  C  CE1 . PHE A 1 28  ? -7.498  -6.787  4.331   1.00 22.75 ? 48  PHE A CE1 1 
ATOM   246  C  CE2 . PHE A 1 28  ? -9.361  -8.290  4.005   1.00 21.38 ? 48  PHE A CE2 1 
ATOM   247  C  CZ  . PHE A 1 28  ? -8.711  -7.096  3.707   1.00 23.30 ? 48  PHE A CZ  1 
ATOM   248  N  N   . ASP A 1 29  ? -9.591  -8.324  8.036   1.00 21.62 ? 49  ASP A N   1 
ATOM   249  C  CA  . ASP A 1 29  ? -10.933 -8.104  7.484   1.00 21.85 ? 49  ASP A CA  1 
ATOM   250  C  C   . ASP A 1 29  ? -11.089 -6.649  7.069   1.00 20.66 ? 49  ASP A C   1 
ATOM   251  O  O   . ASP A 1 29  ? -10.269 -5.784  7.440   1.00 20.87 ? 49  ASP A O   1 
ATOM   252  C  CB  . ASP A 1 29  ? -12.075 -8.543  8.420   1.00 20.94 ? 49  ASP A CB  1 
ATOM   253  C  CG  . ASP A 1 29  ? -12.169 -7.694  9.706   1.00 24.16 ? 49  ASP A CG  1 
ATOM   254  O  OD1 . ASP A 1 29  ? -12.275 -6.461  9.644   1.00 23.55 ? 49  ASP A OD1 1 
ATOM   255  O  OD2 . ASP A 1 29  ? -12.212 -8.279  10.810  1.00 27.22 ? 49  ASP A OD2 1 
ATOM   256  N  N   . LYS A 1 30  ? -12.117 -6.389  6.278   1.00 21.34 ? 50  LYS A N   1 
ATOM   257  C  CA  . LYS A 1 30  ? -12.239 -5.086  5.619   1.00 20.76 ? 50  LYS A CA  1 
ATOM   258  C  C   . LYS A 1 30  ? -12.591 -3.973  6.610   1.00 20.62 ? 50  LYS A C   1 
ATOM   259  O  O   . LYS A 1 30  ? -12.318 -2.780  6.374   1.00 20.14 ? 50  LYS A O   1 
ATOM   260  C  CB  . LYS A 1 30  ? -13.267 -5.168  4.498   1.00 21.72 ? 50  LYS A CB  1 
ATOM   261  C  CG  . LYS A 1 30  ? -12.752 -5.995  3.335   1.00 24.55 ? 50  LYS A CG  1 
ATOM   262  C  CD  . LYS A 1 30  ? -13.693 -5.888  2.155   1.00 30.59 ? 50  LYS A CD  1 
ATOM   263  C  CE  . LYS A 1 30  ? -13.495 -7.024  1.232   1.00 33.20 ? 50  LYS A CE  1 
ATOM   264  N  NZ  . LYS A 1 30  ? -14.651 -7.049  0.303   1.00 34.69 ? 50  LYS A NZ  1 
ATOM   265  N  N   . GLN A 1 31  ? -13.270 -4.354  7.698   1.00 19.16 ? 51  GLN A N   1 
ATOM   266  C  CA  . GLN A 1 31  ? -13.586 -3.384  8.715   1.00 19.41 ? 51  GLN A CA  1 
ATOM   267  C  C   . GLN A 1 31  ? -12.300 -2.855  9.377   1.00 19.35 ? 51  GLN A C   1 
ATOM   268  O  O   . GLN A 1 31  ? -12.097 -1.627  9.464   1.00 20.16 ? 51  GLN A O   1 
ATOM   269  C  CB  . GLN A 1 31  ? -14.562 -4.029  9.696   1.00 19.23 ? 51  GLN A CB  1 
ATOM   270  C  CG  . GLN A 1 31  ? -15.329 -3.153  10.566  1.00 20.70 ? 51  GLN A CG  1 
ATOM   271  C  CD  . GLN A 1 31  ? -16.345 -4.004  11.371  1.00 23.71 ? 51  GLN A CD  1 
ATOM   272  O  OE1 . GLN A 1 31  ? -17.506 -4.271  10.931  1.00 27.37 ? 51  GLN A OE1 1 
ATOM   273  N  NE2 . GLN A 1 31  ? -15.921 -4.401  12.547  1.00 21.49 ? 51  GLN A NE2 1 
ATOM   274  N  N   . LYS A 1 32  ? -11.426 -3.771  9.820   1.00 18.70 ? 52  LYS A N   1 
ATOM   275  C  CA  . LYS A 1 32  ? -10.165 -3.406  10.430  1.00 19.09 ? 52  LYS A CA  1 
ATOM   276  C  C   . LYS A 1 32  ? -9.301  -2.619  9.452   1.00 18.90 ? 52  LYS A C   1 
ATOM   277  O  O   . LYS A 1 32  ? -8.591  -1.694  9.855   1.00 18.58 ? 52  LYS A O   1 
ATOM   278  C  CB  . LYS A 1 32  ? -9.365  -4.655  10.844  1.00 20.53 ? 52  LYS A CB  1 
ATOM   279  C  CG  . LYS A 1 32  ? -10.036 -5.495  11.901  1.00 22.12 ? 52  LYS A CG  1 
ATOM   280  C  CD  . LYS A 1 32  ? -9.114  -6.668  12.205  1.00 27.74 ? 52  LYS A CD  1 
ATOM   281  C  CE  . LYS A 1 32  ? -9.789  -7.764  12.954  1.00 34.04 ? 52  LYS A CE  1 
ATOM   282  N  NZ  . LYS A 1 32  ? -8.700  -8.728  13.293  1.00 37.93 ? 52  LYS A NZ  1 
ATOM   283  N  N   . LEU A 1 33  ? -9.312  -3.061  8.186   1.00 17.74 ? 53  LEU A N   1 
ATOM   284  C  CA  . LEU A 1 33  ? -8.492  -2.422  7.132   1.00 17.56 ? 53  LEU A CA  1 
ATOM   285  C  C   . LEU A 1 33  ? -8.937  -0.966  6.966   1.00 17.18 ? 53  LEU A C   1 
ATOM   286  O  O   . LEU A 1 33  ? -8.092  -0.061  6.905   1.00 17.21 ? 53  LEU A O   1 
ATOM   287  C  CB  . LEU A 1 33  ? -8.651  -3.177  5.808   1.00 17.64 ? 53  LEU A CB  1 
ATOM   288  C  CG  . LEU A 1 33  ? -7.805  -2.571  4.672   1.00 16.87 ? 53  LEU A CG  1 
ATOM   289  C  CD1 . LEU A 1 33  ? -6.294  -2.882  4.904   1.00 17.66 ? 53  LEU A CD1 1 
ATOM   290  C  CD2 . LEU A 1 33  ? -8.266  -3.134  3.348   1.00 17.46 ? 53  LEU A CD2 1 
ATOM   291  N  N   . ALA A 1 34  ? -10.250 -0.741  6.914   1.00 16.65 ? 54  ALA A N   1 
ATOM   292  C  CA  . ALA A 1 34  ? -10.741 0.632   6.682   1.00 17.04 ? 54  ALA A CA  1 
ATOM   293  C  C   . ALA A 1 34  ? -10.365 1.526   7.893   1.00 16.61 ? 54  ALA A C   1 
ATOM   294  O  O   . ALA A 1 34  ? -9.959  2.689   7.748   1.00 17.15 ? 54  ALA A O   1 
ATOM   295  C  CB  . ALA A 1 34  ? -12.260 0.647   6.456   1.00 16.43 ? 54  ALA A CB  1 
ATOM   296  N  N   . LYS A 1 35  ? -10.499 0.980   9.100   1.00 17.12 ? 55  LYS A N   1 
ATOM   297  C  CA  . LYS A 1 35  ? -10.206 1.784   10.289  1.00 18.21 ? 55  LYS A CA  1 
ATOM   298  C  C   . LYS A 1 35  ? -8.719  2.199   10.296  1.00 17.27 ? 55  LYS A C   1 
ATOM   299  O  O   . LYS A 1 35  ? -8.365  3.345   10.630  1.00 16.74 ? 55  LYS A O   1 
ATOM   300  C  CB  . LYS A 1 35  ? -10.546 0.957   11.535  1.00 18.85 ? 55  LYS A CB  1 
ATOM   301  C  CG  . LYS A 1 35  ? -10.272 1.677   12.855  1.00 18.26 ? 55  LYS A CG  1 
ATOM   302  C  CD  . LYS A 1 35  ? -10.365 0.661   14.033  1.00 21.90 ? 55  LYS A CD  1 
ATOM   303  C  CE  . LYS A 1 35  ? -10.221 1.275   15.427  1.00 25.68 ? 55  LYS A CE  1 
ATOM   304  N  NZ  . LYS A 1 35  ? -11.164 2.332   15.746  1.00 25.69 ? 55  LYS A NZ  1 
ATOM   305  N  N   . ALA A 1 36  ? -7.871  1.246   9.911   1.00 17.04 ? 56  ALA A N   1 
ATOM   306  C  CA  . ALA A 1 36  ? -6.390  1.433   9.886   1.00 17.69 ? 56  ALA A CA  1 
ATOM   307  C  C   . ALA A 1 36  ? -6.026  2.496   8.830   1.00 17.76 ? 56  ALA A C   1 
ATOM   308  O  O   . ALA A 1 36  ? -5.283  3.439   9.121   1.00 18.43 ? 56  ALA A O   1 
ATOM   309  C  CB  . ALA A 1 36  ? -5.687  0.123   9.600   1.00 17.79 ? 56  ALA A CB  1 
ATOM   310  N  N   . TYR A 1 37  ? -6.609  2.357   7.637   1.00 15.95 ? 57  TYR A N   1 
ATOM   311  C  CA  . TYR A 1 37  ? -6.390  3.313   6.570   1.00 16.00 ? 57  TYR A CA  1 
ATOM   312  C  C   . TYR A 1 37  ? -6.811  4.697   7.022   1.00 16.63 ? 57  TYR A C   1 
ATOM   313  O  O   . TYR A 1 37  ? -6.060  5.662   6.860   1.00 17.27 ? 57  TYR A O   1 
ATOM   314  C  CB  . TYR A 1 37  ? -7.111  2.927   5.268   1.00 16.84 ? 57  TYR A CB  1 
ATOM   315  C  CG  . TYR A 1 37  ? -7.246  4.141   4.352   1.00 16.17 ? 57  TYR A CG  1 
ATOM   316  C  CD1 . TYR A 1 37  ? -6.113  4.625   3.645   1.00 16.64 ? 57  TYR A CD1 1 
ATOM   317  C  CD2 . TYR A 1 37  ? -8.472  4.825   4.222   1.00 14.82 ? 57  TYR A CD2 1 
ATOM   318  C  CE1 . TYR A 1 37  ? -6.183  5.769   2.839   1.00 14.37 ? 57  TYR A CE1 1 
ATOM   319  C  CE2 . TYR A 1 37  ? -8.580  5.952   3.377   1.00 15.97 ? 57  TYR A CE2 1 
ATOM   320  C  CZ  . TYR A 1 37  ? -7.421  6.424   2.721   1.00 15.91 ? 57  TYR A CZ  1 
ATOM   321  O  OH  . TYR A 1 37  ? -7.526  7.531   1.962   1.00 15.99 ? 57  TYR A OH  1 
ATOM   322  N  N   . ARG A 1 38  ? -8.019  4.824   7.557   1.00 15.84 ? 58  ARG A N   1 
ATOM   323  C  CA  . ARG A 1 38  ? -8.547  6.168   7.872   1.00 16.55 ? 58  ARG A CA  1 
ATOM   324  C  C   . ARG A 1 38  ? -7.666  6.873   8.922   1.00 16.82 ? 58  ARG A C   1 
ATOM   325  O  O   . ARG A 1 38  ? -7.397  8.069   8.785   1.00 18.09 ? 58  ARG A O   1 
ATOM   326  C  CB  . ARG A 1 38  ? -10.018 6.122   8.319   1.00 15.95 ? 58  ARG A CB  1 
ATOM   327  C  CG  . ARG A 1 38  ? -10.960 5.682   7.180   1.00 14.87 ? 58  ARG A CG  1 
ATOM   328  C  CD  . ARG A 1 38  ? -12.345 5.198   7.699   1.00 16.39 ? 58  ARG A CD  1 
ATOM   329  N  NE  . ARG A 1 38  ? -13.091 6.323   8.291   1.00 17.05 ? 58  ARG A NE  1 
ATOM   330  C  CZ  . ARG A 1 38  ? -13.817 7.202   7.593   1.00 15.21 ? 58  ARG A CZ  1 
ATOM   331  N  NH1 . ARG A 1 38  ? -13.968 7.108   6.255   1.00 14.46 ? 58  ARG A NH1 1 
ATOM   332  N  NH2 . ARG A 1 38  ? -14.392 8.200   8.258   1.00 16.81 ? 58  ARG A NH2 1 
ATOM   333  N  N   . ALA A 1 39  ? -7.194  6.120   9.915   1.00 16.63 ? 59  ALA A N   1 
ATOM   334  C  CA  . ALA A 1 39  ? -6.330  6.675   10.966  1.00 17.47 ? 59  ALA A CA  1 
ATOM   335  C  C   . ALA A 1 39  ? -4.997  7.114   10.395  1.00 17.00 ? 59  ALA A C   1 
ATOM   336  O  O   . ALA A 1 39  ? -4.513  8.200   10.732  1.00 17.62 ? 59  ALA A O   1 
ATOM   337  C  CB  . ALA A 1 39  ? -6.125  5.661   12.090  1.00 18.34 ? 59  ALA A CB  1 
ATOM   338  N  N   . LEU A 1 40  ? -4.389  6.262   9.557   1.00 16.84 ? 60  LEU A N   1 
ATOM   339  C  CA  . LEU A 1 40  ? -3.024  6.586   9.023   1.00 16.83 ? 60  LEU A CA  1 
ATOM   340  C  C   . LEU A 1 40  ? -3.109  7.693   7.973   1.00 17.78 ? 60  LEU A C   1 
ATOM   341  O  O   . LEU A 1 40  ? -2.216  8.548   7.915   1.00 18.43 ? 60  LEU A O   1 
ATOM   342  C  CB  . LEU A 1 40  ? -2.379  5.353   8.428   1.00 17.57 ? 60  LEU A CB  1 
ATOM   343  C  CG  . LEU A 1 40  ? -1.891  4.416   9.535   1.00 17.63 ? 60  LEU A CG  1 
ATOM   344  C  CD1 . LEU A 1 40  ? -1.536  2.989   8.979   1.00 17.53 ? 60  LEU A CD1 1 
ATOM   345  C  CD2 . LEU A 1 40  ? -0.710  5.073   10.309  1.00 21.15 ? 60  LEU A CD2 1 
ATOM   346  N  N   . ALA A 1 41  ? -4.164  7.665   7.155   1.00 17.08 ? 61  ALA A N   1 
ATOM   347  C  CA  . ALA A 1 41  ? -4.428  8.766   6.182   1.00 17.70 ? 61  ALA A CA  1 
ATOM   348  C  C   . ALA A 1 41  ? -4.578  10.104  6.899   1.00 18.57 ? 61  ALA A C   1 
ATOM   349  O  O   . ALA A 1 41  ? -3.983  11.102  6.473   1.00 18.39 ? 61  ALA A O   1 
ATOM   350  C  CB  . ALA A 1 41  ? -5.670  8.472   5.328   1.00 16.43 ? 61  ALA A CB  1 
ATOM   351  N  N   . ARG A 1 42  ? -5.316  10.115  8.015   1.00 19.44 ? 62  ARG A N   1 
ATOM   352  C  CA  A ARG A 1 42  ? -5.438  11.332  8.820   0.60 20.88 ? 62  ARG A CA  1 
ATOM   353  C  CA  B ARG A 1 42  ? -5.451  11.335  8.804   0.40 20.81 ? 62  ARG A CA  1 
ATOM   354  C  C   . ARG A 1 42  ? -4.087  11.775  9.333   1.00 20.92 ? 62  ARG A C   1 
ATOM   355  O  O   . ARG A 1 42  ? -3.745  12.949  9.254   1.00 21.24 ? 62  ARG A O   1 
ATOM   356  C  CB  A ARG A 1 42  ? -6.375  11.131  10.005  0.60 21.51 ? 62  ARG A CB  1 
ATOM   357  C  CB  B ARG A 1 42  ? -6.457  11.154  9.950   0.40 20.92 ? 62  ARG A CB  1 
ATOM   358  C  CG  A ARG A 1 42  ? -7.832  11.210  9.637   0.60 23.16 ? 62  ARG A CG  1 
ATOM   359  C  CG  B ARG A 1 42  ? -7.887  10.841  9.494   0.40 21.00 ? 62  ARG A CG  1 
ATOM   360  C  CD  A ARG A 1 42  ? -8.694  11.366  10.897  0.60 28.71 ? 62  ARG A CD  1 
ATOM   361  C  CD  B ARG A 1 42  ? -8.827  10.699  10.703  0.40 22.61 ? 62  ARG A CD  1 
ATOM   362  N  NE  A ARG A 1 42  ? -8.706  10.153  11.728  0.60 31.39 ? 62  ARG A NE  1 
ATOM   363  N  NE  B ARG A 1 42  ? -10.175 10.229  10.370  0.40 25.86 ? 62  ARG A NE  1 
ATOM   364  C  CZ  A ARG A 1 42  ? -9.408  9.050   11.450  0.60 32.26 ? 62  ARG A CZ  1 
ATOM   365  C  CZ  B ARG A 1 42  ? -10.714 9.082   10.799  0.40 27.78 ? 62  ARG A CZ  1 
ATOM   366  N  NH1 A ARG A 1 42  ? -10.144 8.980   10.343  0.60 34.93 ? 62  ARG A NH1 1 
ATOM   367  N  NH1 B ARG A 1 42  ? -10.020 8.255   11.588  0.40 28.12 ? 62  ARG A NH1 1 
ATOM   368  N  NH2 A ARG A 1 42  ? -9.362  8.003   12.265  0.60 29.31 ? 62  ARG A NH2 1 
ATOM   369  N  NH2 B ARG A 1 42  ? -11.954 8.750   10.433  0.40 26.80 ? 62  ARG A NH2 1 
ATOM   370  N  N   . LYS A 1 43  ? -3.314  10.827  9.854   1.00 20.00 ? 63  LYS A N   1 
ATOM   371  C  CA  . LYS A 1 43  ? -1.988  11.139  10.414  1.00 20.59 ? 63  LYS A CA  1 
ATOM   372  C  C   . LYS A 1 43  ? -1.035  11.760  9.385   1.00 20.92 ? 63  LYS A C   1 
ATOM   373  O  O   . LYS A 1 43  ? -0.248  12.647  9.717   1.00 21.77 ? 63  LYS A O   1 
ATOM   374  C  CB  . LYS A 1 43  ? -1.374  9.867   11.023  1.00 21.25 ? 63  LYS A CB  1 
ATOM   375  C  CG  . LYS A 1 43  ? 0.051   10.061  11.568  1.00 22.04 ? 63  LYS A CG  1 
ATOM   376  C  CD  . LYS A 1 43  ? 0.647   8.732   12.061  1.00 22.37 ? 63  LYS A CD  1 
ATOM   377  C  CE  . LYS A 1 43  ? 2.046   8.964   12.727  1.00 26.72 ? 63  LYS A CE  1 
ATOM   378  N  NZ  . LYS A 1 43  ? 2.789   7.686   12.711  1.00 33.91 ? 63  LYS A NZ  1 
ATOM   379  N  N   . HIS A 1 44  ? -1.079  11.257  8.151   1.00 20.32 ? 64  HIS A N   1 
ATOM   380  C  CA  . HIS A 1 44  ? -0.107  11.677  7.134   1.00 19.84 ? 64  HIS A CA  1 
ATOM   381  C  C   . HIS A 1 44  ? -0.678  12.691  6.160   1.00 19.51 ? 64  HIS A C   1 
ATOM   382  O  O   . HIS A 1 44  ? -0.045  12.998  5.145   1.00 20.62 ? 64  HIS A O   1 
ATOM   383  C  CB  . HIS A 1 44  ? 0.461   10.453  6.427   1.00 19.84 ? 64  HIS A CB  1 
ATOM   384  C  CG  . HIS A 1 44  ? 1.284   9.603   7.339   1.00 21.60 ? 64  HIS A CG  1 
ATOM   385  N  ND1 . HIS A 1 44  ? 2.509   10.011  7.826   1.00 19.67 ? 64  HIS A ND1 1 
ATOM   386  C  CD2 . HIS A 1 44  ? 1.039   8.392   7.898   1.00 22.42 ? 64  HIS A CD2 1 
ATOM   387  C  CE1 . HIS A 1 44  ? 2.983   9.087   8.647   1.00 21.41 ? 64  HIS A CE1 1 
ATOM   388  N  NE2 . HIS A 1 44  ? 2.137   8.079   8.678   1.00 20.86 ? 64  HIS A NE2 1 
ATOM   389  N  N   . HIS A 1 45  ? -1.874  13.212  6.458   1.00 20.02 ? 65  HIS A N   1 
ATOM   390  C  CA  . HIS A 1 45  ? -2.506  14.140  5.525   1.00 20.14 ? 65  HIS A CA  1 
ATOM   391  C  C   . HIS A 1 45  ? -1.710  15.455  5.521   1.00 21.42 ? 65  HIS A C   1 
ATOM   392  O  O   . HIS A 1 45  ? -1.343  15.962  6.595   1.00 22.50 ? 65  HIS A O   1 
ATOM   393  C  CB  . HIS A 1 45  ? -3.978  14.442  5.916   1.00 21.07 ? 65  HIS A CB  1 
ATOM   394  C  CG  . HIS A 1 45  ? -4.729  15.175  4.857   1.00 21.04 ? 65  HIS A CG  1 
ATOM   395  N  ND1 . HIS A 1 45  ? -5.695  14.576  4.075   1.00 25.39 ? 65  HIS A ND1 1 
ATOM   396  C  CD2 . HIS A 1 45  ? -4.623  16.452  4.417   1.00 22.59 ? 65  HIS A CD2 1 
ATOM   397  C  CE1 . HIS A 1 45  ? -6.176  15.460  3.220   1.00 18.95 ? 65  HIS A CE1 1 
ATOM   398  N  NE2 . HIS A 1 45  ? -5.540  16.604  3.405   1.00 27.71 ? 65  HIS A NE2 1 
ATOM   399  N  N   . PRO A 1 46  ? -1.424  16.013  4.336   1.00 22.08 ? 66  PRO A N   1 
ATOM   400  C  CA  . PRO A 1 46  ? -0.671  17.283  4.349   1.00 23.00 ? 66  PRO A CA  1 
ATOM   401  C  C   . PRO A 1 46  ? -1.353  18.490  5.011   1.00 24.96 ? 66  PRO A C   1 
ATOM   402  O  O   . PRO A 1 46  ? -0.647  19.437  5.364   1.00 24.13 ? 66  PRO A O   1 
ATOM   403  C  CB  . PRO A 1 46  ? -0.454  17.587  2.868   1.00 22.89 ? 66  PRO A CB  1 
ATOM   404  C  CG  . PRO A 1 46  ? -1.589  16.869  2.160   1.00 23.51 ? 66  PRO A CG  1 
ATOM   405  C  CD  . PRO A 1 46  ? -1.722  15.570  2.951   1.00 21.75 ? 66  PRO A CD  1 
ATOM   406  N  N   . ASP A 1 47  ? -2.682  18.487  5.165   1.00 25.82 ? 67  ASP A N   1 
ATOM   407  C  CA  . ASP A 1 47  ? -3.345  19.631  5.829   1.00 28.48 ? 67  ASP A CA  1 
ATOM   408  C  C   . ASP A 1 47  ? -2.864  19.805  7.270   1.00 29.85 ? 67  ASP A C   1 
ATOM   409  O  O   . ASP A 1 47  ? -3.000  20.900  7.844   1.00 30.51 ? 67  ASP A O   1 
ATOM   410  C  CB  . ASP A 1 47  ? -4.850  19.477  5.824   1.00 27.70 ? 67  ASP A CB  1 
ATOM   411  C  CG  . ASP A 1 47  ? -5.456  19.715  4.457   1.00 29.51 ? 67  ASP A CG  1 
ATOM   412  O  OD1 . ASP A 1 47  ? -4.731  19.994  3.484   1.00 30.21 ? 67  ASP A OD1 1 
ATOM   413  O  OD2 . ASP A 1 47  ? -6.694  19.625  4.351   1.00 33.88 ? 67  ASP A OD2 1 
ATOM   414  N  N   . ARG A 1 48  ? -2.299  18.740  7.839   1.00 30.01 ? 68  ARG A N   1 
ATOM   415  C  CA  A ARG A 1 48  ? -1.852  18.713  9.234   0.50 30.85 ? 68  ARG A CA  1 
ATOM   416  C  CA  B ARG A 1 48  ? -1.874  18.752  9.236   0.50 30.71 ? 68  ARG A CA  1 
ATOM   417  C  C   . ARG A 1 48  ? -0.528  19.442  9.472   1.00 31.14 ? 68  ARG A C   1 
ATOM   418  O  O   . ARG A 1 48  ? -0.129  19.670  10.624  1.00 31.77 ? 68  ARG A O   1 
ATOM   419  C  CB  A ARG A 1 48  ? -1.691  17.266  9.703   0.50 30.82 ? 68  ARG A CB  1 
ATOM   420  C  CB  B ARG A 1 48  ? -1.835  17.333  9.791   0.50 30.58 ? 68  ARG A CB  1 
ATOM   421  C  CG  A ARG A 1 48  ? -2.913  16.650  10.407  0.50 30.76 ? 68  ARG A CG  1 
ATOM   422  C  CG  B ARG A 1 48  ? -3.160  16.831  10.327  0.50 29.83 ? 68  ARG A CG  1 
ATOM   423  C  CD  A ARG A 1 48  ? -2.548  15.352  11.103  0.50 30.81 ? 68  ARG A CD  1 
ATOM   424  C  CD  B ARG A 1 48  ? -2.896  15.793  11.384  0.50 28.82 ? 68  ARG A CD  1 
ATOM   425  N  NE  A ARG A 1 48  ? -1.906  15.716  12.467  0.50 31.66 ? 68  ARG A NE  1 
ATOM   426  N  NE  B ARG A 1 48  ? -4.047  14.938  11.639  0.50 29.64 ? 68  ARG A NE  1 
ATOM   427  C  CZ  A ARG A 1 48  ? -0.727  15.179  12.917  0.50 31.12 ? 68  ARG A CZ  1 
ATOM   428  C  CZ  B ARG A 1 48  ? -4.872  15.067  12.683  0.50 29.96 ? 68  ARG A CZ  1 
ATOM   429  N  NH1 A ARG A 1 48  ? -0.083  14.293  12.157  0.50 31.53 ? 68  ARG A NH1 1 
ATOM   430  N  NH1 B ARG A 1 48  ? -4.682  16.031  13.592  0.50 30.26 ? 68  ARG A NH1 1 
ATOM   431  N  NH2 A ARG A 1 48  ? -0.334  15.559  14.162  0.50 31.42 ? 68  ARG A NH2 1 
ATOM   432  N  NH2 B ARG A 1 48  ? -5.893  14.225  12.820  0.50 28.18 ? 68  ARG A NH2 1 
ATOM   433  N  N   . VAL A 1 49  ? 0.171   19.782  8.398   1.00 31.57 ? 69  VAL A N   1 
ATOM   434  C  CA  A VAL A 1 49  ? 1.454   20.463  8.505   0.50 32.19 ? 69  VAL A CA  1 
ATOM   435  C  CA  B VAL A 1 49  ? 1.442   20.490  8.541   0.50 32.20 ? 69  VAL A CA  1 
ATOM   436  C  C   . VAL A 1 49  ? 1.420   21.811  7.776   1.00 32.53 ? 69  VAL A C   1 
ATOM   437  O  O   . VAL A 1 49  ? 0.803   21.929  6.715   1.00 32.53 ? 69  VAL A O   1 
ATOM   438  C  CB  A VAL A 1 49  ? 2.610   19.579  7.971   0.50 32.21 ? 69  VAL A CB  1 
ATOM   439  C  CB  B VAL A 1 49  ? 2.691   19.630  8.154   0.50 32.17 ? 69  VAL A CB  1 
ATOM   440  C  CG1 A VAL A 1 49  ? 2.211   18.897  6.674   0.50 32.52 ? 69  VAL A CG1 1 
ATOM   441  C  CG1 B VAL A 1 49  ? 2.786   18.364  9.026   0.50 32.33 ? 69  VAL A CG1 1 
ATOM   442  C  CG2 A VAL A 1 49  ? 3.856   20.393  7.785   0.50 32.64 ? 69  VAL A CG2 1 
ATOM   443  C  CG2 B VAL A 1 49  ? 2.667   19.280  6.687   0.50 32.93 ? 69  VAL A CG2 1 
ATOM   444  N  N   . LYS A 1 50  ? 2.077   22.813  8.344   1.00 33.27 ? 70  LYS A N   1 
ATOM   445  C  CA  . LYS A 1 50  ? 2.062   24.148  7.757   1.00 34.58 ? 70  LYS A CA  1 
ATOM   446  C  C   . LYS A 1 50  ? 2.978   24.421  6.567   1.00 34.95 ? 70  LYS A C   1 
ATOM   447  O  O   . LYS A 1 50  ? 2.513   25.008  5.576   1.00 35.08 ? 70  LYS A O   1 
ATOM   448  C  CB  . LYS A 1 50  ? 2.264   25.243  8.820   1.00 35.17 ? 70  LYS A CB  1 
ATOM   449  C  CG  . LYS A 1 50  ? 1.157   25.288  9.884   1.00 36.73 ? 70  LYS A CG  1 
ATOM   450  C  CD  . LYS A 1 50  ? -0.213  25.642  9.301   1.00 37.49 ? 70  LYS A CD  1 
ATOM   451  C  CE  . LYS A 1 50  ? -1.291  25.709  10.393  1.00 36.91 ? 70  LYS A CE  1 
ATOM   452  N  NZ  . LYS A 1 50  ? -1.135  26.876  11.313  1.00 36.32 ? 70  LYS A NZ  1 
ATOM   453  N  N   . ASN A 1 51  ? 4.268   24.079  6.621   1.00 34.93 ? 71  ASN A N   1 
ATOM   454  C  CA  A ASN A 1 51  ? 5.108   24.511  5.505   0.50 35.51 ? 71  ASN A CA  1 
ATOM   455  C  CA  B ASN A 1 51  ? 5.146   24.501  5.527   0.50 35.34 ? 71  ASN A CA  1 
ATOM   456  C  C   . ASN A 1 51  ? 5.077   23.629  4.275   1.00 35.53 ? 71  ASN A C   1 
ATOM   457  O  O   . ASN A 1 51  ? 4.769   22.426  4.363   1.00 35.11 ? 71  ASN A O   1 
ATOM   458  C  CB  A ASN A 1 51  ? 6.529   25.029  5.870   0.50 36.03 ? 71  ASN A CB  1 
ATOM   459  C  CB  B ASN A 1 51  ? 6.595   24.735  5.989   0.50 35.66 ? 71  ASN A CB  1 
ATOM   460  C  CG  A ASN A 1 51  ? 7.085   24.458  7.155   0.50 36.43 ? 71  ASN A CG  1 
ATOM   461  C  CG  B ASN A 1 51  ? 7.394   23.465  6.062   0.50 35.60 ? 71  ASN A CG  1 
ATOM   462  O  OD1 A ASN A 1 51  ? 6.762   23.345  7.565   0.50 39.44 ? 71  ASN A OD1 1 
ATOM   463  O  OD1 B ASN A 1 51  ? 7.106   22.610  6.931   0.50 39.66 ? 71  ASN A OD1 1 
ATOM   464  N  ND2 A ASN A 1 51  ? 7.969   25.229  7.785   0.50 35.61 ? 71  ASN A ND2 1 
ATOM   465  N  ND2 B ASN A 1 51  ? 8.396   23.316  5.133   0.50 32.96 ? 71  ASN A ND2 1 
ATOM   466  N  N   . LYS A 1 52  ? 5.349   24.283  3.141   1.00 35.67 ? 72  LYS A N   1 
ATOM   467  C  CA  A LYS A 1 52  ? 5.276   23.667  1.820   0.60 35.78 ? 72  LYS A CA  1 
ATOM   468  C  CA  B LYS A 1 52  ? 5.310   23.691  1.810   0.40 35.25 ? 72  LYS A CA  1 
ATOM   469  C  C   . LYS A 1 52  ? 6.132   22.402  1.733   1.00 34.85 ? 72  LYS A C   1 
ATOM   470  O  O   . LYS A 1 52  ? 5.655   21.350  1.256   1.00 34.89 ? 72  LYS A O   1 
ATOM   471  C  CB  A LYS A 1 52  ? 5.684   24.681  0.737   0.60 36.29 ? 72  LYS A CB  1 
ATOM   472  C  CB  B LYS A 1 52  ? 5.791   24.748  0.800   0.40 35.48 ? 72  LYS A CB  1 
ATOM   473  C  CG  A LYS A 1 52  ? 5.095   24.418  -0.666  0.60 38.49 ? 72  LYS A CG  1 
ATOM   474  C  CG  B LYS A 1 52  ? 6.680   24.271  -0.349  0.40 35.77 ? 72  LYS A CG  1 
ATOM   475  C  CD  A LYS A 1 52  ? 5.993   23.504  -1.533  0.60 39.51 ? 72  LYS A CD  1 
ATOM   476  C  CD  B LYS A 1 52  ? 7.108   25.455  -1.215  0.40 34.97 ? 72  LYS A CD  1 
ATOM   477  C  CE  A LYS A 1 52  ? 5.203   22.798  -2.636  0.60 38.56 ? 72  LYS A CE  1 
ATOM   478  C  CE  B LYS A 1 52  ? 8.167   25.049  -2.220  0.40 34.45 ? 72  LYS A CE  1 
ATOM   479  N  NZ  A LYS A 1 52  ? 4.664   23.700  -3.685  0.60 40.23 ? 72  LYS A NZ  1 
ATOM   480  N  NZ  B LYS A 1 52  ? 8.690   26.226  -2.958  0.40 35.03 ? 72  LYS A NZ  1 
ATOM   481  N  N   . GLU A 1 53  ? 7.372   22.476  2.213   1.00 33.95 ? 73  GLU A N   1 
ATOM   482  C  CA  A GLU A 1 53  ? 8.270   21.329  2.106   0.50 32.68 ? 73  GLU A CA  1 
ATOM   483  C  CA  B GLU A 1 53  ? 8.309   21.349  2.157   0.50 32.63 ? 73  GLU A CA  1 
ATOM   484  C  C   . GLU A 1 53  ? 7.770   20.138  2.929   1.00 31.97 ? 73  GLU A C   1 
ATOM   485  O  O   . GLU A 1 53  ? 7.814   18.994  2.446   1.00 30.35 ? 73  GLU A O   1 
ATOM   486  C  CB  A GLU A 1 53  ? 9.715   21.710  2.449   0.50 32.80 ? 73  GLU A CB  1 
ATOM   487  C  CB  B GLU A 1 53  ? 9.686   21.765  2.701   0.50 32.73 ? 73  GLU A CB  1 
ATOM   488  C  CG  A GLU A 1 53  ? 10.184  23.038  1.826   0.50 34.79 ? 73  GLU A CG  1 
ATOM   489  C  CG  B GLU A 1 53  ? 10.344  22.967  1.989   0.50 34.36 ? 73  GLU A CG  1 
ATOM   490  C  CD  A GLU A 1 53  ? 10.373  22.997  0.309   0.50 36.06 ? 73  GLU A CD  1 
ATOM   491  C  CD  B GLU A 1 53  ? 9.683   24.320  2.307   0.50 35.18 ? 73  GLU A CD  1 
ATOM   492  O  OE1 A GLU A 1 53  ? 11.475  23.374  -0.145  0.50 37.45 ? 73  GLU A OE1 1 
ATOM   493  O  OE1 B GLU A 1 53  ? 9.206   24.532  3.505   0.50 35.26 ? 73  GLU A OE1 1 
ATOM   494  O  OE2 A GLU A 1 53  ? 9.438   22.607  -0.431  0.50 37.09 ? 73  GLU A OE2 1 
ATOM   495  O  OE2 B GLU A 1 53  ? 9.656   25.192  1.376   0.50 36.49 ? 73  GLU A OE2 1 
ATOM   496  N  N   . GLU A 1 54  ? 7.261   20.389  4.135   1.00 30.65 ? 74  GLU A N   1 
ATOM   497  C  CA  A GLU A 1 54  ? 6.716   19.293  4.952   0.60 30.84 ? 74  GLU A CA  1 
ATOM   498  C  CA  B GLU A 1 54  ? 6.720   19.294  4.949   0.40 30.28 ? 74  GLU A CA  1 
ATOM   499  C  C   . GLU A 1 54  ? 5.412   18.730  4.388   1.00 29.46 ? 74  GLU A C   1 
ATOM   500  O  O   . GLU A 1 54  ? 5.111   17.538  4.557   1.00 29.59 ? 74  GLU A O   1 
ATOM   501  C  CB  A GLU A 1 54  ? 6.530   19.722  6.403   0.60 30.92 ? 74  GLU A CB  1 
ATOM   502  C  CB  B GLU A 1 54  ? 6.577   19.709  6.418   0.40 30.48 ? 74  GLU A CB  1 
ATOM   503  C  CG  A GLU A 1 54  ? 7.847   20.007  7.140   0.60 31.61 ? 74  GLU A CG  1 
ATOM   504  C  CG  B GLU A 1 54  ? 7.924   20.012  7.117   0.40 30.48 ? 74  GLU A CG  1 
ATOM   505  C  CD  A GLU A 1 54  ? 7.656   20.239  8.632   0.60 32.26 ? 74  GLU A CD  1 
ATOM   506  C  CD  B GLU A 1 54  ? 8.886   18.810  7.182   0.40 31.15 ? 74  GLU A CD  1 
ATOM   507  O  OE1 A GLU A 1 54  ? 6.591   19.854  9.166   0.60 35.57 ? 74  GLU A OE1 1 
ATOM   508  O  OE1 B GLU A 1 54  ? 8.429   17.644  7.114   0.40 31.91 ? 74  GLU A OE1 1 
ATOM   509  O  OE2 A GLU A 1 54  ? 8.574   20.805  9.278   0.60 35.22 ? 74  GLU A OE2 1 
ATOM   510  O  OE2 B GLU A 1 54  ? 10.111  19.035  7.313   0.40 32.39 ? 74  GLU A OE2 1 
ATOM   511  N  N   . LYS A 1 55  ? 4.633   19.585  3.720   1.00 27.65 ? 75  LYS A N   1 
ATOM   512  C  CA  . LYS A 1 55  ? 3.397   19.123  3.077   1.00 25.53 ? 75  LYS A CA  1 
ATOM   513  C  C   . LYS A 1 55  ? 3.740   18.126  1.963   1.00 25.13 ? 75  LYS A C   1 
ATOM   514  O  O   . LYS A 1 55  ? 3.051   17.106  1.802   1.00 24.15 ? 75  LYS A O   1 
ATOM   515  C  CB  . LYS A 1 55  ? 2.562   20.278  2.499   1.00 26.06 ? 75  LYS A CB  1 
ATOM   516  C  CG  . LYS A 1 55  ? 1.829   21.123  3.531   1.00 24.19 ? 75  LYS A CG  1 
ATOM   517  C  CD  . LYS A 1 55  ? 0.880   22.089  2.786   1.00 25.78 ? 75  LYS A CD  1 
ATOM   518  C  CE  . LYS A 1 55  ? 0.083   22.999  3.738   1.00 30.04 ? 75  LYS A CE  1 
ATOM   519  N  NZ  . LYS A 1 55  ? -0.918  22.247  4.583   1.00 29.95 ? 75  LYS A NZ  1 
ATOM   520  N  N   . LEU A 1 56  ? 4.812   18.407  1.209   1.00 23.79 ? 76  LEU A N   1 
ATOM   521  C  CA  . LEU A 1 56  ? 5.266   17.471  0.161   1.00 24.00 ? 76  LEU A CA  1 
ATOM   522  C  C   . LEU A 1 56  ? 5.688   16.142  0.762   1.00 23.53 ? 76  LEU A C   1 
ATOM   523  O  O   . LEU A 1 56  ? 5.367   15.080  0.212   1.00 21.98 ? 76  LEU A O   1 
ATOM   524  C  CB  . LEU A 1 56  ? 6.410   18.078  -0.677  1.00 24.37 ? 76  LEU A CB  1 
ATOM   525  C  CG  . LEU A 1 56  ? 5.959   19.304  -1.488  1.00 28.25 ? 76  LEU A CG  1 
ATOM   526  C  CD1 . LEU A 1 56  ? 7.125   19.969  -2.178  1.00 30.68 ? 76  LEU A CD1 1 
ATOM   527  C  CD2 . LEU A 1 56  ? 4.842   18.954  -2.488  1.00 31.01 ? 76  LEU A CD2 1 
ATOM   528  N  N   . LEU A 1 57  ? 6.396   16.209  1.894   1.00 22.58 ? 77  LEU A N   1 
ATOM   529  C  CA  . LEU A 1 57  ? 6.867   14.962  2.552   1.00 22.19 ? 77  LEU A CA  1 
ATOM   530  C  C   . LEU A 1 57  ? 5.678   14.164  3.082   1.00 20.98 ? 77  LEU A C   1 
ATOM   531  O  O   . LEU A 1 57  ? 5.670   12.924  3.029   1.00 21.29 ? 77  LEU A O   1 
ATOM   532  C  CB  . LEU A 1 57  ? 7.860   15.278  3.664   1.00 22.23 ? 77  LEU A CB  1 
ATOM   533  C  CG  . LEU A 1 57  ? 9.177   15.875  3.169   1.00 23.14 ? 77  LEU A CG  1 
ATOM   534  C  CD1 . LEU A 1 57  ? 9.986   16.281  4.422   1.00 27.92 ? 77  LEU A CD1 1 
ATOM   535  C  CD2 . LEU A 1 57  ? 9.947   14.903  2.253   1.00 24.20 ? 77  LEU A CD2 1 
ATOM   536  N  N   . ALA A 1 58  ? 4.655   14.862  3.578   1.00 20.42 ? 78  ALA A N   1 
ATOM   537  C  CA  . ALA A 1 58  ? 3.429   14.201  4.067   1.00 20.64 ? 78  ALA A CA  1 
ATOM   538  C  C   . ALA A 1 58  ? 2.699   13.559  2.886   1.00 21.67 ? 78  ALA A C   1 
ATOM   539  O  O   . ALA A 1 58  ? 2.296   12.381  2.983   1.00 21.20 ? 78  ALA A O   1 
ATOM   540  C  CB  . ALA A 1 58  ? 2.514   15.208  4.801   1.00 21.46 ? 78  ALA A CB  1 
ATOM   541  N  N   . GLU A 1 59  ? 2.567   14.300  1.774   1.00 20.76 ? 79  GLU A N   1 
ATOM   542  C  CA  . GLU A 1 59  ? 1.932   13.754  0.542   1.00 21.39 ? 79  GLU A CA  1 
ATOM   543  C  C   . GLU A 1 59  ? 2.634   12.494  0.043   1.00 20.75 ? 79  GLU A C   1 
ATOM   544  O  O   . GLU A 1 59  ? 1.979   11.519  -0.364  1.00 19.48 ? 79  GLU A O   1 
ATOM   545  C  CB  . GLU A 1 59  ? 1.853   14.806  -0.576  1.00 21.81 ? 79  GLU A CB  1 
ATOM   546  C  CG  . GLU A 1 59  ? 0.874   15.871  -0.227  1.00 25.88 ? 79  GLU A CG  1 
ATOM   547  C  CD  . GLU A 1 59  ? 0.798   17.007  -1.232  1.00 35.21 ? 79  GLU A CD  1 
ATOM   548  O  OE1 . GLU A 1 59  ? 0.984   16.746  -2.444  1.00 34.76 ? 79  GLU A OE1 1 
ATOM   549  O  OE2 . GLU A 1 59  ? 0.541   18.157  -0.785  1.00 36.52 ? 79  GLU A OE2 1 
ATOM   550  N  N   . GLU A 1 60  ? 3.957   12.524  0.103   1.00 20.21 ? 80  GLU A N   1 
ATOM   551  C  CA  A GLU A 1 60  ? 4.794   11.385  -0.281  0.50 20.54 ? 80  GLU A CA  1 
ATOM   552  C  CA  B GLU A 1 60  ? 4.779   11.400  -0.300  0.50 20.08 ? 80  GLU A CA  1 
ATOM   553  C  C   . GLU A 1 60  ? 4.379   10.156  0.518   1.00 19.11 ? 80  GLU A C   1 
ATOM   554  O  O   . GLU A 1 60  ? 4.148   9.086   -0.042  1.00 19.62 ? 80  GLU A O   1 
ATOM   555  C  CB  A GLU A 1 60  ? 6.270   11.672  0.015   0.50 20.81 ? 80  GLU A CB  1 
ATOM   556  C  CB  B GLU A 1 60  ? 6.250   11.782  -0.093  0.50 20.30 ? 80  GLU A CB  1 
ATOM   557  C  CG  A GLU A 1 60  ? 7.039   12.380  -1.073  0.50 23.18 ? 80  GLU A CG  1 
ATOM   558  C  CG  B GLU A 1 60  ? 7.267   10.682  -0.277  0.50 21.22 ? 80  GLU A CG  1 
ATOM   559  C  CD  A GLU A 1 60  ? 8.458   12.773  -0.628  0.50 23.15 ? 80  GLU A CD  1 
ATOM   560  C  CD  B GLU A 1 60  ? 8.689   11.113  0.131   0.50 22.01 ? 80  GLU A CD  1 
ATOM   561  O  OE1 A GLU A 1 60  ? 9.158   11.961  0.047   0.50 28.11 ? 80  GLU A OE1 1 
ATOM   562  O  OE1 B GLU A 1 60  ? 8.887   12.205  0.733   0.50 25.46 ? 80  GLU A OE1 1 
ATOM   563  O  OE2 A GLU A 1 60  ? 8.878   13.902  -0.965  0.50 25.86 ? 80  GLU A OE2 1 
ATOM   564  O  OE2 B GLU A 1 60  ? 9.617   10.351  -0.150  0.50 28.59 ? 80  GLU A OE2 1 
ATOM   565  N  N   . ARG A 1 61  ? 4.259   10.306  1.832   1.00 17.98 ? 81  ARG A N   1 
ATOM   566  C  CA  . ARG A 1 61  ? 3.903   9.115   2.623   1.00 15.80 ? 81  ARG A CA  1 
ATOM   567  C  C   . ARG A 1 61  ? 2.418   8.737   2.414   1.00 15.96 ? 81  ARG A C   1 
ATOM   568  O  O   . ARG A 1 61  ? 2.041   7.542   2.330   1.00 15.37 ? 81  ARG A O   1 
ATOM   569  C  CB  . ARG A 1 61  ? 4.171   9.366   4.097   1.00 17.43 ? 81  ARG A CB  1 
ATOM   570  C  CG  . ARG A 1 61  ? 3.956   8.151   4.998   1.00 16.25 ? 81  ARG A CG  1 
ATOM   571  C  CD  . ARG A 1 61  ? 4.878   6.970   4.537   1.00 15.96 ? 81  ARG A CD  1 
ATOM   572  N  NE  . ARG A 1 61  ? 4.669   5.754   5.318   1.00 16.14 ? 81  ARG A NE  1 
ATOM   573  C  CZ  . ARG A 1 61  ? 5.064   4.556   4.867   1.00 14.94 ? 81  ARG A CZ  1 
ATOM   574  N  NH1 . ARG A 1 61  ? 5.684   4.512   3.655   1.00 15.10 ? 81  ARG A NH1 1 
ATOM   575  N  NH2 . ARG A 1 61  ? 4.874   3.423   5.555   1.00 14.55 ? 81  ARG A NH2 1 
ATOM   576  N  N   . PHE A 1 62  ? 1.587   9.765   2.361   1.00 16.17 ? 82  PHE A N   1 
ATOM   577  C  CA  . PHE A 1 62  ? 0.149   9.569   2.143   1.00 15.94 ? 82  PHE A CA  1 
ATOM   578  C  C   . PHE A 1 62  ? -0.105  8.691   0.909   1.00 15.16 ? 82  PHE A C   1 
ATOM   579  O  O   . PHE A 1 62  ? -0.996  7.796   0.933   1.00 15.16 ? 82  PHE A O   1 
ATOM   580  C  CB  . PHE A 1 62  ? -0.547  10.927  1.987   1.00 16.38 ? 82  PHE A CB  1 
ATOM   581  C  CG  . PHE A 1 62  ? -2.065  10.833  2.004   1.00 17.56 ? 82  PHE A CG  1 
ATOM   582  C  CD1 . PHE A 1 62  ? -2.763  11.108  3.161   1.00 18.25 ? 82  PHE A CD1 1 
ATOM   583  C  CD2 . PHE A 1 62  ? -2.774  10.431  0.871   1.00 18.76 ? 82  PHE A CD2 1 
ATOM   584  C  CE1 . PHE A 1 62  ? -4.202  11.040  3.195   1.00 17.25 ? 82  PHE A CE1 1 
ATOM   585  C  CE2 . PHE A 1 62  ? -4.194  10.342  0.873   1.00 19.55 ? 82  PHE A CE2 1 
ATOM   586  C  CZ  . PHE A 1 62  ? -4.901  10.658  2.051   1.00 19.33 ? 82  PHE A CZ  1 
ATOM   587  N  N   . ARG A 1 63  ? 0.662   8.937   -0.166  1.00 15.59 ? 83  ARG A N   1 
ATOM   588  C  CA  . ARG A 1 63  ? 0.555   8.117   -1.375  1.00 16.87 ? 83  ARG A CA  1 
ATOM   589  C  C   . ARG A 1 63  ? 0.750   6.630   -1.103  1.00 16.24 ? 83  ARG A C   1 
ATOM   590  O  O   . ARG A 1 63  ? 0.045   5.798   -1.660  1.00 15.15 ? 83  ARG A O   1 
ATOM   591  C  CB  . ARG A 1 63  ? 1.541   8.600   -2.458  1.00 18.12 ? 83  ARG A CB  1 
ATOM   592  C  CG  . ARG A 1 63  ? 1.048   9.875   -3.165  1.00 22.57 ? 83  ARG A CG  1 
ATOM   593  C  CD  . ARG A 1 63  ? 1.867   10.148  -4.438  1.00 23.64 ? 83  ARG A CD  1 
ATOM   594  N  NE  . ARG A 1 63  ? 3.225   10.650  -4.161  1.00 32.53 ? 83  ARG A NE  1 
ATOM   595  C  CZ  . ARG A 1 63  ? 3.529   11.939  -3.965  1.00 35.01 ? 83  ARG A CZ  1 
ATOM   596  N  NH1 . ARG A 1 63  ? 2.578   12.861  -3.977  1.00 35.23 ? 83  ARG A NH1 1 
ATOM   597  N  NH2 . ARG A 1 63  ? 4.785   12.305  -3.717  1.00 36.69 ? 83  ARG A NH2 1 
ATOM   598  N  N   . VAL A 1 64  ? 1.719   6.300   -0.257  1.00 14.82 ? 84  VAL A N   1 
ATOM   599  C  CA  . VAL A 1 64  ? 1.918   4.872   0.069   1.00 15.33 ? 84  VAL A CA  1 
ATOM   600  C  C   . VAL A 1 64  ? 0.727   4.297   0.854   1.00 13.86 ? 84  VAL A C   1 
ATOM   601  O  O   . VAL A 1 64  ? 0.299   3.146   0.605   1.00 14.02 ? 84  VAL A O   1 
ATOM   602  C  CB  . VAL A 1 64  ? 3.251   4.662   0.817   1.00 14.11 ? 84  VAL A CB  1 
ATOM   603  C  CG1 . VAL A 1 64  ? 3.518   3.152   0.955   1.00 15.00 ? 84  VAL A CG1 1 
ATOM   604  C  CG2 . VAL A 1 64  ? 4.396   5.381   0.014   1.00 16.96 ? 84  VAL A CG2 1 
ATOM   605  N  N   . ILE A 1 65  ? 0.261   5.050   1.863   1.00 13.91 ? 85  ILE A N   1 
ATOM   606  C  CA  A ILE A 1 65  ? -0.896  4.656   2.660   0.50 14.57 ? 85  ILE A CA  1 
ATOM   607  C  CA  B ILE A 1 65  ? -0.901  4.668   2.659   0.50 14.78 ? 85  ILE A CA  1 
ATOM   608  C  C   . ILE A 1 65  ? -2.083  4.355   1.723   1.00 14.01 ? 85  ILE A C   1 
ATOM   609  O  O   . ILE A 1 65  ? -2.727  3.311   1.845   1.00 14.62 ? 85  ILE A O   1 
ATOM   610  C  CB  A ILE A 1 65  ? -1.241  5.739   3.701   0.50 13.64 ? 85  ILE A CB  1 
ATOM   611  C  CB  B ILE A 1 65  ? -1.257  5.784   3.672   0.50 13.77 ? 85  ILE A CB  1 
ATOM   612  C  CG1 A ILE A 1 65  ? -0.107  5.778   4.749   0.50 13.20 ? 85  ILE A CG1 1 
ATOM   613  C  CG1 B ILE A 1 65  ? -0.032  6.055   4.574   0.50 14.80 ? 85  ILE A CG1 1 
ATOM   614  C  CG2 A ILE A 1 65  ? -2.593  5.463   4.325   0.50 14.60 ? 85  ILE A CG2 1 
ATOM   615  C  CG2 B ILE A 1 65  ? -2.481  5.410   4.472   0.50 15.07 ? 85  ILE A CG2 1 
ATOM   616  C  CD1 A ILE A 1 65  ? 0.146   7.171   5.324   0.50 15.11 ? 85  ILE A CD1 1 
ATOM   617  C  CD1 B ILE A 1 65  ? 0.534   4.840   5.294   0.50 14.18 ? 85  ILE A CD1 1 
ATOM   618  N  N   . ALA A 1 66  ? -2.337  5.255   0.777   1.00 14.00 ? 86  ALA A N   1 
ATOM   619  C  CA  . ALA A 1 66  ? -3.483  5.109   -0.142  1.00 14.88 ? 86  ALA A CA  1 
ATOM   620  C  C   . ALA A 1 66  ? -3.258  3.890   -1.050  1.00 13.72 ? 86  ALA A C   1 
ATOM   621  O  O   . ALA A 1 66  ? -4.220  3.140   -1.304  1.00 15.37 ? 86  ALA A O   1 
ATOM   622  C  CB  . ALA A 1 66  ? -3.645  6.360   -0.942  1.00 15.44 ? 86  ALA A CB  1 
ATOM   623  N  N   . THR A 1 67  ? -2.038  3.691   -1.565  1.00 14.11 ? 87  THR A N   1 
ATOM   624  C  CA  . THR A 1 67  ? -1.740  2.505   -2.386  1.00 13.11 ? 87  THR A CA  1 
ATOM   625  C  C   . THR A 1 67  ? -2.002  1.208   -1.594  1.00 13.65 ? 87  THR A C   1 
ATOM   626  O  O   . THR A 1 67  ? -2.599  0.268   -2.137  1.00 13.88 ? 87  THR A O   1 
ATOM   627  C  CB  . THR A 1 67  ? -0.306  2.536   -2.856  1.00 13.52 ? 87  THR A CB  1 
ATOM   628  O  OG1 . THR A 1 67  ? -0.186  3.614   -3.789  1.00 14.79 ? 87  THR A OG1 1 
ATOM   629  C  CG2 . THR A 1 67  ? 0.057   1.268   -3.576  1.00 14.79 ? 87  THR A CG2 1 
ATOM   630  N  N   . ALA A 1 68  ? -1.583  1.184   -0.313  1.00 15.10 ? 88  ALA A N   1 
ATOM   631  C  CA  . ALA A 1 68  ? -1.791  -0.034  0.499   1.00 14.24 ? 88  ALA A CA  1 
ATOM   632  C  C   . ALA A 1 68  ? -3.283  -0.293  0.627   1.00 13.26 ? 88  ALA A C   1 
ATOM   633  O  O   . ALA A 1 68  ? -3.723  -1.430  0.538   1.00 13.00 ? 88  ALA A O   1 
ATOM   634  C  CB  . ALA A 1 68  ? -1.158  0.123   1.888   1.00 16.53 ? 88  ALA A CB  1 
ATOM   635  N  N   . TYR A 1 69  ? -4.060  0.758   0.842   1.00 13.42 ? 89  TYR A N   1 
ATOM   636  C  CA  . TYR A 1 69  ? -5.510  0.525   1.055   1.00 13.66 ? 89  TYR A CA  1 
ATOM   637  C  C   . TYR A 1 69  ? -6.163  0.065   -0.248  1.00 15.56 ? 89  TYR A C   1 
ATOM   638  O  O   . TYR A 1 69  ? -6.994  -0.837  -0.213  1.00 14.45 ? 89  TYR A O   1 
ATOM   639  C  CB  . TYR A 1 69  ? -6.156  1.802   1.559   1.00 14.21 ? 89  TYR A CB  1 
ATOM   640  C  CG  . TYR A 1 69  ? -7.604  1.655   1.948   1.00 13.75 ? 89  TYR A CG  1 
ATOM   641  C  CD1 . TYR A 1 69  ? -8.021  0.653   2.840   1.00 14.96 ? 89  TYR A CD1 1 
ATOM   642  C  CD2 . TYR A 1 69  ? -8.562  2.578   1.516   1.00 13.72 ? 89  TYR A CD2 1 
ATOM   643  C  CE1 . TYR A 1 69  ? -9.359  0.524   3.270   1.00 13.97 ? 89  TYR A CE1 1 
ATOM   644  C  CE2 . TYR A 1 69  ? -9.928  2.463   1.956   1.00 15.37 ? 89  TYR A CE2 1 
ATOM   645  C  CZ  . TYR A 1 69  ? -10.312 1.425   2.832   1.00 13.77 ? 89  TYR A CZ  1 
ATOM   646  O  OH  . TYR A 1 69  ? -11.627 1.310   3.260   1.00 15.55 ? 89  TYR A OH  1 
ATOM   647  N  N   . GLU A 1 70  ? -5.794  0.696   -1.370  1.00 15.82 ? 90  GLU A N   1 
ATOM   648  C  CA  A GLU A 1 70  ? -6.350  0.315   -2.674  0.60 17.54 ? 90  GLU A CA  1 
ATOM   649  C  CA  B GLU A 1 70  ? -6.327  0.331   -2.699  0.40 17.89 ? 90  GLU A CA  1 
ATOM   650  C  C   . GLU A 1 70  ? -6.033  -1.131  -3.024  1.00 17.61 ? 90  GLU A C   1 
ATOM   651  O  O   . GLU A 1 70  ? -6.874  -1.833  -3.577  1.00 18.09 ? 90  GLU A O   1 
ATOM   652  C  CB  A GLU A 1 70  ? -5.866  1.277   -3.752  0.60 18.04 ? 90  GLU A CB  1 
ATOM   653  C  CB  B GLU A 1 70  ? -5.807  1.280   -3.807  0.40 18.33 ? 90  GLU A CB  1 
ATOM   654  C  CG  A GLU A 1 70  ? -6.430  2.683   -3.559  0.60 17.43 ? 90  GLU A CG  1 
ATOM   655  C  CG  B GLU A 1 70  ? -4.668  0.751   -4.718  0.40 21.46 ? 90  GLU A CG  1 
ATOM   656  C  CD  A GLU A 1 70  ? -5.706  3.767   -4.371  0.60 20.95 ? 90  GLU A CD  1 
ATOM   657  C  CD  B GLU A 1 70  ? -4.270  1.719   -5.857  0.40 20.65 ? 90  GLU A CD  1 
ATOM   658  O  OE1 A GLU A 1 70  ? -4.776  3.413   -5.138  0.60 27.94 ? 90  GLU A OE1 1 
ATOM   659  O  OE1 B GLU A 1 70  ? -5.114  2.530   -6.293  0.40 26.94 ? 90  GLU A OE1 1 
ATOM   660  O  OE2 A GLU A 1 70  ? -6.070  4.979   -4.244  0.60 20.25 ? 90  GLU A OE2 1 
ATOM   661  O  OE2 B GLU A 1 70  ? -3.113  1.670   -6.317  0.40 23.80 ? 90  GLU A OE2 1 
ATOM   662  N  N   . THR A 1 71  ? -4.824  -1.575  -2.682  1.00 15.10 ? 91  THR A N   1 
ATOM   663  C  CA  . THR A 1 71  ? -4.396  -2.944  -2.968  1.00 15.93 ? 91  THR A CA  1 
ATOM   664  C  C   . THR A 1 71  ? -5.164  -3.944  -2.115  1.00 16.01 ? 91  THR A C   1 
ATOM   665  O  O   . THR A 1 71  ? -5.533  -5.014  -2.618  1.00 17.08 ? 91  THR A O   1 
ATOM   666  C  CB  . THR A 1 71  ? -2.904  -3.065  -2.656  1.00 15.98 ? 91  THR A CB  1 
ATOM   667  O  OG1 . THR A 1 71  ? -2.199  -2.136  -3.525  1.00 16.91 ? 91  THR A OG1 1 
ATOM   668  C  CG2 . THR A 1 71  ? -2.388  -4.516  -2.844  1.00 15.86 ? 91  THR A CG2 1 
ATOM   669  N  N   . LEU A 1 72  ? -5.404  -3.598  -0.848  1.00 14.41 ? 92  LEU A N   1 
ATOM   670  C  CA  . LEU A 1 72  ? -5.953  -4.592  0.070   1.00 14.68 ? 92  LEU A CA  1 
ATOM   671  C  C   . LEU A 1 72  ? -7.480  -4.558  0.133   1.00 15.64 ? 92  LEU A C   1 
ATOM   672  O  O   . LEU A 1 72  ? -8.098  -5.549  0.538   1.00 17.57 ? 92  LEU A O   1 
ATOM   673  C  CB  . LEU A 1 72  ? -5.352  -4.459  1.460   1.00 14.37 ? 92  LEU A CB  1 
ATOM   674  C  CG  . LEU A 1 72  ? -3.828  -4.697  1.503   1.00 13.60 ? 92  LEU A CG  1 
ATOM   675  C  CD1 . LEU A 1 72  ? -3.298  -4.381  2.916   1.00 17.27 ? 92  LEU A CD1 1 
ATOM   676  C  CD2 . LEU A 1 72  ? -3.546  -6.138  1.084   1.00 15.38 ? 92  LEU A CD2 1 
ATOM   677  N  N   . LYS A 1 73  ? -8.087  -3.427  -0.217  1.00 16.07 ? 93  LYS A N   1 
ATOM   678  C  CA  A LYS A 1 73  ? -9.556  -3.279  -0.077  0.50 17.32 ? 93  LYS A CA  1 
ATOM   679  C  CA  B LYS A 1 73  ? -9.552  -3.309  -0.058  0.50 17.25 ? 93  LYS A CA  1 
ATOM   680  C  C   . LYS A 1 73  ? -10.308 -3.905  -1.246  1.00 18.51 ? 93  LYS A C   1 
ATOM   681  O  O   . LYS A 1 73  ? -11.481 -4.320  -1.093  1.00 19.49 ? 93  LYS A O   1 
ATOM   682  C  CB  A LYS A 1 73  ? -9.946  -1.796  0.062   0.50 17.05 ? 93  LYS A CB  1 
ATOM   683  C  CB  B LYS A 1 73  ? -9.972  -1.854  0.165   0.50 17.13 ? 93  LYS A CB  1 
ATOM   684  C  CG  A LYS A 1 73  ? -11.439 -1.523  0.280   0.50 18.66 ? 93  LYS A CG  1 
ATOM   685  C  CG  B LYS A 1 73  ? -9.915  -1.026  -1.084  0.50 18.09 ? 93  LYS A CG  1 
ATOM   686  C  CD  A LYS A 1 73  ? -11.925 -1.990  1.637   0.50 17.80 ? 93  LYS A CD  1 
ATOM   687  C  CD  B LYS A 1 73  ? -10.442 0.376   -0.856  0.50 19.54 ? 93  LYS A CD  1 
ATOM   688  C  CE  A LYS A 1 73  ? -13.288 -1.366  2.000   0.50 18.24 ? 93  LYS A CE  1 
ATOM   689  C  CE  B LYS A 1 73  ? -10.669 1.070   -2.182  0.50 20.71 ? 93  LYS A CE  1 
ATOM   690  N  NZ  A LYS A 1 73  ? -14.285 -1.506  0.896   0.50 17.24 ? 93  LYS A NZ  1 
ATOM   691  N  NZ  B LYS A 1 73  ? -11.807 0.472   -2.882  0.50 21.25 ? 93  LYS A NZ  1 
ATOM   692  N  N   . ASP A 1 74  ? -9.651  -3.901  -2.414  1.00 18.89 ? 94  ASP A N   1 
ATOM   693  C  CA  A ASP A 1 74  ? -10.226 -4.493  -3.615  0.60 20.39 ? 94  ASP A CA  1 
ATOM   694  C  CA  B ASP A 1 74  ? -10.185 -4.476  -3.652  0.40 20.33 ? 94  ASP A CA  1 
ATOM   695  C  C   . ASP A 1 74  ? -9.974  -5.999  -3.623  1.00 20.69 ? 94  ASP A C   1 
ATOM   696  O  O   . ASP A 1 74  ? -8.837  -6.456  -3.583  1.00 21.40 ? 94  ASP A O   1 
ATOM   697  C  CB  A ASP A 1 74  ? -9.621  -3.866  -4.871  0.60 21.15 ? 94  ASP A CB  1 
ATOM   698  C  CB  B ASP A 1 74  ? -9.434  -3.842  -4.842  0.40 20.88 ? 94  ASP A CB  1 
ATOM   699  C  CG  A ASP A 1 74  ? -10.274 -4.383  -6.132  0.60 23.10 ? 94  ASP A CG  1 
ATOM   700  C  CG  B ASP A 1 74  ? -9.936  -4.317  -6.205  0.40 22.26 ? 94  ASP A CG  1 
ATOM   701  O  OD1 A ASP A 1 74  ? -11.455 -4.011  -6.353  0.60 25.92 ? 94  ASP A OD1 1 
ATOM   702  O  OD1 B ASP A 1 74  ? -9.981  -5.540  -6.476  0.40 23.84 ? 94  ASP A OD1 1 
ATOM   703  O  OD2 A ASP A 1 74  ? -9.630  -5.160  -6.884  0.60 22.27 ? 94  ASP A OD2 1 
ATOM   704  O  OD2 B ASP A 1 74  ? -10.275 -3.442  -7.032  0.40 24.41 ? 94  ASP A OD2 1 
ATOM   705  N  N   . ASP A 1 75  ? -11.046 -6.788  -3.676  1.00 21.27 ? 95  ASP A N   1 
ATOM   706  C  CA  . ASP A 1 75  ? -10.866 -8.262  -3.565  1.00 21.23 ? 95  ASP A CA  1 
ATOM   707  C  C   . ASP A 1 75  ? -9.905  -8.892  -4.589  1.00 20.84 ? 95  ASP A C   1 
ATOM   708  O  O   . ASP A 1 75  ? -9.095  -9.761  -4.247  1.00 19.31 ? 95  ASP A O   1 
ATOM   709  C  CB  . ASP A 1 75  ? -12.207 -8.980  -3.661  1.00 22.15 ? 95  ASP A CB  1 
ATOM   710  C  CG  . ASP A 1 75  ? -13.144 -8.608  -2.528  1.00 24.46 ? 95  ASP A CG  1 
ATOM   711  O  OD1 . ASP A 1 75  ? -12.754 -7.852  -1.621  1.00 25.13 ? 95  ASP A OD1 1 
ATOM   712  O  OD2 . ASP A 1 75  ? -14.309 -9.033  -2.607  1.00 29.85 ? 95  ASP A OD2 1 
ATOM   713  N  N   . GLU A 1 76  ? -10.025 -8.437  -5.838  1.00 20.40 ? 96  GLU A N   1 
ATOM   714  C  CA  A GLU A 1 76  ? -9.202  -8.950  -6.930  0.50 19.99 ? 96  GLU A CA  1 
ATOM   715  C  CA  B GLU A 1 76  ? -9.226  -8.935  -6.932  0.50 20.30 ? 96  GLU A CA  1 
ATOM   716  C  C   . GLU A 1 76  ? -7.738  -8.537  -6.767  1.00 19.67 ? 96  GLU A C   1 
ATOM   717  O  O   . GLU A 1 76  ? -6.835  -9.380  -6.901  1.00 18.91 ? 96  GLU A O   1 
ATOM   718  C  CB  A GLU A 1 76  ? -9.727  -8.480  -8.290  0.50 20.66 ? 96  GLU A CB  1 
ATOM   719  C  CB  B GLU A 1 76  ? -9.826  -8.418  -8.244  0.50 21.26 ? 96  GLU A CB  1 
ATOM   720  C  CG  A GLU A 1 76  ? -8.997  -9.058  -9.484  0.50 20.94 ? 96  GLU A CG  1 
ATOM   721  C  CG  B GLU A 1 76  ? -11.248 -8.975  -8.550  0.50 22.87 ? 96  GLU A CG  1 
ATOM   722  C  CD  A GLU A 1 76  ? -9.747  -8.867  -10.785 0.50 23.35 ? 96  GLU A CD  1 
ATOM   723  C  CD  B GLU A 1 76  ? -12.451 -8.310  -7.800  0.50 27.14 ? 96  GLU A CD  1 
ATOM   724  O  OE1 A GLU A 1 76  ? -10.665 -8.009  -10.857 0.50 26.57 ? 96  GLU A OE1 1 
ATOM   725  O  OE1 B GLU A 1 76  ? -12.329 -7.232  -7.151  0.50 24.51 ? 96  GLU A OE1 1 
ATOM   726  O  OE2 A GLU A 1 76  ? -9.423  -9.595  -11.734 0.50 22.65 ? 96  GLU A OE2 1 
ATOM   727  O  OE2 B GLU A 1 76  ? -13.561 -8.894  -7.890  0.50 28.84 ? 96  GLU A OE2 1 
ATOM   728  N  N   . ALA A 1 77  ? -7.512  -7.266  -6.437  1.00 18.10 ? 97  ALA A N   1 
ATOM   729  C  CA  . ALA A 1 77  ? -6.145  -6.732  -6.223  1.00 16.97 ? 97  ALA A CA  1 
ATOM   730  C  C   . ALA A 1 77  ? -5.522  -7.514  -5.062  1.00 16.97 ? 97  ALA A C   1 
ATOM   731  O  O   . ALA A 1 77  ? -4.350  -7.898  -5.140  1.00 16.94 ? 97  ALA A O   1 
ATOM   732  C  CB  . ALA A 1 77  ? -6.186  -5.227  -5.911  1.00 17.61 ? 97  ALA A CB  1 
ATOM   733  N  N   . LYS A 1 78  ? -6.311  -7.744  -3.995  1.00 17.08 ? 98  LYS A N   1 
ATOM   734  C  CA  . LYS A 1 78  ? -5.765  -8.402  -2.793  1.00 17.01 ? 98  LYS A CA  1 
ATOM   735  C  C   . LYS A 1 78  ? -5.401  -9.849  -3.146  1.00 17.04 ? 98  LYS A C   1 
ATOM   736  O  O   . LYS A 1 78  ? -4.364  -10.340 -2.714  1.00 16.86 ? 98  LYS A O   1 
ATOM   737  C  CB  . LYS A 1 78  ? -6.769  -8.371  -1.615  1.00 16.04 ? 98  LYS A CB  1 
ATOM   738  C  CG  . LYS A 1 78  ? -6.189  -8.976  -0.364  1.00 16.48 ? 98  LYS A CG  1 
ATOM   739  C  CD  . LYS A 1 78  ? -7.182  -8.891  0.779   1.00 17.27 ? 98  LYS A CD  1 
ATOM   740  C  CE  . LYS A 1 78  ? -6.558  -9.468  2.077   1.00 17.16 ? 98  LYS A CE  1 
ATOM   741  N  NZ  . LYS A 1 78  ? -6.258  -10.950 1.937   1.00 17.86 ? 98  LYS A NZ  1 
ATOM   742  N  N   . THR A 1 79  ? -6.247  -10.520 -3.923  1.00 16.07 ? 99  THR A N   1 
ATOM   743  C  CA  . THR A 1 79  ? -5.946  -11.912 -4.311  1.00 17.48 ? 99  THR A CA  1 
ATOM   744  C  C   . THR A 1 79  ? -4.631  -11.925 -5.128  1.00 17.95 ? 99  THR A C   1 
ATOM   745  O  O   . THR A 1 79  ? -3.727  -12.733 -4.872  1.00 18.91 ? 99  THR A O   1 
ATOM   746  C  CB  . THR A 1 79  ? -7.133  -12.483 -5.122  1.00 17.67 ? 99  THR A CB  1 
ATOM   747  O  OG1 . THR A 1 79  ? -8.269  -12.598 -4.255  1.00 20.08 ? 99  THR A OG1 1 
ATOM   748  C  CG2 . THR A 1 79  ? -6.762  -13.855 -5.705  1.00 18.65 ? 99  THR A CG2 1 
ATOM   749  N  N   . ASN A 1 80  ? -4.498  -10.971 -6.058  1.00 17.31 ? 100 ASN A N   1 
ATOM   750  C  CA  . ASN A 1 80  ? -3.253  -10.825 -6.839  1.00 17.05 ? 100 ASN A CA  1 
ATOM   751  C  C   . ASN A 1 80  ? -2.051  -10.525 -5.933  1.00 17.09 ? 100 ASN A C   1 
ATOM   752  O  O   . ASN A 1 80  ? -0.959  -11.101 -6.091  1.00 16.88 ? 100 ASN A O   1 
ATOM   753  C  CB  . ASN A 1 80  ? -3.396  -9.691  -7.861  1.00 18.72 ? 100 ASN A CB  1 
ATOM   754  C  CG  . ASN A 1 80  ? -4.328  -10.075 -9.035  1.00 20.34 ? 100 ASN A CG  1 
ATOM   755  O  OD1 . ASN A 1 80  ? -4.666  -11.232 -9.190  1.00 21.57 ? 100 ASN A OD1 1 
ATOM   756  N  ND2 . ASN A 1 80  ? -4.723  -9.105  -9.840  1.00 20.29 ? 100 ASN A ND2 1 
ATOM   757  N  N   . TYR A 1 81  ? -2.270  -9.629  -4.978  1.00 16.12 ? 101 TYR A N   1 
ATOM   758  C  CA  . TYR A 1 81  ? -1.199  -9.232  -4.053  1.00 15.55 ? 101 TYR A CA  1 
ATOM   759  C  C   . TYR A 1 81  ? -0.693  -10.402 -3.210  1.00 16.44 ? 101 TYR A C   1 
ATOM   760  O  O   . TYR A 1 81  ? 0.540   -10.664 -3.129  1.00 15.33 ? 101 TYR A O   1 
ATOM   761  C  CB  . TYR A 1 81  ? -1.697  -8.122  -3.115  1.00 16.33 ? 101 TYR A CB  1 
ATOM   762  C  CG  . TYR A 1 81  ? -0.514  -7.516  -2.344  1.00 15.14 ? 101 TYR A CG  1 
ATOM   763  C  CD1 . TYR A 1 81  ? 0.582   -6.945  -3.038  1.00 14.51 ? 101 TYR A CD1 1 
ATOM   764  C  CD2 . TYR A 1 81  ? -0.470  -7.535  -0.931  1.00 16.77 ? 101 TYR A CD2 1 
ATOM   765  C  CE1 . TYR A 1 81  ? 1.679   -6.415  -2.374  1.00 15.04 ? 101 TYR A CE1 1 
ATOM   766  C  CE2 . TYR A 1 81  ? 0.624   -7.019  -0.243  1.00 15.42 ? 101 TYR A CE2 1 
ATOM   767  C  CZ  . TYR A 1 81  ? 1.699   -6.445  -0.947  1.00 16.40 ? 101 TYR A CZ  1 
ATOM   768  O  OH  . TYR A 1 81  ? 2.758   -5.903  -0.300  1.00 16.99 ? 101 TYR A OH  1 
ATOM   769  N  N   . ASP A 1 82  ? -1.646  -11.136 -2.636  1.00 16.42 ? 102 ASP A N   1 
ATOM   770  C  CA  . ASP A 1 82  ? -1.295  -12.309 -1.849  1.00 17.17 ? 102 ASP A CA  1 
ATOM   771  C  C   . ASP A 1 82  ? -0.529  -13.363 -2.677  1.00 18.51 ? 102 ASP A C   1 
ATOM   772  O  O   . ASP A 1 82  ? 0.431   -13.984 -2.193  1.00 18.26 ? 102 ASP A O   1 
ATOM   773  C  CB  . ASP A 1 82  ? -2.567  -12.893 -1.235  1.00 18.31 ? 102 ASP A CB  1 
ATOM   774  C  CG  . ASP A 1 82  ? -3.121  -12.031 -0.112  1.00 17.43 ? 102 ASP A CG  1 
ATOM   775  O  OD1 . ASP A 1 82  ? -2.411  -11.136 0.412   1.00 18.88 ? 102 ASP A OD1 1 
ATOM   776  O  OD2 . ASP A 1 82  ? -4.311  -12.239 0.253   1.00 18.26 ? 102 ASP A OD2 1 
ATOM   777  N  N   . TYR A 1 83  ? -0.940  -13.550 -3.922  1.00 18.21 ? 103 TYR A N   1 
ATOM   778  C  CA  . TYR A 1 83  ? -0.242  -14.466 -4.828  1.00 19.05 ? 103 TYR A CA  1 
ATOM   779  C  C   . TYR A 1 83  ? 1.217   -14.002 -5.068  1.00 18.92 ? 103 TYR A C   1 
ATOM   780  O  O   . TYR A 1 83  ? 2.169   -14.784 -4.992  1.00 18.09 ? 103 TYR A O   1 
ATOM   781  C  CB  . TYR A 1 83  ? -0.999  -14.575 -6.144  1.00 19.74 ? 103 TYR A CB  1 
ATOM   782  C  CG  . TYR A 1 83  ? -0.457  -15.706 -6.983  1.00 19.87 ? 103 TYR A CG  1 
ATOM   783  C  CD1 . TYR A 1 83  ? -1.050  -16.958 -6.941  1.00 23.65 ? 103 TYR A CD1 1 
ATOM   784  C  CD2 . TYR A 1 83  ? 0.654   -15.517 -7.774  1.00 19.31 ? 103 TYR A CD2 1 
ATOM   785  C  CE1 . TYR A 1 83  ? -0.551  -17.995 -7.705  1.00 23.47 ? 103 TYR A CE1 1 
ATOM   786  C  CE2 . TYR A 1 83  ? 1.169   -16.536 -8.561  1.00 22.45 ? 103 TYR A CE2 1 
ATOM   787  C  CZ  . TYR A 1 83  ? 0.565   -17.785 -8.503  1.00 23.52 ? 103 TYR A CZ  1 
ATOM   788  O  OH  . TYR A 1 83  ? 1.063   -18.814 -9.276  1.00 24.43 ? 103 TYR A OH  1 
ATOM   789  N  N   . TYR A 1 84  ? 1.369   -12.715 -5.340  1.00 17.04 ? 104 TYR A N   1 
ATOM   790  C  CA  . TYR A 1 84  ? 2.705   -12.095 -5.461  1.00 16.57 ? 104 TYR A CA  1 
ATOM   791  C  C   . TYR A 1 84  ? 3.590   -12.282 -4.225  1.00 15.99 ? 104 TYR A C   1 
ATOM   792  O  O   . TYR A 1 84  ? 4.764   -12.637 -4.345  1.00 16.63 ? 104 TYR A O   1 
ATOM   793  C  CB  . TYR A 1 84  ? 2.448   -10.612 -5.701  1.00 17.13 ? 104 TYR A CB  1 
ATOM   794  C  CG  . TYR A 1 84  ? 3.608   -9.662  -5.530  1.00 16.89 ? 104 TYR A CG  1 
ATOM   795  C  CD1 . TYR A 1 84  ? 4.660   -9.642  -6.473  1.00 18.30 ? 104 TYR A CD1 1 
ATOM   796  C  CD2 . TYR A 1 84  ? 3.600   -8.678  -4.498  1.00 15.91 ? 104 TYR A CD2 1 
ATOM   797  C  CE1 . TYR A 1 84  ? 5.717   -8.702  -6.363  1.00 17.36 ? 104 TYR A CE1 1 
ATOM   798  C  CE2 . TYR A 1 84  ? 4.656   -7.742  -4.378  1.00 14.03 ? 104 TYR A CE2 1 
ATOM   799  C  CZ  . TYR A 1 84  ? 5.681   -7.729  -5.310  1.00 15.51 ? 104 TYR A CZ  1 
ATOM   800  O  OH  . TYR A 1 84  ? 6.667   -6.787  -5.199  1.00 16.47 ? 104 TYR A OH  1 
ATOM   801  N  N   . LEU A 1 85  ? 3.021   -12.044 -3.040  1.00 16.46 ? 105 LEU A N   1 
ATOM   802  C  CA  . LEU A 1 85  ? 3.774   -12.276 -1.800  1.00 16.17 ? 105 LEU A CA  1 
ATOM   803  C  C   . LEU A 1 85  ? 4.235   -13.753 -1.720  1.00 16.80 ? 105 LEU A C   1 
ATOM   804  O  O   . LEU A 1 85  ? 5.367   -14.046 -1.324  1.00 17.93 ? 105 LEU A O   1 
ATOM   805  C  CB  . LEU A 1 85  ? 2.940   -11.946 -0.565  1.00 17.24 ? 105 LEU A CB  1 
ATOM   806  C  CG  . LEU A 1 85  ? 2.611   -10.462 -0.351  1.00 15.60 ? 105 LEU A CG  1 
ATOM   807  C  CD1 . LEU A 1 85  ? 1.783   -10.382 0.954   1.00 17.60 ? 105 LEU A CD1 1 
ATOM   808  C  CD2 . LEU A 1 85  ? 3.907   -9.572  -0.232  1.00 15.49 ? 105 LEU A CD2 1 
ATOM   809  N  N   . ASP A 1 86  ? 3.334   -14.644 -2.094  1.00 17.28 ? 106 ASP A N   1 
ATOM   810  C  CA  . ASP A 1 86  ? 3.550   -16.101 -1.969  1.00 19.23 ? 106 ASP A CA  1 
ATOM   811  C  C   . ASP A 1 86  ? 4.422   -16.685 -3.079  1.00 19.98 ? 106 ASP A C   1 
ATOM   812  O  O   . ASP A 1 86  ? 5.017   -17.787 -2.899  1.00 20.40 ? 106 ASP A O   1 
ATOM   813  C  CB  . ASP A 1 86  ? 2.194   -16.832 -1.915  1.00 18.30 ? 106 ASP A CB  1 
ATOM   814  C  CG  . ASP A 1 86  ? 1.425   -16.573 -0.633  1.00 21.50 ? 106 ASP A CG  1 
ATOM   815  O  OD1 . ASP A 1 86  ? 2.005   -16.016 0.345   1.00 23.06 ? 106 ASP A OD1 1 
ATOM   816  O  OD2 . ASP A 1 86  ? 0.212   -16.907 -0.603  1.00 22.02 ? 106 ASP A OD2 1 
ATOM   817  N  N   . HIS A 1 87  ? 4.494   -15.996 -4.225  1.00 20.35 ? 107 HIS A N   1 
ATOM   818  C  CA  . HIS A 1 87  ? 5.185   -16.534 -5.410  1.00 20.69 ? 107 HIS A CA  1 
ATOM   819  C  C   . HIS A 1 87  ? 6.070   -15.470 -6.055  1.00 21.53 ? 107 HIS A C   1 
ATOM   820  O  O   . HIS A 1 87  ? 5.844   -15.099 -7.195  1.00 21.23 ? 107 HIS A O   1 
ATOM   821  C  CB  . HIS A 1 87  ? 4.163   -17.081 -6.427  1.00 21.32 ? 107 HIS A CB  1 
ATOM   822  C  CG  . HIS A 1 87  ? 3.122   -17.966 -5.817  1.00 22.80 ? 107 HIS A CG  1 
ATOM   823  N  ND1 . HIS A 1 87  ? 3.292   -19.324 -5.648  1.00 27.23 ? 107 HIS A ND1 1 
ATOM   824  C  CD2 . HIS A 1 87  ? 1.896   -17.678 -5.323  1.00 23.18 ? 107 HIS A CD2 1 
ATOM   825  C  CE1 . HIS A 1 87  ? 2.212   -19.835 -5.085  1.00 24.63 ? 107 HIS A CE1 1 
ATOM   826  N  NE2 . HIS A 1 87  ? 1.351   -18.860 -4.877  1.00 28.08 ? 107 HIS A NE2 1 
ATOM   827  N  N   . PRO A 1 88  ? 7.073   -14.962 -5.308  1.00 22.29 ? 108 PRO A N   1 
ATOM   828  C  CA  . PRO A 1 88  ? 7.926   -13.890 -5.817  1.00 22.86 ? 108 PRO A CA  1 
ATOM   829  C  C   . PRO A 1 88  ? 8.698   -14.265 -7.087  1.00 22.60 ? 108 PRO A C   1 
ATOM   830  O  O   . PRO A 1 88  ? 9.063   -13.398 -7.861  1.00 22.94 ? 108 PRO A O   1 
ATOM   831  C  CB  . PRO A 1 88  ? 8.903   -13.640 -4.656  1.00 23.32 ? 108 PRO A CB  1 
ATOM   832  C  CG  . PRO A 1 88  ? 8.930   -14.995 -3.893  1.00 23.17 ? 108 PRO A CG  1 
ATOM   833  C  CD  . PRO A 1 88  ? 7.471   -15.382 -3.944  1.00 21.82 ? 108 PRO A CD  1 
ATOM   834  N  N   . ASP A 1 89  ? 8.921   -15.559 -7.303  1.00 23.19 ? 109 ASP A N   1 
ATOM   835  C  CA  A ASP A 1 89  ? 9.653   -15.967 -8.505  0.60 23.20 ? 109 ASP A CA  1 
ATOM   836  C  CA  B ASP A 1 89  ? 9.604   -16.088 -8.486  0.40 23.17 ? 109 ASP A CA  1 
ATOM   837  C  C   . ASP A 1 89  ? 8.813   -15.928 -9.781  1.00 22.33 ? 109 ASP A C   1 
ATOM   838  O  O   . ASP A 1 89  ? 9.372   -15.989 -10.889 1.00 24.60 ? 109 ASP A O   1 
ATOM   839  C  CB  A ASP A 1 89  ? 10.261  -17.360 -8.328  0.60 23.33 ? 109 ASP A CB  1 
ATOM   840  C  CB  B ASP A 1 89  ? 9.880   -17.581 -8.263  0.40 23.37 ? 109 ASP A CB  1 
ATOM   841  C  CG  A ASP A 1 89  ? 11.510  -17.361 -7.457  0.60 26.25 ? 109 ASP A CG  1 
ATOM   842  C  CG  B ASP A 1 89  ? 9.026   -18.170 -7.145  0.40 25.38 ? 109 ASP A CG  1 
ATOM   843  O  OD1 A ASP A 1 89  ? 12.052  -16.278 -7.110  0.60 26.95 ? 109 ASP A OD1 1 
ATOM   844  O  OD1 B ASP A 1 89  ? 9.607   -18.530 -6.101  0.40 29.17 ? 109 ASP A OD1 1 
ATOM   845  O  OD2 A ASP A 1 89  ? 11.967  -18.476 -7.145  0.60 29.13 ? 109 ASP A OD2 1 
ATOM   846  O  OD2 B ASP A 1 89  ? 7.783   -18.246 -7.283  0.40 24.98 ? 109 ASP A OD2 1 
ATOM   847  N  N   . GLN A 1 90  ? 7.492   -15.791 -9.662  1.00 20.81 ? 110 GLN A N   1 
ATOM   848  C  CA  A GLN A 1 90  ? 6.655   -15.759 -10.858 0.60 20.02 ? 110 GLN A CA  1 
ATOM   849  C  CA  B GLN A 1 90  ? 6.633   -15.745 -10.844 0.40 20.96 ? 110 GLN A CA  1 
ATOM   850  C  C   . GLN A 1 90  ? 6.555   -14.323 -11.384 1.00 20.02 ? 110 GLN A C   1 
ATOM   851  O  O   . GLN A 1 90  ? 5.498   -13.716 -11.399 1.00 19.73 ? 110 GLN A O   1 
ATOM   852  C  CB  A GLN A 1 90  ? 5.310   -16.415 -10.591 0.60 19.41 ? 110 GLN A CB  1 
ATOM   853  C  CB  B GLN A 1 90  ? 5.249   -16.313 -10.533 0.40 20.67 ? 110 GLN A CB  1 
ATOM   854  C  CG  A GLN A 1 90  ? 5.498   -17.897 -10.124 0.60 18.44 ? 110 GLN A CG  1 
ATOM   855  C  CG  B GLN A 1 90  ? 5.204   -17.846 -10.593 0.40 24.04 ? 110 GLN A CG  1 
ATOM   856  C  CD  A GLN A 1 90  ? 4.192   -18.638 -9.926  0.60 19.53 ? 110 GLN A CD  1 
ATOM   857  C  CD  B GLN A 1 90  ? 5.241   -18.353 -12.015 0.40 25.70 ? 110 GLN A CD  1 
ATOM   858  O  OE1 A GLN A 1 90  ? 3.142   -18.244 -10.436 0.60 18.01 ? 110 GLN A OE1 1 
ATOM   859  O  OE1 B GLN A 1 90  ? 4.260   -18.244 -12.757 0.40 28.78 ? 110 GLN A OE1 1 
ATOM   860  N  NE2 A GLN A 1 90  ? 4.257   -19.740 -9.187  0.60 18.58 ? 110 GLN A NE2 1 
ATOM   861  N  NE2 B GLN A 1 90  ? 6.380   -18.910 -12.412 0.40 29.44 ? 110 GLN A NE2 1 
ATOM   862  N  N   . ARG A 1 91  ? 7.697   -13.806 -11.834 1.00 20.50 ? 111 ARG A N   1 
ATOM   863  C  CA  . ARG A 1 91  ? 7.799   -12.367 -12.146 1.00 20.72 ? 111 ARG A CA  1 
ATOM   864  C  C   . ARG A 1 91  ? 6.821   -11.914 -13.217 1.00 19.80 ? 111 ARG A C   1 
ATOM   865  O  O   . ARG A 1 91  ? 6.079   -10.927 -13.027 1.00 18.26 ? 111 ARG A O   1 
ATOM   866  C  CB  . ARG A 1 91  ? 9.208   -12.011 -12.608 1.00 20.77 ? 111 ARG A CB  1 
ATOM   867  C  CG  . ARG A 1 91  ? 9.395   -10.496 -12.785 1.00 22.91 ? 111 ARG A CG  1 
ATOM   868  C  CD  . ARG A 1 91  ? 10.734  -10.148 -13.486 1.00 24.30 ? 111 ARG A CD  1 
ATOM   869  N  NE  . ARG A 1 91  ? 11.075  -8.717  -13.429 1.00 30.34 ? 111 ARG A NE  1 
ATOM   870  C  CZ  . ARG A 1 91  ? 10.800  -7.811  -14.379 1.00 34.03 ? 111 ARG A CZ  1 
ATOM   871  N  NH1 . ARG A 1 91  ? 10.145  -8.147  -15.490 1.00 33.65 ? 111 ARG A NH1 1 
ATOM   872  N  NH2 . ARG A 1 91  ? 11.195  -6.550  -14.211 1.00 35.29 ? 111 ARG A NH2 1 
ATOM   873  N  N   . PHE A 1 92  ? 6.838   -12.594 -14.364 1.00 19.34 ? 112 PHE A N   1 
ATOM   874  C  CA  . PHE A 1 92  ? 5.993   -12.122 -15.451 1.00 18.46 ? 112 PHE A CA  1 
ATOM   875  C  C   . PHE A 1 92  ? 4.509   -12.171 -15.051 1.00 18.69 ? 112 PHE A C   1 
ATOM   876  O  O   . PHE A 1 92  ? 3.777   -11.206 -15.251 1.00 18.02 ? 112 PHE A O   1 
ATOM   877  C  CB  . PHE A 1 92  ? 6.266   -12.888 -16.750 1.00 18.56 ? 112 PHE A CB  1 
ATOM   878  C  CG  . PHE A 1 92  ? 5.662   -12.207 -17.933 1.00 18.37 ? 112 PHE A CG  1 
ATOM   879  C  CD1 . PHE A 1 92  ? 6.475   -11.503 -18.838 1.00 22.64 ? 112 PHE A CD1 1 
ATOM   880  C  CD2 . PHE A 1 92  ? 4.274   -12.241 -18.131 1.00 17.02 ? 112 PHE A CD2 1 
ATOM   881  C  CE1 . PHE A 1 92  ? 5.896   -10.863 -19.949 1.00 19.75 ? 112 PHE A CE1 1 
ATOM   882  C  CE2 . PHE A 1 92  ? 3.686   -11.580 -19.249 1.00 20.86 ? 112 PHE A CE2 1 
ATOM   883  C  CZ  . PHE A 1 92  ? 4.532   -10.878 -20.131 1.00 18.70 ? 112 PHE A CZ  1 
ATOM   884  N  N   . TYR A 1 93  ? 4.085   -13.280 -14.460 1.00 17.49 ? 113 TYR A N   1 
ATOM   885  C  CA  . TYR A 1 93  ? 2.701   -13.416 -14.048 1.00 18.86 ? 113 TYR A CA  1 
ATOM   886  C  C   . TYR A 1 93  ? 2.325   -12.263 -13.064 1.00 18.38 ? 113 TYR A C   1 
ATOM   887  O  O   . TYR A 1 93  ? 1.294   -11.614 -13.202 1.00 18.52 ? 113 TYR A O   1 
ATOM   888  C  CB  . TYR A 1 93  ? 2.544   -14.787 -13.372 1.00 19.86 ? 113 TYR A CB  1 
ATOM   889  C  CG  . TYR A 1 93  ? 1.128   -15.029 -12.888 1.00 23.57 ? 113 TYR A CG  1 
ATOM   890  C  CD1 . TYR A 1 93  ? 0.112   -15.374 -13.778 1.00 26.59 ? 113 TYR A CD1 1 
ATOM   891  C  CD2 . TYR A 1 93  ? 0.805   -14.836 -11.538 1.00 24.02 ? 113 TYR A CD2 1 
ATOM   892  C  CE1 . TYR A 1 93  ? -1.200  -15.569 -13.301 1.00 30.19 ? 113 TYR A CE1 1 
ATOM   893  C  CE2 . TYR A 1 93  ? -0.497  -15.005 -11.069 1.00 28.00 ? 113 TYR A CE2 1 
ATOM   894  C  CZ  . TYR A 1 93  ? -1.479  -15.367 -11.934 1.00 27.16 ? 113 TYR A CZ  1 
ATOM   895  O  OH  . TYR A 1 93  ? -2.758  -15.494 -11.399 1.00 29.56 ? 113 TYR A OH  1 
ATOM   896  N  N   . ASN A 1 94  ? 3.160   -12.013 -12.075 1.00 18.43 ? 114 ASN A N   1 
ATOM   897  C  CA  . ASN A 1 94  ? 2.838   -10.976 -11.074 1.00 18.17 ? 114 ASN A CA  1 
ATOM   898  C  C   . ASN A 1 94  ? 2.782   -9.582  -11.678 1.00 17.82 ? 114 ASN A C   1 
ATOM   899  O  O   . ASN A 1 94  ? 1.856   -8.788  -11.403 1.00 17.97 ? 114 ASN A O   1 
ATOM   900  C  CB  . ASN A 1 94  ? 3.861   -11.006 -9.941  1.00 18.41 ? 114 ASN A CB  1 
ATOM   901  C  CG  . ASN A 1 94  ? 3.744   -12.272 -9.095  1.00 18.64 ? 114 ASN A CG  1 
ATOM   902  O  OD1 . ASN A 1 94  ? 2.649   -12.803 -8.938  1.00 18.03 ? 114 ASN A OD1 1 
ATOM   903  N  ND2 . ASN A 1 94  ? 4.871   -12.718 -8.516  1.00 18.15 ? 114 ASN A ND2 1 
ATOM   904  N  N   . TYR A 1 95  ? 3.736   -9.284  -12.552 1.00 17.92 ? 115 TYR A N   1 
ATOM   905  C  CA  . TYR A 1 95  ? 3.679   -8.010  -13.256 1.00 18.40 ? 115 TYR A CA  1 
ATOM   906  C  C   . TYR A 1 95  ? 2.437   -7.901  -14.132 1.00 18.42 ? 115 TYR A C   1 
ATOM   907  O  O   . TYR A 1 95  ? 1.775   -6.856  -14.144 1.00 19.26 ? 115 TYR A O   1 
ATOM   908  C  CB  . TYR A 1 95  ? 4.922   -7.831  -14.129 1.00 19.05 ? 115 TYR A CB  1 
ATOM   909  C  CG  . TYR A 1 95  ? 6.146   -7.276  -13.415 1.00 19.70 ? 115 TYR A CG  1 
ATOM   910  C  CD1 . TYR A 1 95  ? 6.741   -7.960  -12.356 1.00 21.71 ? 115 TYR A CD1 1 
ATOM   911  C  CD2 . TYR A 1 95  ? 6.737   -6.089  -13.848 1.00 23.85 ? 115 TYR A CD2 1 
ATOM   912  C  CE1 . TYR A 1 95  ? 7.893   -7.446  -11.714 1.00 19.52 ? 115 TYR A CE1 1 
ATOM   913  C  CE2 . TYR A 1 95  ? 7.893   -5.575  -13.217 1.00 24.48 ? 115 TYR A CE2 1 
ATOM   914  C  CZ  . TYR A 1 95  ? 8.462   -6.281  -12.163 1.00 23.48 ? 115 TYR A CZ  1 
ATOM   915  O  OH  . TYR A 1 95  ? 9.596   -5.796  -11.515 1.00 25.20 ? 115 TYR A OH  1 
ATOM   916  N  N   . TYR A 1 96  ? 2.150   -8.957  -14.902 1.00 17.86 ? 116 TYR A N   1 
ATOM   917  C  CA  . TYR A 1 96  ? 0.976   -8.989  -15.768 1.00 19.43 ? 116 TYR A CA  1 
ATOM   918  C  C   . TYR A 1 96  ? -0.324  -8.744  -14.955 1.00 20.33 ? 116 TYR A C   1 
ATOM   919  O  O   . TYR A 1 96  ? -1.175  -7.907  -15.330 1.00 21.34 ? 116 TYR A O   1 
ATOM   920  C  CB  . TYR A 1 96  ? 0.911   -10.364 -16.467 1.00 19.65 ? 116 TYR A CB  1 
ATOM   921  C  CG  . TYR A 1 96  ? -0.322  -10.538 -17.315 1.00 20.34 ? 116 TYR A CG  1 
ATOM   922  C  CD1 . TYR A 1 96  ? -0.418  -9.936  -18.563 1.00 22.63 ? 116 TYR A CD1 1 
ATOM   923  C  CD2 . TYR A 1 96  ? -1.403  -11.253 -16.841 1.00 20.41 ? 116 TYR A CD2 1 
ATOM   924  C  CE1 . TYR A 1 96  ? -1.547  -10.058 -19.341 1.00 24.33 ? 116 TYR A CE1 1 
ATOM   925  C  CE2 . TYR A 1 96  ? -2.577  -11.362 -17.608 1.00 20.07 ? 116 TYR A CE2 1 
ATOM   926  C  CZ  . TYR A 1 96  ? -2.626  -10.759 -18.854 1.00 22.77 ? 116 TYR A CZ  1 
ATOM   927  O  OH  . TYR A 1 96  ? -3.762  -10.855 -19.633 1.00 22.76 ? 116 TYR A OH  1 
ATOM   928  N  N   . GLN A 1 97  ? -0.483  -9.461  -13.839 1.00 19.22 ? 117 GLN A N   1 
ATOM   929  C  CA  . GLN A 1 97  ? -1.719  -9.310  -13.049 1.00 21.06 ? 117 GLN A CA  1 
ATOM   930  C  C   . GLN A 1 97  ? -1.842  -7.890  -12.494 1.00 21.73 ? 117 GLN A C   1 
ATOM   931  O  O   . GLN A 1 97  ? -2.937  -7.343  -12.464 1.00 23.40 ? 117 GLN A O   1 
ATOM   932  C  CB  . GLN A 1 97  ? -1.801  -10.301 -11.895 1.00 20.30 ? 117 GLN A CB  1 
ATOM   933  C  CG  . GLN A 1 97  ? -1.797  -11.815 -12.313 1.00 22.98 ? 117 GLN A CG  1 
ATOM   934  C  CD  . GLN A 1 97  ? -2.871  -12.188 -13.322 1.00 27.78 ? 117 GLN A CD  1 
ATOM   935  O  OE1 . GLN A 1 97  ? -3.978  -11.643 -13.325 1.00 27.30 ? 117 GLN A OE1 1 
ATOM   936  N  NE2 . GLN A 1 97  ? -2.540  -13.148 -14.186 1.00 31.01 ? 117 GLN A NE2 1 
ATOM   937  N  N   . TYR A 1 98  ? -0.720  -7.320  -12.055 1.00 21.11 ? 118 TYR A N   1 
ATOM   938  C  CA  . TYR A 1 98  ? -0.717  -5.941  -11.532 1.00 22.03 ? 118 TYR A CA  1 
ATOM   939  C  C   . TYR A 1 98  ? -1.167  -4.961  -12.626 1.00 22.75 ? 118 TYR A C   1 
ATOM   940  O  O   . TYR A 1 98  ? -2.124  -4.174  -12.459 1.00 20.88 ? 118 TYR A O   1 
ATOM   941  C  CB  . TYR A 1 98  ? 0.677   -5.580  -11.033 1.00 21.45 ? 118 TYR A CB  1 
ATOM   942  C  CG  . TYR A 1 98  ? 0.815   -4.142  -10.554 1.00 19.77 ? 118 TYR A CG  1 
ATOM   943  C  CD1 . TYR A 1 98  ? 0.312   -3.754  -9.312  1.00 17.82 ? 118 TYR A CD1 1 
ATOM   944  C  CD2 . TYR A 1 98  ? 1.467   -3.191  -11.322 1.00 21.46 ? 118 TYR A CD2 1 
ATOM   945  C  CE1 . TYR A 1 98  ? 0.461   -2.497  -8.842  1.00 17.63 ? 118 TYR A CE1 1 
ATOM   946  C  CE2 . TYR A 1 98  ? 1.593   -1.871  -10.868 1.00 20.68 ? 118 TYR A CE2 1 
ATOM   947  C  CZ  . TYR A 1 98  ? 1.094   -1.548  -9.620  1.00 21.08 ? 118 TYR A CZ  1 
ATOM   948  O  OH  . TYR A 1 98  ? 1.206   -0.260  -9.161  1.00 20.56 ? 118 TYR A OH  1 
ATOM   949  N  N   . TYR A 1 99  ? -0.483  -5.011  -13.766 1.00 22.80 ? 119 TYR A N   1 
ATOM   950  C  CA  . TYR A 1 99  ? -0.826  -4.084  -14.849 1.00 25.75 ? 119 TYR A CA  1 
ATOM   951  C  C   . TYR A 1 99  ? -2.186  -4.336  -15.512 1.00 26.61 ? 119 TYR A C   1 
ATOM   952  O  O   . TYR A 1 99  ? -2.895  -3.360  -15.855 1.00 28.83 ? 119 TYR A O   1 
ATOM   953  C  CB  . TYR A 1 99  ? 0.344   -3.958  -15.840 1.00 24.42 ? 119 TYR A CB  1 
ATOM   954  C  CG  . TYR A 1 99  ? 1.534   -3.233  -15.254 1.00 26.09 ? 119 TYR A CG  1 
ATOM   955  C  CD1 . TYR A 1 99  ? 1.468   -1.863  -14.928 1.00 27.21 ? 119 TYR A CD1 1 
ATOM   956  C  CD2 . TYR A 1 99  ? 2.722   -3.895  -14.996 1.00 24.86 ? 119 TYR A CD2 1 
ATOM   957  C  CE1 . TYR A 1 99  ? 2.585   -1.177  -14.363 1.00 25.52 ? 119 TYR A CE1 1 
ATOM   958  C  CE2 . TYR A 1 99  ? 3.833   -3.229  -14.440 1.00 24.91 ? 119 TYR A CE2 1 
ATOM   959  C  CZ  . TYR A 1 99  ? 3.760   -1.866  -14.136 1.00 25.06 ? 119 TYR A CZ  1 
ATOM   960  O  OH  . TYR A 1 99  ? 4.873   -1.241  -13.600 1.00 27.39 ? 119 TYR A OH  1 
ATOM   961  N  N   . ARG A 1 100 ? -2.596  -5.599  -15.649 1.00 27.50 ? 120 ARG A N   1 
ATOM   962  C  CA  . ARG A 1 100 ? -3.912  -5.958  -16.225 1.00 29.51 ? 120 ARG A CA  1 
ATOM   963  C  C   . ARG A 1 100 ? -5.075  -5.328  -15.454 1.00 30.59 ? 120 ARG A C   1 
ATOM   964  O  O   . ARG A 1 100 ? -6.063  -4.847  -16.029 1.00 28.93 ? 120 ARG A O   1 
ATOM   965  C  CB  . ARG A 1 100 ? -4.133  -7.473  -16.199 1.00 29.36 ? 120 ARG A CB  1 
ATOM   966  C  CG  . ARG A 1 100 ? -5.359  -7.932  -17.009 1.00 31.56 ? 120 ARG A CG  1 
ATOM   967  C  CD  . ARG A 1 100 ? -5.830  -9.340  -16.661 1.00 32.20 ? 120 ARG A CD  1 
ATOM   968  N  NE  . ARG A 1 100 ? -6.316  -9.394  -15.287 1.00 38.11 ? 120 ARG A NE  1 
ATOM   969  C  CZ  . ARG A 1 100 ? -7.549  -9.049  -14.885 1.00 38.47 ? 120 ARG A CZ  1 
ATOM   970  N  NH1 . ARG A 1 100 ? -8.485  -8.631  -15.744 1.00 39.88 ? 120 ARG A NH1 1 
ATOM   971  N  NH2 . ARG A 1 100 ? -7.851  -9.136  -13.605 1.00 36.56 ? 120 ARG A NH2 1 
ATOM   972  N  N   . LEU A 1 101 ? -4.973  -5.380  -14.135 1.00 31.52 ? 121 LEU A N   1 
ATOM   973  C  CA  A LEU A 1 101 ? -6.043  -4.889  -13.295 0.60 33.16 ? 121 LEU A CA  1 
ATOM   974  C  CA  B LEU A 1 101 ? -6.045  -4.904  -13.285 0.40 33.52 ? 121 LEU A CA  1 
ATOM   975  C  C   . LEU A 1 101 ? -6.173  -3.398  -13.441 1.00 34.06 ? 121 LEU A C   1 
ATOM   976  O  O   . LEU A 1 101 ? -7.287  -2.862  -13.416 1.00 35.23 ? 121 LEU A O   1 
ATOM   977  C  CB  A LEU A 1 101 ? -5.791  -5.240  -11.837 0.60 32.12 ? 121 LEU A CB  1 
ATOM   978  C  CB  B LEU A 1 101 ? -5.767  -5.269  -11.828 0.40 33.19 ? 121 LEU A CB  1 
ATOM   979  C  CG  A LEU A 1 101 ? -6.770  -6.229  -11.252 0.60 32.67 ? 121 LEU A CG  1 
ATOM   980  C  CG  B LEU A 1 101 ? -6.970  -5.504  -10.929 0.40 34.71 ? 121 LEU A CG  1 
ATOM   981  C  CD1 A LEU A 1 101 ? -6.644  -6.147  -9.742  0.60 27.59 ? 121 LEU A CD1 1 
ATOM   982  C  CD1 B LEU A 1 101 ? -7.344  -6.991  -10.959 0.40 36.63 ? 121 LEU A CD1 1 
ATOM   983  C  CD2 A LEU A 1 101 ? -8.206  -5.889  -11.684 0.60 29.83 ? 121 LEU A CD2 1 
ATOM   984  C  CD2 B LEU A 1 101 ? -6.629  -5.087  -9.533  0.40 33.91 ? 121 LEU A CD2 1 
ATOM   985  N  N   . ARG A 1 102 ? -5.036  -2.732  -13.607 1.00 35.46 ? 122 ARG A N   1 
ATOM   986  C  CA  . ARG A 1 102 ? -5.001  -1.272  -13.725 1.00 37.33 ? 122 ARG A CA  1 
ATOM   987  C  C   . ARG A 1 102 ? -5.343  -0.774  -15.120 1.00 38.38 ? 122 ARG A C   1 
ATOM   988  O  O   . ARG A 1 102 ? -6.433  -0.225  -15.306 1.00 40.16 ? 122 ARG A O   1 
ATOM   989  C  CB  . ARG A 1 102 ? -3.663  -0.729  -13.250 1.00 37.10 ? 122 ARG A CB  1 
ATOM   990  C  CG  . ARG A 1 102 ? -3.411  -1.117  -11.789 1.00 38.10 ? 122 ARG A CG  1 
ATOM   991  C  CD  . ARG A 1 102 ? -1.948  -0.987  -11.432 1.00 40.98 ? 122 ARG A CD  1 
ATOM   992  N  NE  . ARG A 1 102 ? -1.535  0.411   -11.408 1.00 40.10 ? 122 ARG A NE  1 
ATOM   993  C  CZ  . ARG A 1 102 ? -1.820  1.252   -10.417 1.00 42.49 ? 122 ARG A CZ  1 
ATOM   994  N  NH1 . ARG A 1 102 ? -2.514  0.846   -9.348  1.00 42.28 ? 122 ARG A NH1 1 
ATOM   995  N  NH2 . ARG A 1 102 ? -1.403  2.510   -10.488 1.00 43.32 ? 122 ARG A NH2 1 
HETATM 996  CL CL  . CL  B 2 .   ? 10.071  1.285   -2.511  1.00 23.69 ? 301 CL  A CL  1 
HETATM 997  O  O   . HOH C 3 .   ? 4.224   -4.315  -1.745  1.00 15.55 ? 302 HOH A O   1 
HETATM 998  O  O   . HOH C 3 .   ? 2.782   4.396   -3.688  1.00 20.36 ? 303 HOH A O   1 
HETATM 999  O  O   . HOH C 3 .   ? -14.311 -8.655  5.592   1.00 21.37 ? 304 HOH A O   1 
HETATM 1000 O  O   . HOH C 3 .   ? 5.905   -4.545  -3.934  1.00 16.88 ? 305 HOH A O   1 
HETATM 1001 O  O   . HOH C 3 .   ? 7.291   -3.620  5.080   1.00 21.31 ? 306 HOH A O   1 
HETATM 1002 O  O   . HOH C 3 .   ? 9.434   -2.419  -15.735 1.00 24.25 ? 307 HOH A O   1 
HETATM 1003 O  O   . HOH C 3 .   ? 3.131   5.261   10.022  1.00 18.89 ? 308 HOH A O   1 
HETATM 1004 O  O   . HOH C 3 .   ? 0.627   -9.117  -9.044  1.00 17.67 ? 309 HOH A O   1 
HETATM 1005 O  O   . HOH C 3 .   ? 3.048   3.075   7.741   1.00 20.53 ? 310 HOH A O   1 
HETATM 1006 O  O   . HOH C 3 .   ? -13.930 0.291   10.334  1.00 19.17 ? 311 HOH A O   1 
HETATM 1007 O  O   . HOH C 3 .   ? -10.013 5.113   11.866  1.00 21.58 ? 312 HOH A O   1 
HETATM 1008 O  O   . HOH C 3 .   ? 7.473   -11.357 -8.737  1.00 23.77 ? 313 HOH A O   1 
HETATM 1009 O  O   . HOH C 3 .   ? 7.249   6.783   2.266   1.00 20.41 ? 314 HOH A O   1 
HETATM 1010 O  O   . HOH C 3 .   ? 6.727   -0.796  -15.980 1.00 25.08 ? 315 HOH A O   1 
HETATM 1011 O  O   . HOH C 3 .   ? -5.768  -12.370 4.363   1.00 25.46 ? 316 HOH A O   1 
HETATM 1012 O  O   . HOH C 3 .   ? -3.352  -6.592  -8.885  1.00 20.15 ? 317 HOH A O   1 
HETATM 1013 O  O   . HOH C 3 .   ? 8.064   11.562  3.074   1.00 23.00 ? 318 HOH A O   1 
HETATM 1014 O  O   . HOH C 3 .   ? 6.819   -10.917 -3.695  1.00 25.24 ? 319 HOH A O   1 
HETATM 1015 O  O   . HOH C 3 .   ? -0.001  -11.785 -8.672  1.00 21.52 ? 320 HOH A O   1 
HETATM 1016 O  O   . HOH C 3 .   ? -4.976  9.461   13.011  1.00 27.52 ? 321 HOH A O   1 
HETATM 1017 O  O   . HOH C 3 .   ? 5.923   -0.963  6.391   1.00 23.12 ? 322 HOH A O   1 
HETATM 1018 O  O   . HOH C 3 .   ? -15.482 -6.841  7.659   1.00 29.02 ? 323 HOH A O   1 
HETATM 1019 O  O   . HOH C 3 .   ? -16.576 9.833   7.356   1.00 24.09 ? 324 HOH A O   1 
HETATM 1020 O  O   . HOH C 3 .   ? -17.042 -5.958  14.445  1.00 27.85 ? 325 HOH A O   1 
HETATM 1021 O  O   . HOH C 3 .   ? -12.967 4.798   11.278  1.00 26.66 ? 326 HOH A O   1 
HETATM 1022 O  O   . HOH C 3 .   ? -3.983  -15.222 -3.630  1.00 26.45 ? 327 HOH A O   1 
HETATM 1023 O  O   . HOH C 3 .   ? -2.534  -1.149  -17.368 1.00 35.54 ? 328 HOH A O   1 
HETATM 1024 O  O   . HOH C 3 .   ? -7.839  -1.724  12.516  1.00 27.68 ? 329 HOH A O   1 
HETATM 1025 O  O   . HOH C 3 .   ? 9.765   12.450  5.382   1.00 25.48 ? 330 HOH A O   1 
HETATM 1026 O  O   . HOH C 3 .   ? -10.348 -7.159  0.209   1.00 25.35 ? 331 HOH A O   1 
HETATM 1027 O  O   . HOH C 3 .   ? -7.161  6.798   -0.728  1.00 33.28 ? 332 HOH A O   1 
HETATM 1028 O  O   A HOH C 3 .   ? 8.051   -18.098 -5.930  0.60 22.79 ? 333 HOH A O   1 
HETATM 1029 O  O   B HOH C 3 .   ? 12.001  -16.327 -6.407  0.40 31.23 ? 333 HOH A O   1 
HETATM 1030 O  O   . HOH C 3 .   ? 10.453  -4.973  -16.718 1.00 29.91 ? 334 HOH A O   1 
HETATM 1031 O  O   . HOH C 3 .   ? 9.260   -10.625 -16.695 1.00 33.57 ? 335 HOH A O   1 
HETATM 1032 O  O   . HOH C 3 .   ? -13.745 -5.765  -3.852  1.00 32.22 ? 336 HOH A O   1 
HETATM 1033 O  O   . HOH C 3 .   ? 5.267   8.186   -2.185  1.00 29.29 ? 337 HOH A O   1 
HETATM 1034 O  O   . HOH C 3 .   ? 4.868   -0.600  8.987   1.00 34.74 ? 338 HOH A O   1 
HETATM 1035 O  O   . HOH C 3 .   ? 0.530   15.073  8.219   1.00 30.87 ? 339 HOH A O   1 
HETATM 1036 O  O   . HOH C 3 .   ? -9.319  4.602   14.594  1.00 35.73 ? 340 HOH A O   1 
HETATM 1037 O  O   . HOH C 3 .   ? -7.666  8.851   14.073  1.00 41.66 ? 341 HOH A O   1 
HETATM 1038 O  O   . HOH C 3 .   ? 5.645   1.446   -6.107  1.00 32.30 ? 342 HOH A O   1 
HETATM 1039 O  O   . HOH C 3 .   ? 8.832   2.218   -5.031  1.00 29.91 ? 343 HOH A O   1 
HETATM 1040 O  O   . HOH C 3 .   ? 8.957   -9.238  -7.767  1.00 34.03 ? 344 HOH A O   1 
HETATM 1041 O  O   . HOH C 3 .   ? 0.141   0.082   -6.827  1.00 29.05 ? 345 HOH A O   1 
HETATM 1042 O  O   . HOH C 3 .   ? -5.307  -6.521  11.752  1.00 36.75 ? 346 HOH A O   1 
HETATM 1043 O  O   . HOH C 3 .   ? -1.606  -16.919 -2.758  1.00 36.21 ? 347 HOH A O   1 
HETATM 1044 O  O   . HOH C 3 .   ? -2.340  20.827  2.558   1.00 41.40 ? 348 HOH A O   1 
HETATM 1045 O  O   . HOH C 3 .   ? 1.599   -7.062  8.623   1.00 33.48 ? 349 HOH A O   1 
HETATM 1046 O  O   . HOH C 3 .   ? -6.691  4.277   -1.467  1.00 34.30 ? 350 HOH A O   1 
HETATM 1047 O  O   . HOH C 3 .   ? -9.830  -2.768  14.306  1.00 30.01 ? 351 HOH A O   1 
HETATM 1048 O  O   . HOH C 3 .   ? -3.260  -4.201  -9.787  1.00 32.73 ? 352 HOH A O   1 
HETATM 1049 O  O   . HOH C 3 .   ? -18.724 -6.559  12.105  1.00 36.01 ? 353 HOH A O   1 
HETATM 1050 O  O   . HOH C 3 .   ? -3.466  -14.276 -8.880  1.00 34.66 ? 354 HOH A O   1 
HETATM 1051 O  O   . HOH C 3 .   ? -5.120  -9.256  -12.766 1.00 36.98 ? 355 HOH A O   1 
HETATM 1052 O  O   . HOH C 3 .   ? 7.429   -12.216 -1.486  1.00 30.76 ? 356 HOH A O   1 
HETATM 1053 O  O   . HOH C 3 .   ? -1.514  -19.392 -3.941  1.00 41.77 ? 357 HOH A O   1 
HETATM 1054 O  O   . HOH C 3 .   ? -8.365  -13.249 4.935   1.00 38.15 ? 358 HOH A O   1 
HETATM 1055 O  O   . HOH C 3 .   ? -3.281  0.308   11.939  1.00 39.59 ? 359 HOH A O   1 
HETATM 1056 O  O   . HOH C 3 .   ? -1.365  6.465   -4.214  1.00 33.62 ? 360 HOH A O   1 
HETATM 1057 O  O   . HOH C 3 .   ? 3.640   21.886  -0.512  1.00 45.43 ? 361 HOH A O   1 
HETATM 1058 O  O   . HOH C 3 .   ? -10.696 -9.809  0.207   1.00 31.93 ? 362 HOH A O   1 
HETATM 1059 O  O   . HOH C 3 .   ? -4.207  -14.105 2.820   1.00 39.74 ? 363 HOH A O   1 
HETATM 1060 O  O   . HOH C 3 .   ? -3.810  12.166  13.216  1.00 40.73 ? 364 HOH A O   1 
HETATM 1061 O  O   . HOH C 3 .   ? -4.363  -8.307  -21.083 0.33 20.71 ? 365 HOH A O   1 
HETATM 1062 O  O   . HOH C 3 .   ? 9.337   -8.949  -19.029 0.33 28.41 ? 366 HOH A O   1 
HETATM 1063 O  O   . HOH C 3 .   ? -8.924  -11.944 1.786   1.00 37.29 ? 367 HOH A O   1 
HETATM 1064 O  O   . HOH C 3 .   ? -2.194  -1.304  -6.037  1.00 32.35 ? 368 HOH A O   1 
HETATM 1065 O  O   . HOH C 3 .   ? 5.230   6.091   7.957   1.00 31.98 ? 369 HOH A O   1 
HETATM 1066 O  O   . HOH C 3 .   ? -5.979  14.827  8.855   1.00 32.43 ? 370 HOH A O   1 
HETATM 1067 O  O   . HOH C 3 .   ? -16.244 -6.885  -2.397  1.00 45.79 ? 371 HOH A O   1 
HETATM 1068 O  O   . HOH C 3 .   ? -4.120  3.032   11.915  1.00 37.56 ? 372 HOH A O   1 
HETATM 1069 O  O   . HOH C 3 .   ? -0.575  2.878   -6.468  1.00 40.90 ? 373 HOH A O   1 
HETATM 1070 O  O   . HOH C 3 .   ? 10.026  -12.443 -1.189  1.00 36.62 ? 374 HOH A O   1 
HETATM 1071 O  O   . HOH C 3 .   ? 8.706   -18.402 -13.089 1.00 47.94 ? 375 HOH A O   1 
HETATM 1072 O  O   . HOH C 3 .   ? -3.496  -1.850  -8.295  1.00 41.23 ? 376 HOH A O   1 
HETATM 1073 O  O   B HOH C 3 .   ? 10.725  -2.864  -10.109 0.50 31.86 ? 377 HOH A O   1 
HETATM 1074 O  O   B HOH C 3 .   ? -2.295  -15.698 5.795   0.40 27.45 ? 378 HOH A O   1 
HETATM 1075 O  O   . HOH C 3 .   ? 2.264   -10.458 5.130   1.00 24.86 ? 379 HOH A O   1 
HETATM 1076 O  O   . HOH C 3 .   ? 0.791   -9.590  7.560   1.00 28.18 ? 380 HOH A O   1 
HETATM 1077 O  O   . HOH C 3 .   ? 2.540   -12.775 3.739   1.00 29.83 ? 381 HOH A O   1 
HETATM 1078 O  O   . HOH C 3 .   ? 12.025  -7.790  4.270   1.00 33.92 ? 382 HOH A O   1 
HETATM 1079 O  O   . HOH C 3 .   ? -6.544  0.235   13.554  1.00 42.95 ? 383 HOH A O   1 
HETATM 1080 O  O   . HOH C 3 .   ? 6.984   -16.115 -0.183  1.00 33.20 ? 384 HOH A O   1 
HETATM 1081 O  O   . HOH C 3 .   ? 17.645  -12.243 2.177   1.00 38.81 ? 385 HOH A O   1 
HETATM 1082 O  O   . HOH C 3 .   ? -7.233  -6.167  8.394   1.00 37.29 ? 386 HOH A O   1 
HETATM 1083 O  O   . HOH C 3 .   ? -13.378 -4.916  13.131  1.00 44.76 ? 387 HOH A O   1 
HETATM 1084 O  O   . HOH C 3 .   ? -9.461  -11.108 -1.838  1.00 38.55 ? 388 HOH A O   1 
HETATM 1085 O  O   . HOH C 3 .   ? -9.960  6.548   -1.519  1.00 40.53 ? 389 HOH A O   1 
HETATM 1086 O  O   . HOH C 3 .   ? -6.208  2.712   13.828  1.00 45.72 ? 390 HOH A O   1 
HETATM 1087 O  O   . HOH C 3 .   ? 6.125   10.080  -4.069  1.00 48.03 ? 391 HOH A O   1 
HETATM 1088 O  O   . HOH C 3 .   ? 12.408  -9.092  -18.568 0.33 46.18 ? 392 HOH A O   1 
HETATM 1089 O  O   . HOH C 3 .   ? 6.957   -9.198  3.748   1.00 30.47 ? 393 HOH A O   1 
HETATM 1090 O  O   . HOH C 3 .   ? 16.074  -9.621  3.342   1.00 38.08 ? 394 HOH A O   1 
HETATM 1091 O  O   A HOH C 3 .   ? -10.128 2.652   -2.158  0.60 52.42 ? 395 HOH A O   1 
HETATM 1092 O  O   B HOH C 3 .   ? -12.438 -1.441  3.212   0.40 25.99 ? 395 HOH A O   1 
HETATM 1093 O  O   . HOH C 3 .   ? 4.828   -13.243 2.588   1.00 42.53 ? 396 HOH A O   1 
HETATM 1094 O  O   . HOH C 3 .   ? 5.955   27.428  4.066   1.00 43.83 ? 397 HOH A O   1 
HETATM 1095 O  O   . HOH C 3 .   ? 11.439  -11.712 -6.952  1.00 39.23 ? 398 HOH A O   1 
HETATM 1096 O  O   . HOH C 3 .   ? 4.328   -15.661 1.743   1.00 42.50 ? 399 HOH A O   1 
HETATM 1097 O  O   . HOH C 3 .   ? 4.471   1.842   12.865  1.00 44.52 ? 400 HOH A O   1 
HETATM 1098 O  O   . HOH C 3 .   ? -13.128 -2.139  -3.614  1.00 48.32 ? 401 HOH A O   1 
HETATM 1099 O  O   . HOH C 3 .   ? 5.349   15.007  -2.417  1.00 45.11 ? 402 HOH A O   1 
HETATM 1100 O  O   . HOH C 3 .   ? -7.787  14.743  11.073  1.00 42.45 ? 403 HOH A O   1 
HETATM 1101 O  O   . HOH C 3 .   ? 3.313   15.431  -3.650  1.00 44.99 ? 404 HOH A O   1 
HETATM 1102 O  O   . HOH C 3 .   ? -2.142  23.065  9.180   1.00 49.74 ? 405 HOH A O   1 
HETATM 1103 O  O   . HOH C 3 .   ? 10.770  -8.471  -9.437  1.00 46.53 ? 406 HOH A O   1 
HETATM 1104 O  O   . HOH C 3 .   ? 6.725   -12.000 1.952   1.00 54.18 ? 407 HOH A O   1 
HETATM 1105 O  O   . HOH C 3 .   ? -10.399 -12.463 -6.518  1.00 46.70 ? 408 HOH A O   1 
HETATM 1106 O  O   . HOH C 3 .   ? -2.589  5.751   13.113  1.00 47.60 ? 409 HOH A O   1 
HETATM 1107 O  O   . HOH C 3 .   ? 6.625   -20.081 -7.504  1.00 38.02 ? 410 HOH A O   1 
# 
